data_3S63
# 
_entry.id   3S63 
# 
_audit_conform.dict_name       mmcif_pdbx.dic 
_audit_conform.dict_version    5.397 
_audit_conform.dict_location   http://mmcif.pdb.org/dictionaries/ascii/mmcif_pdbx.dic 
# 
loop_
_database_2.database_id 
_database_2.database_code 
_database_2.pdbx_database_accession 
_database_2.pdbx_DOI 
PDB   3S63         pdb_00003s63 10.2210/pdb3s63/pdb 
RCSB  RCSB065807   ?            ?                   
WWPDB D_1000065807 ?            ?                   
# 
loop_
_pdbx_audit_revision_history.ordinal 
_pdbx_audit_revision_history.data_content_type 
_pdbx_audit_revision_history.major_revision 
_pdbx_audit_revision_history.minor_revision 
_pdbx_audit_revision_history.revision_date 
1 'Structure model' 1 0 2012-01-18 
2 'Structure model' 1 1 2024-10-30 
# 
_pdbx_audit_revision_details.ordinal             1 
_pdbx_audit_revision_details.revision_ordinal    1 
_pdbx_audit_revision_details.data_content_type   'Structure model' 
_pdbx_audit_revision_details.provider            repository 
_pdbx_audit_revision_details.type                'Initial release' 
_pdbx_audit_revision_details.description         ? 
_pdbx_audit_revision_details.details             ? 
# 
loop_
_pdbx_audit_revision_group.ordinal 
_pdbx_audit_revision_group.revision_ordinal 
_pdbx_audit_revision_group.data_content_type 
_pdbx_audit_revision_group.group 
1 2 'Structure model' 'Data collection'     
2 2 'Structure model' 'Database references' 
3 2 'Structure model' 'Structure summary'   
# 
loop_
_pdbx_audit_revision_category.ordinal 
_pdbx_audit_revision_category.revision_ordinal 
_pdbx_audit_revision_category.data_content_type 
_pdbx_audit_revision_category.category 
1 2 'Structure model' chem_comp_atom            
2 2 'Structure model' chem_comp_bond            
3 2 'Structure model' database_2                
4 2 'Structure model' pdbx_entry_details        
5 2 'Structure model' pdbx_modification_feature 
# 
loop_
_pdbx_audit_revision_item.ordinal 
_pdbx_audit_revision_item.revision_ordinal 
_pdbx_audit_revision_item.data_content_type 
_pdbx_audit_revision_item.item 
1 2 'Structure model' '_database_2.pdbx_DOI'                         
2 2 'Structure model' '_database_2.pdbx_database_accession'          
3 2 'Structure model' '_pdbx_entry_details.has_protein_modification' 
# 
_pdbx_database_status.status_code                     REL 
_pdbx_database_status.entry_id                        3S63 
_pdbx_database_status.recvd_initial_deposition_date   2011-05-24 
_pdbx_database_status.deposit_site                    RCSB 
_pdbx_database_status.process_site                    PDBJ 
_pdbx_database_status.status_code_sf                  REL 
_pdbx_database_status.status_code_mr                  ? 
_pdbx_database_status.SG_entry                        ? 
_pdbx_database_status.status_code_cs                  ? 
_pdbx_database_status.pdb_format_compatible           Y 
_pdbx_database_status.status_code_nmr_data            ? 
_pdbx_database_status.methods_development_category    ? 
# 
_pdbx_database_related.db_name        PDB 
_pdbx_database_related.db_id          3S64 
_pdbx_database_related.details        . 
_pdbx_database_related.content_type   unspecified 
# 
loop_
_audit_author.name 
_audit_author.pdbx_ordinal 
'Willis, C.'             1  
'Wang, C.K.'             2  
'Osman, A.'              3  
'Simon, A.'              4  
'Mulvenna, J.'           5  
'Pickering, D.'          6  
'Riboldi-Tunicliffe, A.' 7  
'Jones, M.K.'            8  
'Loukas, A.'             9  
'Hofmann, A.'            10 
# 
_citation.id                        primary 
_citation.title                     
'Insights into the membrane interactions of the saposin-like proteins Na-SLP-1 and Ac-SLP-1 from human and dog hookworm.' 
_citation.journal_abbrev            'Plos One' 
_citation.journal_volume            6 
_citation.page_first                e25369 
_citation.page_last                 e25369 
_citation.year                      2011 
_citation.journal_id_ASTM           ? 
_citation.country                   US 
_citation.journal_id_ISSN           1932-6203 
_citation.journal_id_CSD            ? 
_citation.book_publisher            ? 
_citation.pdbx_database_id_PubMed   21991310 
_citation.pdbx_database_id_DOI      10.1371/journal.pone.0025369 
# 
loop_
_citation_author.citation_id 
_citation_author.name 
_citation_author.ordinal 
_citation_author.identifier_ORCID 
primary 'Willis, C.'             1  ? 
primary 'Wang, C.K.'             2  ? 
primary 'Osman, A.'              3  ? 
primary 'Simon, A.'              4  ? 
primary 'Pickering, D.'          5  ? 
primary 'Mulvenna, J.'           6  ? 
primary 'Riboldi-Tunicliffe, A.' 7  ? 
primary 'Jones, M.K.'            8  ? 
primary 'Loukas, A.'             9  ? 
primary 'Hofmann, A.'            10 ? 
# 
loop_
_entity.id 
_entity.type 
_entity.src_method 
_entity.pdbx_description 
_entity.formula_weight 
_entity.pdbx_number_of_molecules 
_entity.pdbx_ec 
_entity.pdbx_mutation 
_entity.pdbx_fragment 
_entity.details 
1 polymer man 'Saposin-like protein' 13565.567 2  ? ? ? ? 
2 water   nat water                  18.015    39 ? ? ? ? 
# 
_entity_name_com.entity_id   1 
_entity_name_com.name        Na-SLP-1 
# 
_entity_poly.entity_id                      1 
_entity_poly.type                           'polypeptide(L)' 
_entity_poly.nstd_linkage                   no 
_entity_poly.nstd_monomer                   no 
_entity_poly.pdbx_seq_one_letter_code       
;LTPKETCDLCQIALRTVFGHFGGNIPSRRKLVHQLKHECKRHFNYRRRCLLLMKVNSDLIFREMTDGSFKPMEVCLIMRE
CNPHDSPLEPEMIDKSGQPEAFALVSSSDDNYDTSEE
;
_entity_poly.pdbx_seq_one_letter_code_can   
;LTPKETCDLCQIALRTVFGHFGGNIPSRRKLVHQLKHECKRHFNYRRRCLLLMKVNSDLIFREMTDGSFKPMEVCLIMRE
CNPHDSPLEPEMIDKSGQPEAFALVSSSDDNYDTSEE
;
_entity_poly.pdbx_strand_id                 A,B 
_entity_poly.pdbx_target_identifier         ? 
# 
_pdbx_entity_nonpoly.entity_id   2 
_pdbx_entity_nonpoly.name        water 
_pdbx_entity_nonpoly.comp_id     HOH 
# 
loop_
_entity_poly_seq.entity_id 
_entity_poly_seq.num 
_entity_poly_seq.mon_id 
_entity_poly_seq.hetero 
1 1   LEU n 
1 2   THR n 
1 3   PRO n 
1 4   LYS n 
1 5   GLU n 
1 6   THR n 
1 7   CYS n 
1 8   ASP n 
1 9   LEU n 
1 10  CYS n 
1 11  GLN n 
1 12  ILE n 
1 13  ALA n 
1 14  LEU n 
1 15  ARG n 
1 16  THR n 
1 17  VAL n 
1 18  PHE n 
1 19  GLY n 
1 20  HIS n 
1 21  PHE n 
1 22  GLY n 
1 23  GLY n 
1 24  ASN n 
1 25  ILE n 
1 26  PRO n 
1 27  SER n 
1 28  ARG n 
1 29  ARG n 
1 30  LYS n 
1 31  LEU n 
1 32  VAL n 
1 33  HIS n 
1 34  GLN n 
1 35  LEU n 
1 36  LYS n 
1 37  HIS n 
1 38  GLU n 
1 39  CYS n 
1 40  LYS n 
1 41  ARG n 
1 42  HIS n 
1 43  PHE n 
1 44  ASN n 
1 45  TYR n 
1 46  ARG n 
1 47  ARG n 
1 48  ARG n 
1 49  CYS n 
1 50  LEU n 
1 51  LEU n 
1 52  LEU n 
1 53  MET n 
1 54  LYS n 
1 55  VAL n 
1 56  ASN n 
1 57  SER n 
1 58  ASP n 
1 59  LEU n 
1 60  ILE n 
1 61  PHE n 
1 62  ARG n 
1 63  GLU n 
1 64  MET n 
1 65  THR n 
1 66  ASP n 
1 67  GLY n 
1 68  SER n 
1 69  PHE n 
1 70  LYS n 
1 71  PRO n 
1 72  MET n 
1 73  GLU n 
1 74  VAL n 
1 75  CYS n 
1 76  LEU n 
1 77  ILE n 
1 78  MET n 
1 79  ARG n 
1 80  GLU n 
1 81  CYS n 
1 82  ASN n 
1 83  PRO n 
1 84  HIS n 
1 85  ASP n 
1 86  SER n 
1 87  PRO n 
1 88  LEU n 
1 89  GLU n 
1 90  PRO n 
1 91  GLU n 
1 92  MET n 
1 93  ILE n 
1 94  ASP n 
1 95  LYS n 
1 96  SER n 
1 97  GLY n 
1 98  GLN n 
1 99  PRO n 
1 100 GLU n 
1 101 ALA n 
1 102 PHE n 
1 103 ALA n 
1 104 LEU n 
1 105 VAL n 
1 106 SER n 
1 107 SER n 
1 108 SER n 
1 109 ASP n 
1 110 ASP n 
1 111 ASN n 
1 112 TYR n 
1 113 ASP n 
1 114 THR n 
1 115 SER n 
1 116 GLU n 
1 117 GLU n 
# 
_entity_src_gen.entity_id                          1 
_entity_src_gen.pdbx_src_id                        1 
_entity_src_gen.pdbx_alt_source_flag               sample 
_entity_src_gen.pdbx_seq_type                      ? 
_entity_src_gen.pdbx_beg_seq_num                   ? 
_entity_src_gen.pdbx_end_seq_num                   ? 
_entity_src_gen.gene_src_common_name               ? 
_entity_src_gen.gene_src_genus                     ? 
_entity_src_gen.pdbx_gene_src_gene                 ? 
_entity_src_gen.gene_src_species                   ? 
_entity_src_gen.gene_src_strain                    ? 
_entity_src_gen.gene_src_tissue                    ? 
_entity_src_gen.gene_src_tissue_fraction           ? 
_entity_src_gen.gene_src_details                   ? 
_entity_src_gen.pdbx_gene_src_fragment             ? 
_entity_src_gen.pdbx_gene_src_scientific_name      'Necator americanus' 
_entity_src_gen.pdbx_gene_src_ncbi_taxonomy_id     51031 
_entity_src_gen.pdbx_gene_src_variant              ? 
_entity_src_gen.pdbx_gene_src_cell_line            ? 
_entity_src_gen.pdbx_gene_src_atcc                 ? 
_entity_src_gen.pdbx_gene_src_organ                ? 
_entity_src_gen.pdbx_gene_src_organelle            ? 
_entity_src_gen.pdbx_gene_src_cell                 ? 
_entity_src_gen.pdbx_gene_src_cellular_location    ? 
_entity_src_gen.host_org_common_name               ? 
_entity_src_gen.pdbx_host_org_scientific_name      'Pichia pastoris' 
_entity_src_gen.pdbx_host_org_ncbi_taxonomy_id     4922 
_entity_src_gen.host_org_genus                     ? 
_entity_src_gen.pdbx_host_org_gene                 ? 
_entity_src_gen.pdbx_host_org_organ                ? 
_entity_src_gen.host_org_species                   ? 
_entity_src_gen.pdbx_host_org_tissue               ? 
_entity_src_gen.pdbx_host_org_tissue_fraction      ? 
_entity_src_gen.pdbx_host_org_strain               ? 
_entity_src_gen.pdbx_host_org_variant              ? 
_entity_src_gen.pdbx_host_org_cell_line            ? 
_entity_src_gen.pdbx_host_org_atcc                 ? 
_entity_src_gen.pdbx_host_org_culture_collection   ? 
_entity_src_gen.pdbx_host_org_cell                 ? 
_entity_src_gen.pdbx_host_org_organelle            ? 
_entity_src_gen.pdbx_host_org_cellular_location    ? 
_entity_src_gen.pdbx_host_org_vector_type          ? 
_entity_src_gen.pdbx_host_org_vector               ? 
_entity_src_gen.host_org_details                   ? 
_entity_src_gen.expression_system_id               ? 
_entity_src_gen.plasmid_name                       ? 
_entity_src_gen.plasmid_details                    ? 
_entity_src_gen.pdbx_description                   ? 
# 
loop_
_chem_comp.id 
_chem_comp.type 
_chem_comp.mon_nstd_flag 
_chem_comp.name 
_chem_comp.pdbx_synonyms 
_chem_comp.formula 
_chem_comp.formula_weight 
ALA 'L-peptide linking' y ALANINE         ? 'C3 H7 N O2'     89.093  
ARG 'L-peptide linking' y ARGININE        ? 'C6 H15 N4 O2 1' 175.209 
ASN 'L-peptide linking' y ASPARAGINE      ? 'C4 H8 N2 O3'    132.118 
ASP 'L-peptide linking' y 'ASPARTIC ACID' ? 'C4 H7 N O4'     133.103 
CYS 'L-peptide linking' y CYSTEINE        ? 'C3 H7 N O2 S'   121.158 
GLN 'L-peptide linking' y GLUTAMINE       ? 'C5 H10 N2 O3'   146.144 
GLU 'L-peptide linking' y 'GLUTAMIC ACID' ? 'C5 H9 N O4'     147.129 
GLY 'peptide linking'   y GLYCINE         ? 'C2 H5 N O2'     75.067  
HIS 'L-peptide linking' y HISTIDINE       ? 'C6 H10 N3 O2 1' 156.162 
HOH non-polymer         . WATER           ? 'H2 O'           18.015  
ILE 'L-peptide linking' y ISOLEUCINE      ? 'C6 H13 N O2'    131.173 
LEU 'L-peptide linking' y LEUCINE         ? 'C6 H13 N O2'    131.173 
LYS 'L-peptide linking' y LYSINE          ? 'C6 H15 N2 O2 1' 147.195 
MET 'L-peptide linking' y METHIONINE      ? 'C5 H11 N O2 S'  149.211 
PHE 'L-peptide linking' y PHENYLALANINE   ? 'C9 H11 N O2'    165.189 
PRO 'L-peptide linking' y PROLINE         ? 'C5 H9 N O2'     115.130 
SER 'L-peptide linking' y SERINE          ? 'C3 H7 N O3'     105.093 
THR 'L-peptide linking' y THREONINE       ? 'C4 H9 N O3'     119.119 
TYR 'L-peptide linking' y TYROSINE        ? 'C9 H11 N O3'    181.189 
VAL 'L-peptide linking' y VALINE          ? 'C5 H11 N O2'    117.146 
# 
loop_
_pdbx_poly_seq_scheme.asym_id 
_pdbx_poly_seq_scheme.entity_id 
_pdbx_poly_seq_scheme.seq_id 
_pdbx_poly_seq_scheme.mon_id 
_pdbx_poly_seq_scheme.ndb_seq_num 
_pdbx_poly_seq_scheme.pdb_seq_num 
_pdbx_poly_seq_scheme.auth_seq_num 
_pdbx_poly_seq_scheme.pdb_mon_id 
_pdbx_poly_seq_scheme.auth_mon_id 
_pdbx_poly_seq_scheme.pdb_strand_id 
_pdbx_poly_seq_scheme.pdb_ins_code 
_pdbx_poly_seq_scheme.hetero 
A 1 1   LEU 1   1   1  LEU LEU A . n 
A 1 2   THR 2   2   2  THR THR A . n 
A 1 3   PRO 3   3   3  PRO PRO A . n 
A 1 4   LYS 4   4   4  LYS LYS A . n 
A 1 5   GLU 5   5   5  GLU GLU A . n 
A 1 6   THR 6   6   6  THR THR A . n 
A 1 7   CYS 7   7   7  CYS CYS A . n 
A 1 8   ASP 8   8   8  ASP ASP A . n 
A 1 9   LEU 9   9   9  LEU LEU A . n 
A 1 10  CYS 10  10  10 CYS CYS A . n 
A 1 11  GLN 11  11  11 GLN GLN A . n 
A 1 12  ILE 12  12  12 ILE ILE A . n 
A 1 13  ALA 13  13  13 ALA ALA A . n 
A 1 14  LEU 14  14  14 LEU LEU A . n 
A 1 15  ARG 15  15  15 ARG ARG A . n 
A 1 16  THR 16  16  16 THR THR A . n 
A 1 17  VAL 17  17  17 VAL VAL A . n 
A 1 18  PHE 18  18  18 PHE PHE A . n 
A 1 19  GLY 19  19  19 GLY GLY A . n 
A 1 20  HIS 20  20  20 HIS HIS A . n 
A 1 21  PHE 21  21  21 PHE PHE A . n 
A 1 22  GLY 22  22  22 GLY GLY A . n 
A 1 23  GLY 23  23  23 GLY GLY A . n 
A 1 24  ASN 24  24  24 ASN ASN A . n 
A 1 25  ILE 25  25  25 ILE ILE A . n 
A 1 26  PRO 26  26  26 PRO PRO A . n 
A 1 27  SER 27  27  27 SER SER A . n 
A 1 28  ARG 28  28  28 ARG ARG A . n 
A 1 29  ARG 29  29  29 ARG ALA A . n 
A 1 30  LYS 30  30  30 LYS LYS A . n 
A 1 31  LEU 31  31  31 LEU LEU A . n 
A 1 32  VAL 32  32  32 VAL VAL A . n 
A 1 33  HIS 33  33  33 HIS ALA A . n 
A 1 34  GLN 34  34  34 GLN GLN A . n 
A 1 35  LEU 35  35  35 LEU LEU A . n 
A 1 36  LYS 36  36  36 LYS LYS A . n 
A 1 37  HIS 37  37  37 HIS HIS A . n 
A 1 38  GLU 38  38  38 GLU GLU A . n 
A 1 39  CYS 39  39  39 CYS CYS A . n 
A 1 40  LYS 40  40  40 LYS LYS A . n 
A 1 41  ARG 41  41  41 ARG ARG A . n 
A 1 42  HIS 42  42  42 HIS HIS A . n 
A 1 43  PHE 43  43  43 PHE ALA A . n 
A 1 44  ASN 44  44  44 ASN ASN A . n 
A 1 45  TYR 45  45  45 TYR TYR A . n 
A 1 46  ARG 46  46  46 ARG ARG A . n 
A 1 47  ARG 47  47  47 ARG ARG A . n 
A 1 48  ARG 48  48  48 ARG ARG A . n 
A 1 49  CYS 49  49  49 CYS CYS A . n 
A 1 50  LEU 50  50  50 LEU LEU A . n 
A 1 51  LEU 51  51  51 LEU LEU A . n 
A 1 52  LEU 52  52  52 LEU LEU A . n 
A 1 53  MET 53  53  53 MET MET A . n 
A 1 54  LYS 54  54  54 LYS LYS A . n 
A 1 55  VAL 55  55  55 VAL VAL A . n 
A 1 56  ASN 56  56  56 ASN ASN A . n 
A 1 57  SER 57  57  57 SER SER A . n 
A 1 58  ASP 58  58  58 ASP ASP A . n 
A 1 59  LEU 59  59  59 LEU LEU A . n 
A 1 60  ILE 60  60  60 ILE ILE A . n 
A 1 61  PHE 61  61  61 PHE PHE A . n 
A 1 62  ARG 62  62  62 ARG ARG A . n 
A 1 63  GLU 63  63  63 GLU GLU A . n 
A 1 64  MET 64  64  64 MET MET A . n 
A 1 65  THR 65  65  65 THR THR A . n 
A 1 66  ASP 66  66  66 ASP ASP A . n 
A 1 67  GLY 67  67  67 GLY GLY A . n 
A 1 68  SER 68  68  68 SER SER A . n 
A 1 69  PHE 69  69  69 PHE PHE A . n 
A 1 70  LYS 70  70  70 LYS LYS A . n 
A 1 71  PRO 71  71  71 PRO PRO A . n 
A 1 72  MET 72  72  72 MET MET A . n 
A 1 73  GLU 73  73  73 GLU GLU A . n 
A 1 74  VAL 74  74  74 VAL VAL A . n 
A 1 75  CYS 75  75  75 CYS CYS A . n 
A 1 76  LEU 76  76  76 LEU LEU A . n 
A 1 77  ILE 77  77  77 ILE ILE A . n 
A 1 78  MET 78  78  78 MET MET A . n 
A 1 79  ARG 79  79  79 ARG ALA A . n 
A 1 80  GLU 80  80  80 GLU GLU A . n 
A 1 81  CYS 81  81  81 CYS CYS A . n 
A 1 82  ASN 82  82  82 ASN ALA A . n 
A 1 83  PRO 83  83  83 PRO PRO A . n 
A 1 84  HIS 84  84  84 HIS ALA A . n 
A 1 85  ASP 85  85  85 ASP ASP A . n 
A 1 86  SER 86  86  86 SER SER A . n 
A 1 87  PRO 87  87  87 PRO PRO A . n 
A 1 88  LEU 88  88  88 LEU ALA A . n 
A 1 89  GLU 89  89  ?  ?   ?   A . n 
A 1 90  PRO 90  90  ?  ?   ?   A . n 
A 1 91  GLU 91  91  ?  ?   ?   A . n 
A 1 92  MET 92  92  ?  ?   ?   A . n 
A 1 93  ILE 93  93  ?  ?   ?   A . n 
A 1 94  ASP 94  94  ?  ?   ?   A . n 
A 1 95  LYS 95  95  ?  ?   ?   A . n 
A 1 96  SER 96  96  ?  ?   ?   A . n 
A 1 97  GLY 97  97  ?  ?   ?   A . n 
A 1 98  GLN 98  98  ?  ?   ?   A . n 
A 1 99  PRO 99  99  ?  ?   ?   A . n 
A 1 100 GLU 100 100 ?  ?   ?   A . n 
A 1 101 ALA 101 101 ?  ?   ?   A . n 
A 1 102 PHE 102 102 ?  ?   ?   A . n 
A 1 103 ALA 103 103 ?  ?   ?   A . n 
A 1 104 LEU 104 104 ?  ?   ?   A . n 
A 1 105 VAL 105 105 ?  ?   ?   A . n 
A 1 106 SER 106 106 ?  ?   ?   A . n 
A 1 107 SER 107 107 ?  ?   ?   A . n 
A 1 108 SER 108 108 ?  ?   ?   A . n 
A 1 109 ASP 109 109 ?  ?   ?   A . n 
A 1 110 ASP 110 110 ?  ?   ?   A . n 
A 1 111 ASN 111 111 ?  ?   ?   A . n 
A 1 112 TYR 112 112 ?  ?   ?   A . n 
A 1 113 ASP 113 113 ?  ?   ?   A . n 
A 1 114 THR 114 114 ?  ?   ?   A . n 
A 1 115 SER 115 115 ?  ?   ?   A . n 
A 1 116 GLU 116 116 ?  ?   ?   A . n 
A 1 117 GLU 117 117 ?  ?   ?   A . n 
B 1 1   LEU 1   1   1  LEU LEU B . n 
B 1 2   THR 2   2   2  THR THR B . n 
B 1 3   PRO 3   3   3  PRO PRO B . n 
B 1 4   LYS 4   4   4  LYS LYS B . n 
B 1 5   GLU 5   5   5  GLU GLU B . n 
B 1 6   THR 6   6   6  THR THR B . n 
B 1 7   CYS 7   7   7  CYS CYS B . n 
B 1 8   ASP 8   8   8  ASP ASP B . n 
B 1 9   LEU 9   9   9  LEU LEU B . n 
B 1 10  CYS 10  10  10 CYS CYS B . n 
B 1 11  GLN 11  11  11 GLN GLN B . n 
B 1 12  ILE 12  12  12 ILE ILE B . n 
B 1 13  ALA 13  13  13 ALA ALA B . n 
B 1 14  LEU 14  14  14 LEU LEU B . n 
B 1 15  ARG 15  15  15 ARG ALA B . n 
B 1 16  THR 16  16  16 THR THR B . n 
B 1 17  VAL 17  17  17 VAL VAL B . n 
B 1 18  PHE 18  18  18 PHE PHE B . n 
B 1 19  GLY 19  19  19 GLY GLY B . n 
B 1 20  HIS 20  20  20 HIS HIS B . n 
B 1 21  PHE 21  21  21 PHE PHE B . n 
B 1 22  GLY 22  22  22 GLY GLY B . n 
B 1 23  GLY 23  23  23 GLY GLY B . n 
B 1 24  ASN 24  24  24 ASN ASN B . n 
B 1 25  ILE 25  25  25 ILE ILE B . n 
B 1 26  PRO 26  26  26 PRO PRO B . n 
B 1 27  SER 27  27  27 SER SER B . n 
B 1 28  ARG 28  28  28 ARG ARG B . n 
B 1 29  ARG 29  29  29 ARG ALA B . n 
B 1 30  LYS 30  30  30 LYS ALA B . n 
B 1 31  LEU 31  31  31 LEU LEU B . n 
B 1 32  VAL 32  32  32 VAL VAL B . n 
B 1 33  HIS 33  33  33 HIS ALA B . n 
B 1 34  GLN 34  34  34 GLN GLN B . n 
B 1 35  LEU 35  35  35 LEU LEU B . n 
B 1 36  LYS 36  36  36 LYS LYS B . n 
B 1 37  HIS 37  37  37 HIS HIS B . n 
B 1 38  GLU 38  38  38 GLU GLU B . n 
B 1 39  CYS 39  39  39 CYS CYS B . n 
B 1 40  LYS 40  40  40 LYS LYS B . n 
B 1 41  ARG 41  41  41 ARG ARG B . n 
B 1 42  HIS 42  42  42 HIS HIS B . n 
B 1 43  PHE 43  43  43 PHE PHE B . n 
B 1 44  ASN 44  44  44 ASN ASN B . n 
B 1 45  TYR 45  45  45 TYR TYR B . n 
B 1 46  ARG 46  46  46 ARG ARG B . n 
B 1 47  ARG 47  47  47 ARG ARG B . n 
B 1 48  ARG 48  48  48 ARG ARG B . n 
B 1 49  CYS 49  49  49 CYS CYS B . n 
B 1 50  LEU 50  50  50 LEU LEU B . n 
B 1 51  LEU 51  51  51 LEU LEU B . n 
B 1 52  LEU 52  52  52 LEU LEU B . n 
B 1 53  MET 53  53  53 MET MET B . n 
B 1 54  LYS 54  54  54 LYS LYS B . n 
B 1 55  VAL 55  55  55 VAL VAL B . n 
B 1 56  ASN 56  56  56 ASN ASN B . n 
B 1 57  SER 57  57  57 SER SER B . n 
B 1 58  ASP 58  58  58 ASP ASP B . n 
B 1 59  LEU 59  59  59 LEU LEU B . n 
B 1 60  ILE 60  60  60 ILE ILE B . n 
B 1 61  PHE 61  61  61 PHE PHE B . n 
B 1 62  ARG 62  62  62 ARG ARG B . n 
B 1 63  GLU 63  63  63 GLU GLU B . n 
B 1 64  MET 64  64  64 MET MET B . n 
B 1 65  THR 65  65  65 THR THR B . n 
B 1 66  ASP 66  66  66 ASP ASP B . n 
B 1 67  GLY 67  67  67 GLY GLY B . n 
B 1 68  SER 68  68  68 SER SER B . n 
B 1 69  PHE 69  69  69 PHE PHE B . n 
B 1 70  LYS 70  70  70 LYS LYS B . n 
B 1 71  PRO 71  71  71 PRO PRO B . n 
B 1 72  MET 72  72  72 MET MET B . n 
B 1 73  GLU 73  73  73 GLU GLU B . n 
B 1 74  VAL 74  74  74 VAL VAL B . n 
B 1 75  CYS 75  75  75 CYS CYS B . n 
B 1 76  LEU 76  76  76 LEU LEU B . n 
B 1 77  ILE 77  77  77 ILE ILE B . n 
B 1 78  MET 78  78  78 MET MET B . n 
B 1 79  ARG 79  79  79 ARG ARG B . n 
B 1 80  GLU 80  80  80 GLU GLU B . n 
B 1 81  CYS 81  81  81 CYS CYS B . n 
B 1 82  ASN 82  82  82 ASN ALA B . n 
B 1 83  PRO 83  83  83 PRO PRO B . n 
B 1 84  HIS 84  84  84 HIS HIS B . n 
B 1 85  ASP 85  85  85 ASP ASP B . n 
B 1 86  SER 86  86  86 SER SER B . n 
B 1 87  PRO 87  87  87 PRO PRO B . n 
B 1 88  LEU 88  88  88 LEU LEU B . n 
B 1 89  GLU 89  89  89 GLU GLU B . n 
B 1 90  PRO 90  90  90 PRO PRO B . n 
B 1 91  GLU 91  91  ?  ?   ?   B . n 
B 1 92  MET 92  92  ?  ?   ?   B . n 
B 1 93  ILE 93  93  ?  ?   ?   B . n 
B 1 94  ASP 94  94  ?  ?   ?   B . n 
B 1 95  LYS 95  95  ?  ?   ?   B . n 
B 1 96  SER 96  96  ?  ?   ?   B . n 
B 1 97  GLY 97  97  ?  ?   ?   B . n 
B 1 98  GLN 98  98  ?  ?   ?   B . n 
B 1 99  PRO 99  99  ?  ?   ?   B . n 
B 1 100 GLU 100 100 ?  ?   ?   B . n 
B 1 101 ALA 101 101 ?  ?   ?   B . n 
B 1 102 PHE 102 102 ?  ?   ?   B . n 
B 1 103 ALA 103 103 ?  ?   ?   B . n 
B 1 104 LEU 104 104 ?  ?   ?   B . n 
B 1 105 VAL 105 105 ?  ?   ?   B . n 
B 1 106 SER 106 106 ?  ?   ?   B . n 
B 1 107 SER 107 107 ?  ?   ?   B . n 
B 1 108 SER 108 108 ?  ?   ?   B . n 
B 1 109 ASP 109 109 ?  ?   ?   B . n 
B 1 110 ASP 110 110 ?  ?   ?   B . n 
B 1 111 ASN 111 111 ?  ?   ?   B . n 
B 1 112 TYR 112 112 ?  ?   ?   B . n 
B 1 113 ASP 113 113 ?  ?   ?   B . n 
B 1 114 THR 114 114 ?  ?   ?   B . n 
B 1 115 SER 115 115 ?  ?   ?   B . n 
B 1 116 GLU 116 116 ?  ?   ?   B . n 
B 1 117 GLU 117 117 ?  ?   ?   B . n 
# 
loop_
_pdbx_nonpoly_scheme.asym_id 
_pdbx_nonpoly_scheme.entity_id 
_pdbx_nonpoly_scheme.mon_id 
_pdbx_nonpoly_scheme.ndb_seq_num 
_pdbx_nonpoly_scheme.pdb_seq_num 
_pdbx_nonpoly_scheme.auth_seq_num 
_pdbx_nonpoly_scheme.pdb_mon_id 
_pdbx_nonpoly_scheme.auth_mon_id 
_pdbx_nonpoly_scheme.pdb_strand_id 
_pdbx_nonpoly_scheme.pdb_ins_code 
C 2 HOH 1  118 1  HOH HOH A . 
C 2 HOH 2  119 2  HOH HOH A . 
C 2 HOH 3  120 9  HOH HOH A . 
C 2 HOH 4  121 13 HOH HOH A . 
C 2 HOH 5  122 14 HOH HOH A . 
C 2 HOH 6  123 15 HOH HOH A . 
C 2 HOH 7  124 16 HOH HOH A . 
C 2 HOH 8  125 22 HOH HOH A . 
C 2 HOH 9  126 23 HOH HOH A . 
C 2 HOH 10 127 24 HOH HOH A . 
C 2 HOH 11 128 25 HOH HOH A . 
C 2 HOH 12 129 26 HOH HOH A . 
C 2 HOH 13 131 28 HOH HOH A . 
C 2 HOH 14 132 29 HOH HOH A . 
C 2 HOH 15 133 30 HOH HOH A . 
C 2 HOH 16 134 31 HOH HOH A . 
C 2 HOH 17 135 32 HOH HOH A . 
C 2 HOH 18 136 35 HOH HOH A . 
D 2 HOH 1  118 3  HOH HOH B . 
D 2 HOH 2  119 4  HOH HOH B . 
D 2 HOH 3  120 5  HOH HOH B . 
D 2 HOH 4  121 6  HOH HOH B . 
D 2 HOH 5  122 7  HOH HOH B . 
D 2 HOH 6  123 8  HOH HOH B . 
D 2 HOH 7  124 10 HOH HOH B . 
D 2 HOH 8  125 11 HOH HOH B . 
D 2 HOH 9  126 12 HOH HOH B . 
D 2 HOH 10 127 17 HOH HOH B . 
D 2 HOH 11 128 18 HOH HOH B . 
D 2 HOH 12 129 19 HOH HOH B . 
D 2 HOH 13 130 20 HOH HOH B . 
D 2 HOH 14 131 21 HOH HOH B . 
D 2 HOH 15 132 33 HOH HOH B . 
D 2 HOH 16 134 37 HOH HOH B . 
D 2 HOH 17 135 38 HOH HOH B . 
D 2 HOH 18 136 39 HOH HOH B . 
D 2 HOH 19 137 36 HOH HOH B . 
D 2 HOH 20 138 41 HOH HOH B . 
D 2 HOH 21 139 40 HOH HOH B . 
# 
loop_
_pdbx_unobs_or_zero_occ_atoms.id 
_pdbx_unobs_or_zero_occ_atoms.PDB_model_num 
_pdbx_unobs_or_zero_occ_atoms.polymer_flag 
_pdbx_unobs_or_zero_occ_atoms.occupancy_flag 
_pdbx_unobs_or_zero_occ_atoms.auth_asym_id 
_pdbx_unobs_or_zero_occ_atoms.auth_comp_id 
_pdbx_unobs_or_zero_occ_atoms.auth_seq_id 
_pdbx_unobs_or_zero_occ_atoms.PDB_ins_code 
_pdbx_unobs_or_zero_occ_atoms.auth_atom_id 
_pdbx_unobs_or_zero_occ_atoms.label_alt_id 
_pdbx_unobs_or_zero_occ_atoms.label_asym_id 
_pdbx_unobs_or_zero_occ_atoms.label_comp_id 
_pdbx_unobs_or_zero_occ_atoms.label_seq_id 
_pdbx_unobs_or_zero_occ_atoms.label_atom_id 
1  1 Y 1 A ARG 29 ? CG  ? A ARG 29 CG  
2  1 Y 1 A ARG 29 ? CD  ? A ARG 29 CD  
3  1 Y 1 A ARG 29 ? NE  ? A ARG 29 NE  
4  1 Y 1 A ARG 29 ? CZ  ? A ARG 29 CZ  
5  1 Y 1 A ARG 29 ? NH1 ? A ARG 29 NH1 
6  1 Y 1 A ARG 29 ? NH2 ? A ARG 29 NH2 
7  1 Y 1 A HIS 33 ? CG  ? A HIS 33 CG  
8  1 Y 1 A HIS 33 ? ND1 ? A HIS 33 ND1 
9  1 Y 1 A HIS 33 ? CD2 ? A HIS 33 CD2 
10 1 Y 1 A HIS 33 ? CE1 ? A HIS 33 CE1 
11 1 Y 1 A HIS 33 ? NE2 ? A HIS 33 NE2 
12 1 Y 1 A PHE 43 ? CG  ? A PHE 43 CG  
13 1 Y 1 A PHE 43 ? CD1 ? A PHE 43 CD1 
14 1 Y 1 A PHE 43 ? CD2 ? A PHE 43 CD2 
15 1 Y 1 A PHE 43 ? CE1 ? A PHE 43 CE1 
16 1 Y 1 A PHE 43 ? CE2 ? A PHE 43 CE2 
17 1 Y 1 A PHE 43 ? CZ  ? A PHE 43 CZ  
18 1 Y 1 A ARG 79 ? CG  ? A ARG 79 CG  
19 1 Y 1 A ARG 79 ? CD  ? A ARG 79 CD  
20 1 Y 1 A ARG 79 ? NE  ? A ARG 79 NE  
21 1 Y 1 A ARG 79 ? CZ  ? A ARG 79 CZ  
22 1 Y 1 A ARG 79 ? NH1 ? A ARG 79 NH1 
23 1 Y 1 A ARG 79 ? NH2 ? A ARG 79 NH2 
24 1 Y 1 A ASN 82 ? CG  ? A ASN 82 CG  
25 1 Y 1 A ASN 82 ? OD1 ? A ASN 82 OD1 
26 1 Y 1 A ASN 82 ? ND2 ? A ASN 82 ND2 
27 1 Y 1 A HIS 84 ? CG  ? A HIS 84 CG  
28 1 Y 1 A HIS 84 ? ND1 ? A HIS 84 ND1 
29 1 Y 1 A HIS 84 ? CD2 ? A HIS 84 CD2 
30 1 Y 1 A HIS 84 ? CE1 ? A HIS 84 CE1 
31 1 Y 1 A HIS 84 ? NE2 ? A HIS 84 NE2 
32 1 Y 1 A LEU 88 ? CG  ? A LEU 88 CG  
33 1 Y 1 A LEU 88 ? CD1 ? A LEU 88 CD1 
34 1 Y 1 A LEU 88 ? CD2 ? A LEU 88 CD2 
35 1 Y 1 B ARG 15 ? CG  ? B ARG 15 CG  
36 1 Y 1 B ARG 15 ? CD  ? B ARG 15 CD  
37 1 Y 1 B ARG 15 ? NE  ? B ARG 15 NE  
38 1 Y 1 B ARG 15 ? CZ  ? B ARG 15 CZ  
39 1 Y 1 B ARG 15 ? NH1 ? B ARG 15 NH1 
40 1 Y 1 B ARG 15 ? NH2 ? B ARG 15 NH2 
41 1 Y 1 B ARG 29 ? CG  ? B ARG 29 CG  
42 1 Y 1 B ARG 29 ? CD  ? B ARG 29 CD  
43 1 Y 1 B ARG 29 ? NE  ? B ARG 29 NE  
44 1 Y 1 B ARG 29 ? CZ  ? B ARG 29 CZ  
45 1 Y 1 B ARG 29 ? NH1 ? B ARG 29 NH1 
46 1 Y 1 B ARG 29 ? NH2 ? B ARG 29 NH2 
47 1 Y 1 B LYS 30 ? CG  ? B LYS 30 CG  
48 1 Y 1 B LYS 30 ? CD  ? B LYS 30 CD  
49 1 Y 1 B LYS 30 ? CE  ? B LYS 30 CE  
50 1 Y 1 B LYS 30 ? NZ  ? B LYS 30 NZ  
51 1 Y 1 B HIS 33 ? CG  ? B HIS 33 CG  
52 1 Y 1 B HIS 33 ? ND1 ? B HIS 33 ND1 
53 1 Y 1 B HIS 33 ? CD2 ? B HIS 33 CD2 
54 1 Y 1 B HIS 33 ? CE1 ? B HIS 33 CE1 
55 1 Y 1 B HIS 33 ? NE2 ? B HIS 33 NE2 
56 1 Y 1 B ASN 82 ? CG  ? B ASN 82 CG  
57 1 Y 1 B ASN 82 ? OD1 ? B ASN 82 OD1 
58 1 Y 1 B ASN 82 ? ND2 ? B ASN 82 ND2 
# 
loop_
_software.name 
_software.classification 
_software.version 
_software.citation_id 
_software.pdbx_ordinal 
ADSC   'data collection' Quantum                      ? 1 
SHARP  phasing           .                            ? 2 
PHENIX refinement        '(phenix.refine: 1.6.1_357)' ? 3 
XDS    'data reduction'  .                            ? 4 
SCALA  'data scaling'    .                            ? 5 
# 
_cell.entry_id           3S63 
_cell.length_a           85.433 
_cell.length_b           85.433 
_cell.length_c           113.452 
_cell.angle_alpha        90.00 
_cell.angle_beta         90.00 
_cell.angle_gamma        120.00 
_cell.Z_PDB              24 
_cell.pdbx_unique_axis   ? 
_cell.length_a_esd       ? 
_cell.length_b_esd       ? 
_cell.length_c_esd       ? 
_cell.angle_alpha_esd    ? 
_cell.angle_beta_esd     ? 
_cell.angle_gamma_esd    ? 
# 
_symmetry.entry_id                         3S63 
_symmetry.space_group_name_H-M             'P 65 2 2' 
_symmetry.pdbx_full_space_group_name_H-M   ? 
_symmetry.cell_setting                     ? 
_symmetry.Int_Tables_number                179 
_symmetry.space_group_name_Hall            ? 
# 
_exptl.entry_id          3S63 
_exptl.method            'X-RAY DIFFRACTION' 
_exptl.crystals_number   1 
# 
_exptl_crystal.id                    1 
_exptl_crystal.density_meas          ? 
_exptl_crystal.density_Matthews      2.20 
_exptl_crystal.density_percent_sol   44.16 
_exptl_crystal.description           ? 
# 
_exptl_crystal_grow.crystal_id      1 
_exptl_crystal_grow.method          'VAPOR DIFFUSION, HANGING DROP' 
_exptl_crystal_grow.temp            289 
_exptl_crystal_grow.temp_details    ? 
_exptl_crystal_grow.pH              7 
_exptl_crystal_grow.pdbx_details    '0.2M NaCl, 20% PEG 6000, 0.1M HEPES, pH 7, VAPOR DIFFUSION, HANGING DROP, temperature 289K' 
_exptl_crystal_grow.pdbx_pH_range   . 
# 
_diffrn.id                     1 
_diffrn.ambient_temp           100 
_diffrn.ambient_temp_details   ? 
_diffrn.crystal_id             1 
# 
_diffrn_detector.diffrn_id              1 
_diffrn_detector.detector               CCD 
_diffrn_detector.type                   'ADSC QUANTUM 315' 
_diffrn_detector.pdbx_collection_date   2010-05-07 
_diffrn_detector.details                ? 
# 
_diffrn_radiation.diffrn_id                        1 
_diffrn_radiation.wavelength_id                    1 
_diffrn_radiation.pdbx_monochromatic_or_laue_m_l   M 
_diffrn_radiation.monochromator                    ? 
_diffrn_radiation.pdbx_diffrn_protocol             'SINGLE WAVELENGTH' 
_diffrn_radiation.pdbx_scattering_type             x-ray 
# 
_diffrn_radiation_wavelength.id           1 
_diffrn_radiation_wavelength.wavelength   0.94723 
_diffrn_radiation_wavelength.wt           1.0 
# 
_diffrn_source.diffrn_id                   1 
_diffrn_source.source                      SYNCHROTRON 
_diffrn_source.type                        'AUSTRALIAN SYNCHROTRON BEAMLINE MX1' 
_diffrn_source.pdbx_synchrotron_site       'Australian Synchrotron' 
_diffrn_source.pdbx_synchrotron_beamline   MX1 
_diffrn_source.pdbx_wavelength             ? 
_diffrn_source.pdbx_wavelength_list        0.94723 
# 
_reflns.entry_id                     3S63 
_reflns.observed_criterion_sigma_I   ? 
_reflns.observed_criterion_sigma_F   ? 
_reflns.d_resolution_low             25 
_reflns.d_resolution_high            2.7 
_reflns.number_obs                   7191 
_reflns.number_all                   ? 
_reflns.percent_possible_obs         99.9 
_reflns.pdbx_Rmerge_I_obs            ? 
_reflns.pdbx_Rsym_value              0.101 
_reflns.pdbx_netI_over_sigmaI        7.4 
_reflns.B_iso_Wilson_estimate        56 
_reflns.pdbx_redundancy              41.7 
_reflns.R_free_details               ? 
_reflns.limit_h_max                  ? 
_reflns.limit_h_min                  ? 
_reflns.limit_k_max                  ? 
_reflns.limit_k_min                  ? 
_reflns.limit_l_max                  ? 
_reflns.limit_l_min                  ? 
_reflns.observed_criterion_F_max     ? 
_reflns.observed_criterion_F_min     ? 
_reflns.pdbx_chi_squared             ? 
_reflns.pdbx_scaling_rejects         ? 
_reflns.pdbx_ordinal                 1 
_reflns.pdbx_diffrn_id               1 
# 
_reflns_shell.d_res_high                  2.7 
_reflns_shell.d_res_low                   ? 
_reflns_shell.percent_possible_all        100 
_reflns_shell.Rmerge_I_obs                ? 
_reflns_shell.pdbx_Rsym_value             0.515 
_reflns_shell.meanI_over_sigI_obs         ? 
_reflns_shell.pdbx_redundancy             43 
_reflns_shell.percent_possible_obs        ? 
_reflns_shell.number_unique_all           1021 
_reflns_shell.number_measured_all         ? 
_reflns_shell.number_measured_obs         ? 
_reflns_shell.number_unique_obs           ? 
_reflns_shell.pdbx_chi_squared            ? 
_reflns_shell.pdbx_rejects                ? 
_reflns_shell.pdbx_netI_over_sigmaI_obs   ? 
_reflns_shell.number_possible             ? 
_reflns_shell.Rmerge_F_all                ? 
_reflns_shell.Rmerge_F_obs                ? 
_reflns_shell.Rmerge_I_all                ? 
_reflns_shell.meanI_over_sigI_all         ? 
_reflns_shell.pdbx_Rrim_I_all             ? 
_reflns_shell.pdbx_Rpim_I_all             ? 
_reflns_shell.pdbx_ordinal                1 
_reflns_shell.pdbx_diffrn_id              1 
# 
_refine.entry_id                                 3S63 
_refine.ls_number_reflns_obs                     7191 
_refine.ls_number_reflns_all                     ? 
_refine.pdbx_ls_sigma_I                          ? 
_refine.pdbx_ls_sigma_F                          1.49 
_refine.pdbx_data_cutoff_high_absF               ? 
_refine.pdbx_data_cutoff_low_absF                ? 
_refine.pdbx_data_cutoff_high_rms_absF           ? 
_refine.ls_d_res_low                             24.662 
_refine.ls_d_res_high                            2.700 
_refine.ls_percent_reflns_obs                    99.97 
_refine.ls_R_factor_obs                          0.1874 
_refine.ls_R_factor_all                          ? 
_refine.ls_R_factor_R_work                       0.1845 
_refine.ls_R_factor_R_free                       0.2449 
_refine.ls_R_factor_R_free_error                 ? 
_refine.ls_R_factor_R_free_error_details         ? 
_refine.ls_percent_reflns_R_free                 4.68 
_refine.ls_number_reflns_R_free                  595 
_refine.ls_number_parameters                     ? 
_refine.ls_number_restraints                     ? 
_refine.occupancy_min                            ? 
_refine.occupancy_max                            ? 
_refine.correlation_coeff_Fo_to_Fc               ? 
_refine.correlation_coeff_Fo_to_Fc_free          ? 
_refine.B_iso_mean                               ? 
_refine.aniso_B[1][1]                            -10.6589 
_refine.aniso_B[2][2]                            -10.6589 
_refine.aniso_B[3][3]                            21.3178 
_refine.aniso_B[1][2]                            -0.0000 
_refine.aniso_B[1][3]                            0.0000 
_refine.aniso_B[2][3]                            -0.0000 
_refine.solvent_model_details                    'FLAT BULK SOLVENT MODEL' 
_refine.solvent_model_param_ksol                 0.362 
_refine.solvent_model_param_bsol                 53.004 
_refine.pdbx_solvent_vdw_probe_radii             1.11 
_refine.pdbx_solvent_ion_probe_radii             ? 
_refine.pdbx_solvent_shrinkage_radii             0.90 
_refine.pdbx_ls_cross_valid_method               ? 
_refine.details                                  ? 
_refine.pdbx_starting_model                      ? 
_refine.pdbx_method_to_determine_struct          SIRAS 
_refine.pdbx_isotropic_thermal_model             ? 
_refine.pdbx_stereochemistry_target_values       ML 
_refine.pdbx_stereochem_target_val_spec_case     ? 
_refine.pdbx_R_Free_selection_details            RANDOM 
_refine.pdbx_overall_ESU_R_Free                  ? 
_refine.overall_SU_ML                            0.36 
_refine.pdbx_overall_phase_error                 24.49 
_refine.overall_SU_B                             ? 
_refine.overall_SU_R_Cruickshank_DPI             ? 
_refine.ls_redundancy_reflns_obs                 ? 
_refine.B_iso_min                                ? 
_refine.B_iso_max                                ? 
_refine.overall_SU_R_free                        ? 
_refine.pdbx_overall_ESU_R                       ? 
_refine.ls_wR_factor_R_free                      ? 
_refine.ls_wR_factor_R_work                      ? 
_refine.overall_FOM_free_R_set                   ? 
_refine.overall_FOM_work_R_set                   ? 
_refine.pdbx_diffrn_id                           1 
_refine.pdbx_refine_id                           'X-RAY DIFFRACTION' 
_refine.pdbx_TLS_residual_ADP_flag               ? 
_refine.pdbx_overall_SU_R_free_Cruickshank_DPI   ? 
_refine.pdbx_overall_SU_R_Blow_DPI               ? 
_refine.pdbx_overall_SU_R_free_Blow_DPI          ? 
# 
_refine_hist.pdbx_refine_id                   'X-RAY DIFFRACTION' 
_refine_hist.cycle_id                         LAST 
_refine_hist.pdbx_number_atoms_protein        1400 
_refine_hist.pdbx_number_atoms_nucleic_acid   0 
_refine_hist.pdbx_number_atoms_ligand         0 
_refine_hist.number_atoms_solvent             39 
_refine_hist.number_atoms_total               1439 
_refine_hist.d_res_high                       2.700 
_refine_hist.d_res_low                        24.662 
# 
loop_
_refine_ls_restr.type 
_refine_ls_restr.dev_ideal 
_refine_ls_restr.dev_ideal_target 
_refine_ls_restr.weight 
_refine_ls_restr.number 
_refine_ls_restr.pdbx_restraint_function 
_refine_ls_restr.pdbx_refine_id 
f_bond_d           0.008  ? ? 1433 ? 'X-RAY DIFFRACTION' 
f_angle_d          1.147  ? ? 1919 ? 'X-RAY DIFFRACTION' 
f_dihedral_angle_d 17.584 ? ? 552  ? 'X-RAY DIFFRACTION' 
f_chiral_restr     0.078  ? ? 215  ? 'X-RAY DIFFRACTION' 
f_plane_restr      0.005  ? ? 248  ? 'X-RAY DIFFRACTION' 
# 
loop_
_refine_ls_shell.pdbx_refine_id 
_refine_ls_shell.pdbx_total_number_of_bins_used 
_refine_ls_shell.d_res_high 
_refine_ls_shell.d_res_low 
_refine_ls_shell.number_reflns_R_work 
_refine_ls_shell.R_factor_R_work 
_refine_ls_shell.percent_reflns_obs 
_refine_ls_shell.R_factor_R_free 
_refine_ls_shell.R_factor_R_free_error 
_refine_ls_shell.percent_reflns_R_free 
_refine_ls_shell.number_reflns_R_free 
_refine_ls_shell.number_reflns_all 
_refine_ls_shell.R_factor_all 
_refine_ls_shell.number_reflns_obs 
_refine_ls_shell.redundancy_reflns_obs 
'X-RAY DIFFRACTION' 4 2.7001 2.9714  3005 0.2113 100.00 0.2711 . . 168 . . . . 
'X-RAY DIFFRACTION' 4 2.9714 3.4004  3027 0.1907 100.00 0.3178 . . 153 . . . . 
'X-RAY DIFFRACTION' 4 3.4004 4.2805  3048 0.1676 100.00 0.2015 . . 132 . . . . 
'X-RAY DIFFRACTION' 4 4.2805 24.6634 3040 0.1808 100.00 0.2164 . . 142 . . . . 
# 
_struct.entry_id                  3S63 
_struct.title                     'Saposin-like protein Na-SLP-1' 
_struct.pdbx_model_details        ? 
_struct.pdbx_CASP_flag            ? 
_struct.pdbx_model_type_details   ? 
# 
_struct_keywords.entry_id        3S63 
_struct_keywords.pdbx_keywords   'LIPID BINDING PROTEIN' 
_struct_keywords.text            'saposin, lipid-binding, LIPID BINDING PROTEIN' 
# 
loop_
_struct_asym.id 
_struct_asym.pdbx_blank_PDB_chainid_flag 
_struct_asym.pdbx_modified 
_struct_asym.entity_id 
_struct_asym.details 
A N N 1 ? 
B N N 1 ? 
C N N 2 ? 
D N N 2 ? 
# 
_struct_ref.id                         1 
_struct_ref.db_name                    PDB 
_struct_ref.db_code                    3S63 
_struct_ref.pdbx_db_accession          3S63 
_struct_ref.entity_id                  1 
_struct_ref.pdbx_db_isoform            ? 
_struct_ref.pdbx_seq_one_letter_code   ? 
_struct_ref.pdbx_align_begin           ? 
# 
loop_
_struct_ref_seq.align_id 
_struct_ref_seq.ref_id 
_struct_ref_seq.pdbx_PDB_id_code 
_struct_ref_seq.pdbx_strand_id 
_struct_ref_seq.seq_align_beg 
_struct_ref_seq.pdbx_seq_align_beg_ins_code 
_struct_ref_seq.seq_align_end 
_struct_ref_seq.pdbx_seq_align_end_ins_code 
_struct_ref_seq.pdbx_db_accession 
_struct_ref_seq.db_align_beg 
_struct_ref_seq.pdbx_db_align_beg_ins_code 
_struct_ref_seq.db_align_end 
_struct_ref_seq.pdbx_db_align_end_ins_code 
_struct_ref_seq.pdbx_auth_seq_align_beg 
_struct_ref_seq.pdbx_auth_seq_align_end 
1 1 3S63 A 1 ? 117 ? 3S63 1 ? 117 ? 1 117 
2 1 3S63 B 1 ? 117 ? 3S63 1 ? 117 ? 1 117 
# 
loop_
_pdbx_struct_assembly.id 
_pdbx_struct_assembly.details 
_pdbx_struct_assembly.method_details 
_pdbx_struct_assembly.oligomeric_details 
_pdbx_struct_assembly.oligomeric_count 
1 author_and_software_defined_assembly PISA monomeric 1 
2 author_and_software_defined_assembly PISA monomeric 1 
# 
loop_
_pdbx_struct_assembly_gen.assembly_id 
_pdbx_struct_assembly_gen.oper_expression 
_pdbx_struct_assembly_gen.asym_id_list 
1 1 A,C 
2 1 B,D 
# 
_pdbx_struct_oper_list.id                   1 
_pdbx_struct_oper_list.type                 'identity operation' 
_pdbx_struct_oper_list.name                 1_555 
_pdbx_struct_oper_list.symmetry_operation   x,y,z 
_pdbx_struct_oper_list.matrix[1][1]         1.0000000000 
_pdbx_struct_oper_list.matrix[1][2]         0.0000000000 
_pdbx_struct_oper_list.matrix[1][3]         0.0000000000 
_pdbx_struct_oper_list.vector[1]            0.0000000000 
_pdbx_struct_oper_list.matrix[2][1]         0.0000000000 
_pdbx_struct_oper_list.matrix[2][2]         1.0000000000 
_pdbx_struct_oper_list.matrix[2][3]         0.0000000000 
_pdbx_struct_oper_list.vector[2]            0.0000000000 
_pdbx_struct_oper_list.matrix[3][1]         0.0000000000 
_pdbx_struct_oper_list.matrix[3][2]         0.0000000000 
_pdbx_struct_oper_list.matrix[3][3]         1.0000000000 
_pdbx_struct_oper_list.vector[3]            0.0000000000 
# 
_struct_biol.id        1 
_struct_biol.details   ? 
# 
loop_
_struct_conf.conf_type_id 
_struct_conf.id 
_struct_conf.pdbx_PDB_helix_id 
_struct_conf.beg_label_comp_id 
_struct_conf.beg_label_asym_id 
_struct_conf.beg_label_seq_id 
_struct_conf.pdbx_beg_PDB_ins_code 
_struct_conf.end_label_comp_id 
_struct_conf.end_label_asym_id 
_struct_conf.end_label_seq_id 
_struct_conf.pdbx_end_PDB_ins_code 
_struct_conf.beg_auth_comp_id 
_struct_conf.beg_auth_asym_id 
_struct_conf.beg_auth_seq_id 
_struct_conf.end_auth_comp_id 
_struct_conf.end_auth_asym_id 
_struct_conf.end_auth_seq_id 
_struct_conf.pdbx_PDB_helix_class 
_struct_conf.details 
_struct_conf.pdbx_PDB_helix_length 
HELX_P HELX_P1 1 THR A 2  ? PHE A 21 ? THR A 2  PHE A 21 1 ? 20 
HELX_P HELX_P2 2 SER A 27 ? LYS A 40 ? SER A 27 LYS A 40 1 ? 14 
HELX_P HELX_P3 3 TYR A 45 ? ASP A 66 ? TYR A 45 ASP A 66 1 ? 22 
HELX_P HELX_P4 4 LYS A 70 ? MET A 78 ? LYS A 70 MET A 78 1 ? 9  
HELX_P HELX_P5 5 THR B 2  ? PHE B 21 ? THR B 2  PHE B 21 1 ? 20 
HELX_P HELX_P6 6 SER B 27 ? LYS B 40 ? SER B 27 LYS B 40 1 ? 14 
HELX_P HELX_P7 7 TYR B 45 ? ASN B 56 ? TYR B 45 ASN B 56 1 ? 12 
HELX_P HELX_P8 8 ASN B 56 ? ASP B 66 ? ASN B 56 ASP B 66 1 ? 11 
HELX_P HELX_P9 9 LYS B 70 ? MET B 78 ? LYS B 70 MET B 78 1 ? 9  
# 
_struct_conf_type.id          HELX_P 
_struct_conf_type.criteria    ? 
_struct_conf_type.reference   ? 
# 
loop_
_struct_conn.id 
_struct_conn.conn_type_id 
_struct_conn.pdbx_leaving_atom_flag 
_struct_conn.pdbx_PDB_id 
_struct_conn.ptnr1_label_asym_id 
_struct_conn.ptnr1_label_comp_id 
_struct_conn.ptnr1_label_seq_id 
_struct_conn.ptnr1_label_atom_id 
_struct_conn.pdbx_ptnr1_label_alt_id 
_struct_conn.pdbx_ptnr1_PDB_ins_code 
_struct_conn.pdbx_ptnr1_standard_comp_id 
_struct_conn.ptnr1_symmetry 
_struct_conn.ptnr2_label_asym_id 
_struct_conn.ptnr2_label_comp_id 
_struct_conn.ptnr2_label_seq_id 
_struct_conn.ptnr2_label_atom_id 
_struct_conn.pdbx_ptnr2_label_alt_id 
_struct_conn.pdbx_ptnr2_PDB_ins_code 
_struct_conn.ptnr1_auth_asym_id 
_struct_conn.ptnr1_auth_comp_id 
_struct_conn.ptnr1_auth_seq_id 
_struct_conn.ptnr2_auth_asym_id 
_struct_conn.ptnr2_auth_comp_id 
_struct_conn.ptnr2_auth_seq_id 
_struct_conn.ptnr2_symmetry 
_struct_conn.pdbx_ptnr3_label_atom_id 
_struct_conn.pdbx_ptnr3_label_seq_id 
_struct_conn.pdbx_ptnr3_label_comp_id 
_struct_conn.pdbx_ptnr3_label_asym_id 
_struct_conn.pdbx_ptnr3_label_alt_id 
_struct_conn.pdbx_ptnr3_PDB_ins_code 
_struct_conn.details 
_struct_conn.pdbx_dist_value 
_struct_conn.pdbx_value_order 
_struct_conn.pdbx_role 
disulf1 disulf ? ? A CYS 7  SG ? ? ? 1_555 A CYS 81 SG ? ? A CYS 7  A CYS 81 1_555 ? ? ? ? ? ? ? 2.036 ? ? 
disulf2 disulf ? ? A CYS 10 SG ? ? ? 1_555 A CYS 75 SG ? ? A CYS 10 A CYS 75 1_555 ? ? ? ? ? ? ? 2.028 ? ? 
disulf3 disulf ? ? A CYS 39 SG ? ? ? 1_555 A CYS 49 SG ? ? A CYS 39 A CYS 49 1_555 ? ? ? ? ? ? ? 2.042 ? ? 
disulf4 disulf ? ? B CYS 7  SG ? ? ? 1_555 B CYS 81 SG ? ? B CYS 7  B CYS 81 1_555 ? ? ? ? ? ? ? 2.023 ? ? 
disulf5 disulf ? ? B CYS 10 SG ? ? ? 1_555 B CYS 75 SG ? ? B CYS 10 B CYS 75 1_555 ? ? ? ? ? ? ? 2.029 ? ? 
disulf6 disulf ? ? B CYS 39 SG ? ? ? 1_555 B CYS 49 SG ? ? B CYS 39 B CYS 49 1_555 ? ? ? ? ? ? ? 2.025 ? ? 
# 
_struct_conn_type.id          disulf 
_struct_conn_type.criteria    ? 
_struct_conn_type.reference   ? 
# 
loop_
_pdbx_modification_feature.ordinal 
_pdbx_modification_feature.label_comp_id 
_pdbx_modification_feature.label_asym_id 
_pdbx_modification_feature.label_seq_id 
_pdbx_modification_feature.label_alt_id 
_pdbx_modification_feature.modified_residue_label_comp_id 
_pdbx_modification_feature.modified_residue_label_asym_id 
_pdbx_modification_feature.modified_residue_label_seq_id 
_pdbx_modification_feature.modified_residue_label_alt_id 
_pdbx_modification_feature.auth_comp_id 
_pdbx_modification_feature.auth_asym_id 
_pdbx_modification_feature.auth_seq_id 
_pdbx_modification_feature.PDB_ins_code 
_pdbx_modification_feature.symmetry 
_pdbx_modification_feature.modified_residue_auth_comp_id 
_pdbx_modification_feature.modified_residue_auth_asym_id 
_pdbx_modification_feature.modified_residue_auth_seq_id 
_pdbx_modification_feature.modified_residue_PDB_ins_code 
_pdbx_modification_feature.modified_residue_symmetry 
_pdbx_modification_feature.comp_id_linking_atom 
_pdbx_modification_feature.modified_residue_id_linking_atom 
_pdbx_modification_feature.modified_residue_id 
_pdbx_modification_feature.ref_pcm_id 
_pdbx_modification_feature.ref_comp_id 
_pdbx_modification_feature.type 
_pdbx_modification_feature.category 
1 CYS A 7  ? CYS A 81 ? CYS A 7  ? 1_555 CYS A 81 ? 1_555 SG SG . . . None 'Disulfide bridge' 
2 CYS A 10 ? CYS A 75 ? CYS A 10 ? 1_555 CYS A 75 ? 1_555 SG SG . . . None 'Disulfide bridge' 
3 CYS A 39 ? CYS A 49 ? CYS A 39 ? 1_555 CYS A 49 ? 1_555 SG SG . . . None 'Disulfide bridge' 
4 CYS B 7  ? CYS B 81 ? CYS B 7  ? 1_555 CYS B 81 ? 1_555 SG SG . . . None 'Disulfide bridge' 
5 CYS B 10 ? CYS B 75 ? CYS B 10 ? 1_555 CYS B 75 ? 1_555 SG SG . . . None 'Disulfide bridge' 
6 CYS B 39 ? CYS B 49 ? CYS B 39 ? 1_555 CYS B 49 ? 1_555 SG SG . . . None 'Disulfide bridge' 
# 
_pdbx_entry_details.sequence_details           'A SEQUENCE DATABASE REFERENCE FOR THIS PROTEIN DOES NOT CURRENTLY EXIST.' 
_pdbx_entry_details.entry_id                   3S63 
_pdbx_entry_details.compound_details           ? 
_pdbx_entry_details.source_details             ? 
_pdbx_entry_details.nonpolymer_details         ? 
_pdbx_entry_details.has_ligand_of_interest     ? 
_pdbx_entry_details.has_protein_modification   Y 
# 
loop_
_pdbx_validate_torsion.id 
_pdbx_validate_torsion.PDB_model_num 
_pdbx_validate_torsion.auth_comp_id 
_pdbx_validate_torsion.auth_asym_id 
_pdbx_validate_torsion.auth_seq_id 
_pdbx_validate_torsion.PDB_ins_code 
_pdbx_validate_torsion.label_alt_id 
_pdbx_validate_torsion.phi 
_pdbx_validate_torsion.psi 
1 1 PHE A 69 ? ? -10.73 107.55  
2 1 ASP A 85 ? ? -56.87 171.05  
3 1 PRO A 87 ? ? -60.76 -130.98 
4 1 ARG B 46 ? ? -26.82 -58.80  
5 1 SER B 68 ? ? -62.96 52.59   
6 1 ARG B 79 ? ? 82.89  10.75   
# 
_pdbx_validate_peptide_omega.id               1 
_pdbx_validate_peptide_omega.PDB_model_num    1 
_pdbx_validate_peptide_omega.auth_comp_id_1   SER 
_pdbx_validate_peptide_omega.auth_asym_id_1   A 
_pdbx_validate_peptide_omega.auth_seq_id_1    68 
_pdbx_validate_peptide_omega.PDB_ins_code_1   ? 
_pdbx_validate_peptide_omega.label_alt_id_1   ? 
_pdbx_validate_peptide_omega.auth_comp_id_2   PHE 
_pdbx_validate_peptide_omega.auth_asym_id_2   A 
_pdbx_validate_peptide_omega.auth_seq_id_2    69 
_pdbx_validate_peptide_omega.PDB_ins_code_2   ? 
_pdbx_validate_peptide_omega.label_alt_id_2   ? 
_pdbx_validate_peptide_omega.omega            -144.21 
# 
loop_
_pdbx_unobs_or_zero_occ_residues.id 
_pdbx_unobs_or_zero_occ_residues.PDB_model_num 
_pdbx_unobs_or_zero_occ_residues.polymer_flag 
_pdbx_unobs_or_zero_occ_residues.occupancy_flag 
_pdbx_unobs_or_zero_occ_residues.auth_asym_id 
_pdbx_unobs_or_zero_occ_residues.auth_comp_id 
_pdbx_unobs_or_zero_occ_residues.auth_seq_id 
_pdbx_unobs_or_zero_occ_residues.PDB_ins_code 
_pdbx_unobs_or_zero_occ_residues.label_asym_id 
_pdbx_unobs_or_zero_occ_residues.label_comp_id 
_pdbx_unobs_or_zero_occ_residues.label_seq_id 
1  1 Y 1 A GLU 89  ? A GLU 89  
2  1 Y 1 A PRO 90  ? A PRO 90  
3  1 Y 1 A GLU 91  ? A GLU 91  
4  1 Y 1 A MET 92  ? A MET 92  
5  1 Y 1 A ILE 93  ? A ILE 93  
6  1 Y 1 A ASP 94  ? A ASP 94  
7  1 Y 1 A LYS 95  ? A LYS 95  
8  1 Y 1 A SER 96  ? A SER 96  
9  1 Y 1 A GLY 97  ? A GLY 97  
10 1 Y 1 A GLN 98  ? A GLN 98  
11 1 Y 1 A PRO 99  ? A PRO 99  
12 1 Y 1 A GLU 100 ? A GLU 100 
13 1 Y 1 A ALA 101 ? A ALA 101 
14 1 Y 1 A PHE 102 ? A PHE 102 
15 1 Y 1 A ALA 103 ? A ALA 103 
16 1 Y 1 A LEU 104 ? A LEU 104 
17 1 Y 1 A VAL 105 ? A VAL 105 
18 1 Y 1 A SER 106 ? A SER 106 
19 1 Y 1 A SER 107 ? A SER 107 
20 1 Y 1 A SER 108 ? A SER 108 
21 1 Y 1 A ASP 109 ? A ASP 109 
22 1 Y 1 A ASP 110 ? A ASP 110 
23 1 Y 1 A ASN 111 ? A ASN 111 
24 1 Y 1 A TYR 112 ? A TYR 112 
25 1 Y 1 A ASP 113 ? A ASP 113 
26 1 Y 1 A THR 114 ? A THR 114 
27 1 Y 1 A SER 115 ? A SER 115 
28 1 Y 1 A GLU 116 ? A GLU 116 
29 1 Y 1 A GLU 117 ? A GLU 117 
30 1 Y 1 B GLU 91  ? B GLU 91  
31 1 Y 1 B MET 92  ? B MET 92  
32 1 Y 1 B ILE 93  ? B ILE 93  
33 1 Y 1 B ASP 94  ? B ASP 94  
34 1 Y 1 B LYS 95  ? B LYS 95  
35 1 Y 1 B SER 96  ? B SER 96  
36 1 Y 1 B GLY 97  ? B GLY 97  
37 1 Y 1 B GLN 98  ? B GLN 98  
38 1 Y 1 B PRO 99  ? B PRO 99  
39 1 Y 1 B GLU 100 ? B GLU 100 
40 1 Y 1 B ALA 101 ? B ALA 101 
41 1 Y 1 B PHE 102 ? B PHE 102 
42 1 Y 1 B ALA 103 ? B ALA 103 
43 1 Y 1 B LEU 104 ? B LEU 104 
44 1 Y 1 B VAL 105 ? B VAL 105 
45 1 Y 1 B SER 106 ? B SER 106 
46 1 Y 1 B SER 107 ? B SER 107 
47 1 Y 1 B SER 108 ? B SER 108 
48 1 Y 1 B ASP 109 ? B ASP 109 
49 1 Y 1 B ASP 110 ? B ASP 110 
50 1 Y 1 B ASN 111 ? B ASN 111 
51 1 Y 1 B TYR 112 ? B TYR 112 
52 1 Y 1 B ASP 113 ? B ASP 113 
53 1 Y 1 B THR 114 ? B THR 114 
54 1 Y 1 B SER 115 ? B SER 115 
55 1 Y 1 B GLU 116 ? B GLU 116 
56 1 Y 1 B GLU 117 ? B GLU 117 
# 
loop_
_chem_comp_atom.comp_id 
_chem_comp_atom.atom_id 
_chem_comp_atom.type_symbol 
_chem_comp_atom.pdbx_aromatic_flag 
_chem_comp_atom.pdbx_stereo_config 
_chem_comp_atom.pdbx_ordinal 
ALA N    N N N 1   
ALA CA   C N S 2   
ALA C    C N N 3   
ALA O    O N N 4   
ALA CB   C N N 5   
ALA OXT  O N N 6   
ALA H    H N N 7   
ALA H2   H N N 8   
ALA HA   H N N 9   
ALA HB1  H N N 10  
ALA HB2  H N N 11  
ALA HB3  H N N 12  
ALA HXT  H N N 13  
ARG N    N N N 14  
ARG CA   C N S 15  
ARG C    C N N 16  
ARG O    O N N 17  
ARG CB   C N N 18  
ARG CG   C N N 19  
ARG CD   C N N 20  
ARG NE   N N N 21  
ARG CZ   C N N 22  
ARG NH1  N N N 23  
ARG NH2  N N N 24  
ARG OXT  O N N 25  
ARG H    H N N 26  
ARG H2   H N N 27  
ARG HA   H N N 28  
ARG HB2  H N N 29  
ARG HB3  H N N 30  
ARG HG2  H N N 31  
ARG HG3  H N N 32  
ARG HD2  H N N 33  
ARG HD3  H N N 34  
ARG HE   H N N 35  
ARG HH11 H N N 36  
ARG HH12 H N N 37  
ARG HH21 H N N 38  
ARG HH22 H N N 39  
ARG HXT  H N N 40  
ASN N    N N N 41  
ASN CA   C N S 42  
ASN C    C N N 43  
ASN O    O N N 44  
ASN CB   C N N 45  
ASN CG   C N N 46  
ASN OD1  O N N 47  
ASN ND2  N N N 48  
ASN OXT  O N N 49  
ASN H    H N N 50  
ASN H2   H N N 51  
ASN HA   H N N 52  
ASN HB2  H N N 53  
ASN HB3  H N N 54  
ASN HD21 H N N 55  
ASN HD22 H N N 56  
ASN HXT  H N N 57  
ASP N    N N N 58  
ASP CA   C N S 59  
ASP C    C N N 60  
ASP O    O N N 61  
ASP CB   C N N 62  
ASP CG   C N N 63  
ASP OD1  O N N 64  
ASP OD2  O N N 65  
ASP OXT  O N N 66  
ASP H    H N N 67  
ASP H2   H N N 68  
ASP HA   H N N 69  
ASP HB2  H N N 70  
ASP HB3  H N N 71  
ASP HD2  H N N 72  
ASP HXT  H N N 73  
CYS N    N N N 74  
CYS CA   C N R 75  
CYS C    C N N 76  
CYS O    O N N 77  
CYS CB   C N N 78  
CYS SG   S N N 79  
CYS OXT  O N N 80  
CYS H    H N N 81  
CYS H2   H N N 82  
CYS HA   H N N 83  
CYS HB2  H N N 84  
CYS HB3  H N N 85  
CYS HG   H N N 86  
CYS HXT  H N N 87  
GLN N    N N N 88  
GLN CA   C N S 89  
GLN C    C N N 90  
GLN O    O N N 91  
GLN CB   C N N 92  
GLN CG   C N N 93  
GLN CD   C N N 94  
GLN OE1  O N N 95  
GLN NE2  N N N 96  
GLN OXT  O N N 97  
GLN H    H N N 98  
GLN H2   H N N 99  
GLN HA   H N N 100 
GLN HB2  H N N 101 
GLN HB3  H N N 102 
GLN HG2  H N N 103 
GLN HG3  H N N 104 
GLN HE21 H N N 105 
GLN HE22 H N N 106 
GLN HXT  H N N 107 
GLU N    N N N 108 
GLU CA   C N S 109 
GLU C    C N N 110 
GLU O    O N N 111 
GLU CB   C N N 112 
GLU CG   C N N 113 
GLU CD   C N N 114 
GLU OE1  O N N 115 
GLU OE2  O N N 116 
GLU OXT  O N N 117 
GLU H    H N N 118 
GLU H2   H N N 119 
GLU HA   H N N 120 
GLU HB2  H N N 121 
GLU HB3  H N N 122 
GLU HG2  H N N 123 
GLU HG3  H N N 124 
GLU HE2  H N N 125 
GLU HXT  H N N 126 
GLY N    N N N 127 
GLY CA   C N N 128 
GLY C    C N N 129 
GLY O    O N N 130 
GLY OXT  O N N 131 
GLY H    H N N 132 
GLY H2   H N N 133 
GLY HA2  H N N 134 
GLY HA3  H N N 135 
GLY HXT  H N N 136 
HIS N    N N N 137 
HIS CA   C N S 138 
HIS C    C N N 139 
HIS O    O N N 140 
HIS CB   C N N 141 
HIS CG   C Y N 142 
HIS ND1  N Y N 143 
HIS CD2  C Y N 144 
HIS CE1  C Y N 145 
HIS NE2  N Y N 146 
HIS OXT  O N N 147 
HIS H    H N N 148 
HIS H2   H N N 149 
HIS HA   H N N 150 
HIS HB2  H N N 151 
HIS HB3  H N N 152 
HIS HD1  H N N 153 
HIS HD2  H N N 154 
HIS HE1  H N N 155 
HIS HE2  H N N 156 
HIS HXT  H N N 157 
HOH O    O N N 158 
HOH H1   H N N 159 
HOH H2   H N N 160 
ILE N    N N N 161 
ILE CA   C N S 162 
ILE C    C N N 163 
ILE O    O N N 164 
ILE CB   C N S 165 
ILE CG1  C N N 166 
ILE CG2  C N N 167 
ILE CD1  C N N 168 
ILE OXT  O N N 169 
ILE H    H N N 170 
ILE H2   H N N 171 
ILE HA   H N N 172 
ILE HB   H N N 173 
ILE HG12 H N N 174 
ILE HG13 H N N 175 
ILE HG21 H N N 176 
ILE HG22 H N N 177 
ILE HG23 H N N 178 
ILE HD11 H N N 179 
ILE HD12 H N N 180 
ILE HD13 H N N 181 
ILE HXT  H N N 182 
LEU N    N N N 183 
LEU CA   C N S 184 
LEU C    C N N 185 
LEU O    O N N 186 
LEU CB   C N N 187 
LEU CG   C N N 188 
LEU CD1  C N N 189 
LEU CD2  C N N 190 
LEU OXT  O N N 191 
LEU H    H N N 192 
LEU H2   H N N 193 
LEU HA   H N N 194 
LEU HB2  H N N 195 
LEU HB3  H N N 196 
LEU HG   H N N 197 
LEU HD11 H N N 198 
LEU HD12 H N N 199 
LEU HD13 H N N 200 
LEU HD21 H N N 201 
LEU HD22 H N N 202 
LEU HD23 H N N 203 
LEU HXT  H N N 204 
LYS N    N N N 205 
LYS CA   C N S 206 
LYS C    C N N 207 
LYS O    O N N 208 
LYS CB   C N N 209 
LYS CG   C N N 210 
LYS CD   C N N 211 
LYS CE   C N N 212 
LYS NZ   N N N 213 
LYS OXT  O N N 214 
LYS H    H N N 215 
LYS H2   H N N 216 
LYS HA   H N N 217 
LYS HB2  H N N 218 
LYS HB3  H N N 219 
LYS HG2  H N N 220 
LYS HG3  H N N 221 
LYS HD2  H N N 222 
LYS HD3  H N N 223 
LYS HE2  H N N 224 
LYS HE3  H N N 225 
LYS HZ1  H N N 226 
LYS HZ2  H N N 227 
LYS HZ3  H N N 228 
LYS HXT  H N N 229 
MET N    N N N 230 
MET CA   C N S 231 
MET C    C N N 232 
MET O    O N N 233 
MET CB   C N N 234 
MET CG   C N N 235 
MET SD   S N N 236 
MET CE   C N N 237 
MET OXT  O N N 238 
MET H    H N N 239 
MET H2   H N N 240 
MET HA   H N N 241 
MET HB2  H N N 242 
MET HB3  H N N 243 
MET HG2  H N N 244 
MET HG3  H N N 245 
MET HE1  H N N 246 
MET HE2  H N N 247 
MET HE3  H N N 248 
MET HXT  H N N 249 
PHE N    N N N 250 
PHE CA   C N S 251 
PHE C    C N N 252 
PHE O    O N N 253 
PHE CB   C N N 254 
PHE CG   C Y N 255 
PHE CD1  C Y N 256 
PHE CD2  C Y N 257 
PHE CE1  C Y N 258 
PHE CE2  C Y N 259 
PHE CZ   C Y N 260 
PHE OXT  O N N 261 
PHE H    H N N 262 
PHE H2   H N N 263 
PHE HA   H N N 264 
PHE HB2  H N N 265 
PHE HB3  H N N 266 
PHE HD1  H N N 267 
PHE HD2  H N N 268 
PHE HE1  H N N 269 
PHE HE2  H N N 270 
PHE HZ   H N N 271 
PHE HXT  H N N 272 
PRO N    N N N 273 
PRO CA   C N S 274 
PRO C    C N N 275 
PRO O    O N N 276 
PRO CB   C N N 277 
PRO CG   C N N 278 
PRO CD   C N N 279 
PRO OXT  O N N 280 
PRO H    H N N 281 
PRO HA   H N N 282 
PRO HB2  H N N 283 
PRO HB3  H N N 284 
PRO HG2  H N N 285 
PRO HG3  H N N 286 
PRO HD2  H N N 287 
PRO HD3  H N N 288 
PRO HXT  H N N 289 
SER N    N N N 290 
SER CA   C N S 291 
SER C    C N N 292 
SER O    O N N 293 
SER CB   C N N 294 
SER OG   O N N 295 
SER OXT  O N N 296 
SER H    H N N 297 
SER H2   H N N 298 
SER HA   H N N 299 
SER HB2  H N N 300 
SER HB3  H N N 301 
SER HG   H N N 302 
SER HXT  H N N 303 
THR N    N N N 304 
THR CA   C N S 305 
THR C    C N N 306 
THR O    O N N 307 
THR CB   C N R 308 
THR OG1  O N N 309 
THR CG2  C N N 310 
THR OXT  O N N 311 
THR H    H N N 312 
THR H2   H N N 313 
THR HA   H N N 314 
THR HB   H N N 315 
THR HG1  H N N 316 
THR HG21 H N N 317 
THR HG22 H N N 318 
THR HG23 H N N 319 
THR HXT  H N N 320 
TYR N    N N N 321 
TYR CA   C N S 322 
TYR C    C N N 323 
TYR O    O N N 324 
TYR CB   C N N 325 
TYR CG   C Y N 326 
TYR CD1  C Y N 327 
TYR CD2  C Y N 328 
TYR CE1  C Y N 329 
TYR CE2  C Y N 330 
TYR CZ   C Y N 331 
TYR OH   O N N 332 
TYR OXT  O N N 333 
TYR H    H N N 334 
TYR H2   H N N 335 
TYR HA   H N N 336 
TYR HB2  H N N 337 
TYR HB3  H N N 338 
TYR HD1  H N N 339 
TYR HD2  H N N 340 
TYR HE1  H N N 341 
TYR HE2  H N N 342 
TYR HH   H N N 343 
TYR HXT  H N N 344 
VAL N    N N N 345 
VAL CA   C N S 346 
VAL C    C N N 347 
VAL O    O N N 348 
VAL CB   C N N 349 
VAL CG1  C N N 350 
VAL CG2  C N N 351 
VAL OXT  O N N 352 
VAL H    H N N 353 
VAL H2   H N N 354 
VAL HA   H N N 355 
VAL HB   H N N 356 
VAL HG11 H N N 357 
VAL HG12 H N N 358 
VAL HG13 H N N 359 
VAL HG21 H N N 360 
VAL HG22 H N N 361 
VAL HG23 H N N 362 
VAL HXT  H N N 363 
# 
loop_
_chem_comp_bond.comp_id 
_chem_comp_bond.atom_id_1 
_chem_comp_bond.atom_id_2 
_chem_comp_bond.value_order 
_chem_comp_bond.pdbx_aromatic_flag 
_chem_comp_bond.pdbx_stereo_config 
_chem_comp_bond.pdbx_ordinal 
ALA N   CA   sing N N 1   
ALA N   H    sing N N 2   
ALA N   H2   sing N N 3   
ALA CA  C    sing N N 4   
ALA CA  CB   sing N N 5   
ALA CA  HA   sing N N 6   
ALA C   O    doub N N 7   
ALA C   OXT  sing N N 8   
ALA CB  HB1  sing N N 9   
ALA CB  HB2  sing N N 10  
ALA CB  HB3  sing N N 11  
ALA OXT HXT  sing N N 12  
ARG N   CA   sing N N 13  
ARG N   H    sing N N 14  
ARG N   H2   sing N N 15  
ARG CA  C    sing N N 16  
ARG CA  CB   sing N N 17  
ARG CA  HA   sing N N 18  
ARG C   O    doub N N 19  
ARG C   OXT  sing N N 20  
ARG CB  CG   sing N N 21  
ARG CB  HB2  sing N N 22  
ARG CB  HB3  sing N N 23  
ARG CG  CD   sing N N 24  
ARG CG  HG2  sing N N 25  
ARG CG  HG3  sing N N 26  
ARG CD  NE   sing N N 27  
ARG CD  HD2  sing N N 28  
ARG CD  HD3  sing N N 29  
ARG NE  CZ   sing N N 30  
ARG NE  HE   sing N N 31  
ARG CZ  NH1  sing N N 32  
ARG CZ  NH2  doub N N 33  
ARG NH1 HH11 sing N N 34  
ARG NH1 HH12 sing N N 35  
ARG NH2 HH21 sing N N 36  
ARG NH2 HH22 sing N N 37  
ARG OXT HXT  sing N N 38  
ASN N   CA   sing N N 39  
ASN N   H    sing N N 40  
ASN N   H2   sing N N 41  
ASN CA  C    sing N N 42  
ASN CA  CB   sing N N 43  
ASN CA  HA   sing N N 44  
ASN C   O    doub N N 45  
ASN C   OXT  sing N N 46  
ASN CB  CG   sing N N 47  
ASN CB  HB2  sing N N 48  
ASN CB  HB3  sing N N 49  
ASN CG  OD1  doub N N 50  
ASN CG  ND2  sing N N 51  
ASN ND2 HD21 sing N N 52  
ASN ND2 HD22 sing N N 53  
ASN OXT HXT  sing N N 54  
ASP N   CA   sing N N 55  
ASP N   H    sing N N 56  
ASP N   H2   sing N N 57  
ASP CA  C    sing N N 58  
ASP CA  CB   sing N N 59  
ASP CA  HA   sing N N 60  
ASP C   O    doub N N 61  
ASP C   OXT  sing N N 62  
ASP CB  CG   sing N N 63  
ASP CB  HB2  sing N N 64  
ASP CB  HB3  sing N N 65  
ASP CG  OD1  doub N N 66  
ASP CG  OD2  sing N N 67  
ASP OD2 HD2  sing N N 68  
ASP OXT HXT  sing N N 69  
CYS N   CA   sing N N 70  
CYS N   H    sing N N 71  
CYS N   H2   sing N N 72  
CYS CA  C    sing N N 73  
CYS CA  CB   sing N N 74  
CYS CA  HA   sing N N 75  
CYS C   O    doub N N 76  
CYS C   OXT  sing N N 77  
CYS CB  SG   sing N N 78  
CYS CB  HB2  sing N N 79  
CYS CB  HB3  sing N N 80  
CYS SG  HG   sing N N 81  
CYS OXT HXT  sing N N 82  
GLN N   CA   sing N N 83  
GLN N   H    sing N N 84  
GLN N   H2   sing N N 85  
GLN CA  C    sing N N 86  
GLN CA  CB   sing N N 87  
GLN CA  HA   sing N N 88  
GLN C   O    doub N N 89  
GLN C   OXT  sing N N 90  
GLN CB  CG   sing N N 91  
GLN CB  HB2  sing N N 92  
GLN CB  HB3  sing N N 93  
GLN CG  CD   sing N N 94  
GLN CG  HG2  sing N N 95  
GLN CG  HG3  sing N N 96  
GLN CD  OE1  doub N N 97  
GLN CD  NE2  sing N N 98  
GLN NE2 HE21 sing N N 99  
GLN NE2 HE22 sing N N 100 
GLN OXT HXT  sing N N 101 
GLU N   CA   sing N N 102 
GLU N   H    sing N N 103 
GLU N   H2   sing N N 104 
GLU CA  C    sing N N 105 
GLU CA  CB   sing N N 106 
GLU CA  HA   sing N N 107 
GLU C   O    doub N N 108 
GLU C   OXT  sing N N 109 
GLU CB  CG   sing N N 110 
GLU CB  HB2  sing N N 111 
GLU CB  HB3  sing N N 112 
GLU CG  CD   sing N N 113 
GLU CG  HG2  sing N N 114 
GLU CG  HG3  sing N N 115 
GLU CD  OE1  doub N N 116 
GLU CD  OE2  sing N N 117 
GLU OE2 HE2  sing N N 118 
GLU OXT HXT  sing N N 119 
GLY N   CA   sing N N 120 
GLY N   H    sing N N 121 
GLY N   H2   sing N N 122 
GLY CA  C    sing N N 123 
GLY CA  HA2  sing N N 124 
GLY CA  HA3  sing N N 125 
GLY C   O    doub N N 126 
GLY C   OXT  sing N N 127 
GLY OXT HXT  sing N N 128 
HIS N   CA   sing N N 129 
HIS N   H    sing N N 130 
HIS N   H2   sing N N 131 
HIS CA  C    sing N N 132 
HIS CA  CB   sing N N 133 
HIS CA  HA   sing N N 134 
HIS C   O    doub N N 135 
HIS C   OXT  sing N N 136 
HIS CB  CG   sing N N 137 
HIS CB  HB2  sing N N 138 
HIS CB  HB3  sing N N 139 
HIS CG  ND1  sing Y N 140 
HIS CG  CD2  doub Y N 141 
HIS ND1 CE1  doub Y N 142 
HIS ND1 HD1  sing N N 143 
HIS CD2 NE2  sing Y N 144 
HIS CD2 HD2  sing N N 145 
HIS CE1 NE2  sing Y N 146 
HIS CE1 HE1  sing N N 147 
HIS NE2 HE2  sing N N 148 
HIS OXT HXT  sing N N 149 
HOH O   H1   sing N N 150 
HOH O   H2   sing N N 151 
ILE N   CA   sing N N 152 
ILE N   H    sing N N 153 
ILE N   H2   sing N N 154 
ILE CA  C    sing N N 155 
ILE CA  CB   sing N N 156 
ILE CA  HA   sing N N 157 
ILE C   O    doub N N 158 
ILE C   OXT  sing N N 159 
ILE CB  CG1  sing N N 160 
ILE CB  CG2  sing N N 161 
ILE CB  HB   sing N N 162 
ILE CG1 CD1  sing N N 163 
ILE CG1 HG12 sing N N 164 
ILE CG1 HG13 sing N N 165 
ILE CG2 HG21 sing N N 166 
ILE CG2 HG22 sing N N 167 
ILE CG2 HG23 sing N N 168 
ILE CD1 HD11 sing N N 169 
ILE CD1 HD12 sing N N 170 
ILE CD1 HD13 sing N N 171 
ILE OXT HXT  sing N N 172 
LEU N   CA   sing N N 173 
LEU N   H    sing N N 174 
LEU N   H2   sing N N 175 
LEU CA  C    sing N N 176 
LEU CA  CB   sing N N 177 
LEU CA  HA   sing N N 178 
LEU C   O    doub N N 179 
LEU C   OXT  sing N N 180 
LEU CB  CG   sing N N 181 
LEU CB  HB2  sing N N 182 
LEU CB  HB3  sing N N 183 
LEU CG  CD1  sing N N 184 
LEU CG  CD2  sing N N 185 
LEU CG  HG   sing N N 186 
LEU CD1 HD11 sing N N 187 
LEU CD1 HD12 sing N N 188 
LEU CD1 HD13 sing N N 189 
LEU CD2 HD21 sing N N 190 
LEU CD2 HD22 sing N N 191 
LEU CD2 HD23 sing N N 192 
LEU OXT HXT  sing N N 193 
LYS N   CA   sing N N 194 
LYS N   H    sing N N 195 
LYS N   H2   sing N N 196 
LYS CA  C    sing N N 197 
LYS CA  CB   sing N N 198 
LYS CA  HA   sing N N 199 
LYS C   O    doub N N 200 
LYS C   OXT  sing N N 201 
LYS CB  CG   sing N N 202 
LYS CB  HB2  sing N N 203 
LYS CB  HB3  sing N N 204 
LYS CG  CD   sing N N 205 
LYS CG  HG2  sing N N 206 
LYS CG  HG3  sing N N 207 
LYS CD  CE   sing N N 208 
LYS CD  HD2  sing N N 209 
LYS CD  HD3  sing N N 210 
LYS CE  NZ   sing N N 211 
LYS CE  HE2  sing N N 212 
LYS CE  HE3  sing N N 213 
LYS NZ  HZ1  sing N N 214 
LYS NZ  HZ2  sing N N 215 
LYS NZ  HZ3  sing N N 216 
LYS OXT HXT  sing N N 217 
MET N   CA   sing N N 218 
MET N   H    sing N N 219 
MET N   H2   sing N N 220 
MET CA  C    sing N N 221 
MET CA  CB   sing N N 222 
MET CA  HA   sing N N 223 
MET C   O    doub N N 224 
MET C   OXT  sing N N 225 
MET CB  CG   sing N N 226 
MET CB  HB2  sing N N 227 
MET CB  HB3  sing N N 228 
MET CG  SD   sing N N 229 
MET CG  HG2  sing N N 230 
MET CG  HG3  sing N N 231 
MET SD  CE   sing N N 232 
MET CE  HE1  sing N N 233 
MET CE  HE2  sing N N 234 
MET CE  HE3  sing N N 235 
MET OXT HXT  sing N N 236 
PHE N   CA   sing N N 237 
PHE N   H    sing N N 238 
PHE N   H2   sing N N 239 
PHE CA  C    sing N N 240 
PHE CA  CB   sing N N 241 
PHE CA  HA   sing N N 242 
PHE C   O    doub N N 243 
PHE C   OXT  sing N N 244 
PHE CB  CG   sing N N 245 
PHE CB  HB2  sing N N 246 
PHE CB  HB3  sing N N 247 
PHE CG  CD1  doub Y N 248 
PHE CG  CD2  sing Y N 249 
PHE CD1 CE1  sing Y N 250 
PHE CD1 HD1  sing N N 251 
PHE CD2 CE2  doub Y N 252 
PHE CD2 HD2  sing N N 253 
PHE CE1 CZ   doub Y N 254 
PHE CE1 HE1  sing N N 255 
PHE CE2 CZ   sing Y N 256 
PHE CE2 HE2  sing N N 257 
PHE CZ  HZ   sing N N 258 
PHE OXT HXT  sing N N 259 
PRO N   CA   sing N N 260 
PRO N   CD   sing N N 261 
PRO N   H    sing N N 262 
PRO CA  C    sing N N 263 
PRO CA  CB   sing N N 264 
PRO CA  HA   sing N N 265 
PRO C   O    doub N N 266 
PRO C   OXT  sing N N 267 
PRO CB  CG   sing N N 268 
PRO CB  HB2  sing N N 269 
PRO CB  HB3  sing N N 270 
PRO CG  CD   sing N N 271 
PRO CG  HG2  sing N N 272 
PRO CG  HG3  sing N N 273 
PRO CD  HD2  sing N N 274 
PRO CD  HD3  sing N N 275 
PRO OXT HXT  sing N N 276 
SER N   CA   sing N N 277 
SER N   H    sing N N 278 
SER N   H2   sing N N 279 
SER CA  C    sing N N 280 
SER CA  CB   sing N N 281 
SER CA  HA   sing N N 282 
SER C   O    doub N N 283 
SER C   OXT  sing N N 284 
SER CB  OG   sing N N 285 
SER CB  HB2  sing N N 286 
SER CB  HB3  sing N N 287 
SER OG  HG   sing N N 288 
SER OXT HXT  sing N N 289 
THR N   CA   sing N N 290 
THR N   H    sing N N 291 
THR N   H2   sing N N 292 
THR CA  C    sing N N 293 
THR CA  CB   sing N N 294 
THR CA  HA   sing N N 295 
THR C   O    doub N N 296 
THR C   OXT  sing N N 297 
THR CB  OG1  sing N N 298 
THR CB  CG2  sing N N 299 
THR CB  HB   sing N N 300 
THR OG1 HG1  sing N N 301 
THR CG2 HG21 sing N N 302 
THR CG2 HG22 sing N N 303 
THR CG2 HG23 sing N N 304 
THR OXT HXT  sing N N 305 
TYR N   CA   sing N N 306 
TYR N   H    sing N N 307 
TYR N   H2   sing N N 308 
TYR CA  C    sing N N 309 
TYR CA  CB   sing N N 310 
TYR CA  HA   sing N N 311 
TYR C   O    doub N N 312 
TYR C   OXT  sing N N 313 
TYR CB  CG   sing N N 314 
TYR CB  HB2  sing N N 315 
TYR CB  HB3  sing N N 316 
TYR CG  CD1  doub Y N 317 
TYR CG  CD2  sing Y N 318 
TYR CD1 CE1  sing Y N 319 
TYR CD1 HD1  sing N N 320 
TYR CD2 CE2  doub Y N 321 
TYR CD2 HD2  sing N N 322 
TYR CE1 CZ   doub Y N 323 
TYR CE1 HE1  sing N N 324 
TYR CE2 CZ   sing Y N 325 
TYR CE2 HE2  sing N N 326 
TYR CZ  OH   sing N N 327 
TYR OH  HH   sing N N 328 
TYR OXT HXT  sing N N 329 
VAL N   CA   sing N N 330 
VAL N   H    sing N N 331 
VAL N   H2   sing N N 332 
VAL CA  C    sing N N 333 
VAL CA  CB   sing N N 334 
VAL CA  HA   sing N N 335 
VAL C   O    doub N N 336 
VAL C   OXT  sing N N 337 
VAL CB  CG1  sing N N 338 
VAL CB  CG2  sing N N 339 
VAL CB  HB   sing N N 340 
VAL CG1 HG11 sing N N 341 
VAL CG1 HG12 sing N N 342 
VAL CG1 HG13 sing N N 343 
VAL CG2 HG21 sing N N 344 
VAL CG2 HG22 sing N N 345 
VAL CG2 HG23 sing N N 346 
VAL OXT HXT  sing N N 347 
# 
_atom_sites.entry_id                    3S63 
_atom_sites.fract_transf_matrix[1][1]   0.00166591 
_atom_sites.fract_transf_matrix[1][2]   0.01337590 
_atom_sites.fract_transf_matrix[1][3]   0.00099383 
_atom_sites.fract_transf_matrix[2][1]   -0.00051123 
_atom_sites.fract_transf_matrix[2][2]   0.00771609 
_atom_sites.fract_transf_matrix[2][3]   -0.01108525 
_atom_sites.fract_transf_matrix[3][1]   -0.00868803 
_atom_sites.fract_transf_matrix[3][2]   0.00100054 
_atom_sites.fract_transf_matrix[3][3]   0.00109712 
_atom_sites.fract_transf_vector[1]      0.282374 
_atom_sites.fract_transf_vector[2]      0.361693 
_atom_sites.fract_transf_vector[3]      0.081937 
# 
loop_
_atom_type.symbol 
C 
N 
O 
S 
# 
loop_
_atom_site.group_PDB 
_atom_site.id 
_atom_site.type_symbol 
_atom_site.label_atom_id 
_atom_site.label_alt_id 
_atom_site.label_comp_id 
_atom_site.label_asym_id 
_atom_site.label_entity_id 
_atom_site.label_seq_id 
_atom_site.pdbx_PDB_ins_code 
_atom_site.Cartn_x 
_atom_site.Cartn_y 
_atom_site.Cartn_z 
_atom_site.occupancy 
_atom_site.B_iso_or_equiv 
_atom_site.pdbx_formal_charge 
_atom_site.auth_seq_id 
_atom_site.auth_comp_id 
_atom_site.auth_asym_id 
_atom_site.auth_atom_id 
_atom_site.pdbx_PDB_model_num 
ATOM   1    N N   . LEU A 1 1  ? 19.011  -14.436 -13.423 1.00 43.02  ? 1   LEU A N   1 
ATOM   2    C CA  . LEU A 1 1  ? 19.470  -13.854 -12.164 1.00 44.50  ? 1   LEU A CA  1 
ATOM   3    C C   . LEU A 1 1  ? 19.652  -14.899 -11.058 1.00 43.17  ? 1   LEU A C   1 
ATOM   4    O O   . LEU A 1 1  ? 18.765  -15.724 -10.809 1.00 37.43  ? 1   LEU A O   1 
ATOM   5    C CB  . LEU A 1 1  ? 18.486  -12.785 -11.669 1.00 41.92  ? 1   LEU A CB  1 
ATOM   6    C CG  . LEU A 1 1  ? 18.294  -11.484 -12.445 1.00 40.59  ? 1   LEU A CG  1 
ATOM   7    C CD1 . LEU A 1 1  ? 17.141  -10.711 -11.837 1.00 35.96  ? 1   LEU A CD1 1 
ATOM   8    C CD2 . LEU A 1 1  ? 19.572  -10.651 -12.459 1.00 34.32  ? 1   LEU A CD2 1 
ATOM   9    N N   . THR A 1 2  ? 20.806  -14.833 -10.399 1.00 48.70  ? 2   THR A N   1 
ATOM   10   C CA  . THR A 1 2  ? 21.077  -15.573 -9.173  1.00 45.56  ? 2   THR A CA  1 
ATOM   11   C C   . THR A 1 2  ? 20.078  -15.156 -8.104  1.00 47.36  ? 2   THR A C   1 
ATOM   12   O O   . THR A 1 2  ? 19.494  -14.078 -8.188  1.00 51.33  ? 2   THR A O   1 
ATOM   13   C CB  . THR A 1 2  ? 22.498  -15.251 -8.661  1.00 44.93  ? 2   THR A CB  1 
ATOM   14   O OG1 . THR A 1 2  ? 23.456  -15.668 -9.635  1.00 50.53  ? 2   THR A OG1 1 
ATOM   15   C CG2 . THR A 1 2  ? 22.799  -15.970 -7.354  1.00 53.25  ? 2   THR A CG2 1 
ATOM   16   N N   . PRO A 1 3  ? 19.863  -16.008 -7.093  1.00 50.87  ? 3   PRO A N   1 
ATOM   17   C CA  . PRO A 1 3  ? 19.084  -15.519 -5.949  1.00 51.68  ? 3   PRO A CA  1 
ATOM   18   C C   . PRO A 1 3  ? 19.776  -14.338 -5.243  1.00 49.90  ? 3   PRO A C   1 
ATOM   19   O O   . PRO A 1 3  ? 19.102  -13.529 -4.601  1.00 50.87  ? 3   PRO A O   1 
ATOM   20   C CB  . PRO A 1 3  ? 19.028  -16.736 -5.023  1.00 52.29  ? 3   PRO A CB  1 
ATOM   21   C CG  . PRO A 1 3  ? 19.207  -17.916 -5.937  1.00 49.45  ? 3   PRO A CG  1 
ATOM   22   C CD  . PRO A 1 3  ? 20.115  -17.460 -7.027  1.00 49.63  ? 3   PRO A CD  1 
ATOM   23   N N   . LYS A 1 4  ? 21.100  -14.249 -5.362  1.00 43.98  ? 4   LYS A N   1 
ATOM   24   C CA  . LYS A 1 4  ? 21.864  -13.159 -4.759  1.00 44.62  ? 4   LYS A CA  1 
ATOM   25   C C   . LYS A 1 4  ? 21.575  -11.850 -5.490  1.00 46.07  ? 4   LYS A C   1 
ATOM   26   O O   . LYS A 1 4  ? 21.142  -10.864 -4.897  1.00 44.27  ? 4   LYS A O   1 
ATOM   27   C CB  . LYS A 1 4  ? 23.362  -13.467 -4.805  1.00 44.40  ? 4   LYS A CB  1 
ATOM   28   C CG  . LYS A 1 4  ? 24.243  -12.401 -4.162  1.00 52.40  ? 4   LYS A CG  1 
ATOM   29   C CD  . LYS A 1 4  ? 24.872  -12.908 -2.858  1.00 64.20  ? 4   LYS A CD  1 
ATOM   30   C CE  . LYS A 1 4  ? 24.959  -11.810 -1.781  1.00 61.09  ? 4   LYS A CE  1 
ATOM   31   N NZ  . LYS A 1 4  ? 25.734  -10.623 -2.256  1.00 61.38  ? 4   LYS A NZ  1 
ATOM   32   N N   . GLU A 1 5  ? 21.814  -11.855 -6.792  1.00 43.03  ? 5   GLU A N   1 
ATOM   33   C CA  . GLU A 1 5  ? 21.504  -10.712 -7.624  1.00 36.09  ? 5   GLU A CA  1 
ATOM   34   C C   . GLU A 1 5  ? 20.084  -10.248 -7.367  1.00 38.69  ? 5   GLU A C   1 
ATOM   35   O O   . GLU A 1 5  ? 19.842  -9.075  -7.104  1.00 47.12  ? 5   GLU A O   1 
ATOM   36   C CB  . GLU A 1 5  ? 21.689  -11.083 -9.089  1.00 37.43  ? 5   GLU A CB  1 
ATOM   37   C CG  . GLU A 1 5  ? 23.121  -11.454 -9.426  1.00 41.08  ? 5   GLU A CG  1 
ATOM   38   C CD  . GLU A 1 5  ? 23.294  -11.934 -10.853 1.00 47.40  ? 5   GLU A CD  1 
ATOM   39   O OE1 . GLU A 1 5  ? 24.429  -12.287 -11.222 1.00 56.00  ? 5   GLU A OE1 1 
ATOM   40   O OE2 . GLU A 1 5  ? 22.300  -11.961 -11.608 1.00 55.85  ? 5   GLU A OE2 1 
ATOM   41   N N   . THR A 1 6  ? 19.142  -11.176 -7.431  1.00 36.99  ? 6   THR A N   1 
ATOM   42   C CA  . THR A 1 6  ? 17.732  -10.859 -7.252  1.00 35.18  ? 6   THR A CA  1 
ATOM   43   C C   . THR A 1 6  ? 17.460  -10.166 -5.923  1.00 36.23  ? 6   THR A C   1 
ATOM   44   O O   . THR A 1 6  ? 16.636  -9.259  -5.845  1.00 38.13  ? 6   THR A O   1 
ATOM   45   C CB  . THR A 1 6  ? 16.903  -12.131 -7.341  1.00 31.23  ? 6   THR A CB  1 
ATOM   46   O OG1 . THR A 1 6  ? 17.105  -12.690 -8.631  1.00 41.02  ? 6   THR A OG1 1 
ATOM   47   C CG2 . THR A 1 6  ? 15.434  -11.842 -7.176  1.00 31.65  ? 6   THR A CG2 1 
ATOM   48   N N   . CYS A 1 7  ? 18.150  -10.601 -4.880  1.00 33.84  ? 7   CYS A N   1 
ATOM   49   C CA  . CYS A 1 7  ? 18.023  -9.966  -3.585  1.00 40.51  ? 7   CYS A CA  1 
ATOM   50   C C   . CYS A 1 7  ? 18.669  -8.576  -3.599  1.00 40.94  ? 7   CYS A C   1 
ATOM   51   O O   . CYS A 1 7  ? 18.054  -7.587  -3.191  1.00 36.51  ? 7   CYS A O   1 
ATOM   52   C CB  . CYS A 1 7  ? 18.660  -10.839 -2.502  1.00 41.47  ? 7   CYS A CB  1 
ATOM   53   S SG  . CYS A 1 7  ? 18.719  -10.070 -0.885  1.00 44.91  ? 7   CYS A SG  1 
ATOM   54   N N   . ASP A 1 8  ? 19.912  -8.511  -4.070  1.00 37.56  ? 8   ASP A N   1 
ATOM   55   C CA  . ASP A 1 8  ? 20.612  -7.245  -4.178  1.00 35.46  ? 8   ASP A CA  1 
ATOM   56   C C   . ASP A 1 8  ? 19.763  -6.249  -4.973  1.00 41.28  ? 8   ASP A C   1 
ATOM   57   O O   . ASP A 1 8  ? 19.502  -5.139  -4.517  1.00 40.24  ? 8   ASP A O   1 
ATOM   58   C CB  . ASP A 1 8  ? 21.987  -7.441  -4.826  1.00 35.12  ? 8   ASP A CB  1 
ATOM   59   C CG  . ASP A 1 8  ? 22.971  -8.192  -3.920  1.00 38.08  ? 8   ASP A CG  1 
ATOM   60   O OD1 . ASP A 1 8  ? 22.693  -8.365  -2.717  1.00 35.96  ? 8   ASP A OD1 1 
ATOM   61   O OD2 . ASP A 1 8  ? 24.039  -8.606  -4.413  1.00 45.15  ? 8   ASP A OD2 1 
ATOM   62   N N   . LEU A 1 9  ? 19.303  -6.657  -6.150  1.00 40.83  ? 9   LEU A N   1 
ATOM   63   C CA  . LEU A 1 9  ? 18.509  -5.774  -6.990  1.00 39.55  ? 9   LEU A CA  1 
ATOM   64   C C   . LEU A 1 9  ? 17.251  -5.245  -6.289  1.00 38.93  ? 9   LEU A C   1 
ATOM   65   O O   . LEU A 1 9  ? 16.877  -4.087  -6.452  1.00 41.99  ? 9   LEU A O   1 
ATOM   66   C CB  . LEU A 1 9  ? 18.167  -6.449  -8.322  1.00 36.46  ? 9   LEU A CB  1 
ATOM   67   C CG  . LEU A 1 9  ? 19.396  -6.762  -9.182  1.00 37.73  ? 9   LEU A CG  1 
ATOM   68   C CD1 . LEU A 1 9  ? 18.980  -7.212  -10.549 1.00 39.51  ? 9   LEU A CD1 1 
ATOM   69   C CD2 . LEU A 1 9  ? 20.286  -5.545  -9.311  1.00 45.09  ? 9   LEU A CD2 1 
ATOM   70   N N   . CYS A 1 10 ? 16.589  -6.075  -5.505  1.00 31.58  ? 10  CYS A N   1 
ATOM   71   C CA  . CYS A 1 10 ? 15.423  -5.588  -4.803  1.00 32.19  ? 10  CYS A CA  1 
ATOM   72   C C   . CYS A 1 10 ? 15.850  -4.385  -3.972  1.00 35.40  ? 10  CYS A C   1 
ATOM   73   O O   . CYS A 1 10 ? 15.185  -3.355  -3.964  1.00 32.06  ? 10  CYS A O   1 
ATOM   74   C CB  . CYS A 1 10 ? 14.847  -6.675  -3.896  1.00 29.77  ? 10  CYS A CB  1 
ATOM   75   S SG  . CYS A 1 10 ? 13.259  -6.235  -3.146  1.00 30.81  ? 10  CYS A SG  1 
ATOM   76   N N   . GLN A 1 11 ? 16.980  -4.537  -3.288  1.00 34.40  ? 11  GLN A N   1 
ATOM   77   C CA  . GLN A 1 11 ? 17.468  -3.551  -2.342  1.00 36.17  ? 11  GLN A CA  1 
ATOM   78   C C   . GLN A 1 11 ? 17.917  -2.259  -3.021  1.00 36.62  ? 11  GLN A C   1 
ATOM   79   O O   . GLN A 1 11 ? 17.528  -1.169  -2.620  1.00 41.43  ? 11  GLN A O   1 
ATOM   80   C CB  . GLN A 1 11 ? 18.626  -4.137  -1.534  1.00 35.11  ? 11  GLN A CB  1 
ATOM   81   C CG  . GLN A 1 11 ? 18.230  -5.250  -0.613  1.00 36.90  ? 11  GLN A CG  1 
ATOM   82   C CD  . GLN A 1 11 ? 19.366  -5.678  0.285   1.00 47.66  ? 11  GLN A CD  1 
ATOM   83   O OE1 . GLN A 1 11 ? 19.584  -5.091  1.341   1.00 58.30  ? 11  GLN A OE1 1 
ATOM   84   N NE2 . GLN A 1 11 ? 20.098  -6.705  -0.128  1.00 46.29  ? 11  GLN A NE2 1 
ATOM   85   N N   . ILE A 1 12 ? 18.761  -2.392  -4.032  1.00 31.23  ? 12  ILE A N   1 
ATOM   86   C CA  . ILE A 1 12 ? 19.215  -1.266  -4.818  1.00 35.28  ? 12  ILE A CA  1 
ATOM   87   C C   . ILE A 1 12 ? 18.048  -0.438  -5.357  1.00 35.55  ? 12  ILE A C   1 
ATOM   88   O O   . ILE A 1 12 ? 18.076  0.787   -5.325  1.00 37.03  ? 12  ILE A O   1 
ATOM   89   C CB  . ILE A 1 12 ? 20.065  -1.773  -5.990  1.00 37.04  ? 12  ILE A CB  1 
ATOM   90   C CG1 . ILE A 1 12 ? 21.268  -2.556  -5.451  1.00 37.65  ? 12  ILE A CG1 1 
ATOM   91   C CG2 . ILE A 1 12 ? 20.501  -0.629  -6.877  1.00 29.39  ? 12  ILE A CG2 1 
ATOM   92   C CD1 . ILE A 1 12 ? 22.083  -3.235  -6.537  1.00 45.96  ? 12  ILE A CD1 1 
ATOM   93   N N   . ALA A 1 13 ? 17.026  -1.119  -5.861  1.00 30.32  ? 13  ALA A N   1 
ATOM   94   C CA  . ALA A 1 13 ? 15.900  -0.454  -6.486  1.00 26.41  ? 13  ALA A CA  1 
ATOM   95   C C   . ALA A 1 13 ? 15.091  0.333   -5.479  1.00 28.89  ? 13  ALA A C   1 
ATOM   96   O O   . ALA A 1 13 ? 14.730  1.474   -5.728  1.00 32.28  ? 13  ALA A O   1 
ATOM   97   C CB  . ALA A 1 13 ? 15.014  -1.464  -7.209  1.00 23.40  ? 13  ALA A CB  1 
ATOM   98   N N   . LEU A 1 14 ? 14.792  -0.275  -4.342  1.00 35.43  ? 14  LEU A N   1 
ATOM   99   C CA  . LEU A 1 14 ? 13.945  0.368   -3.344  1.00 34.75  ? 14  LEU A CA  1 
ATOM   100  C C   . LEU A 1 14 ? 14.666  1.511   -2.645  1.00 38.24  ? 14  LEU A C   1 
ATOM   101  O O   . LEU A 1 14 ? 14.049  2.475   -2.193  1.00 39.49  ? 14  LEU A O   1 
ATOM   102  C CB  . LEU A 1 14 ? 13.488  -0.648  -2.300  1.00 34.35  ? 14  LEU A CB  1 
ATOM   103  C CG  . LEU A 1 14 ? 12.539  -1.726  -2.790  1.00 35.26  ? 14  LEU A CG  1 
ATOM   104  C CD1 . LEU A 1 14 ? 11.835  -2.323  -1.610  1.00 32.44  ? 14  LEU A CD1 1 
ATOM   105  C CD2 . LEU A 1 14 ? 11.544  -1.124  -3.757  1.00 34.20  ? 14  LEU A CD2 1 
ATOM   106  N N   . ARG A 1 15 ? 15.981  1.383   -2.537  1.00 40.50  ? 15  ARG A N   1 
ATOM   107  C CA  . ARG A 1 15 ? 16.791  2.348   -1.816  1.00 36.54  ? 15  ARG A CA  1 
ATOM   108  C C   . ARG A 1 15 ? 16.997  3.578   -2.670  1.00 36.10  ? 15  ARG A C   1 
ATOM   109  O O   . ARG A 1 15 ? 16.950  4.704   -2.184  1.00 35.31  ? 15  ARG A O   1 
ATOM   110  C CB  . ARG A 1 15 ? 18.136  1.720   -1.484  1.00 40.65  ? 15  ARG A CB  1 
ATOM   111  C CG  . ARG A 1 15 ? 19.110  2.645   -0.810  1.00 45.89  ? 15  ARG A CG  1 
ATOM   112  C CD  . ARG A 1 15 ? 20.404  2.684   -1.596  1.00 49.81  ? 15  ARG A CD  1 
ATOM   113  N NE  . ARG A 1 15 ? 21.375  1.703   -1.125  1.00 62.08  ? 15  ARG A NE  1 
ATOM   114  C CZ  . ARG A 1 15 ? 22.181  1.012   -1.926  1.00 67.49  ? 15  ARG A CZ  1 
ATOM   115  N NH1 . ARG A 1 15 ? 22.115  1.180   -3.245  1.00 57.57  ? 15  ARG A NH1 1 
ATOM   116  N NH2 . ARG A 1 15 ? 23.045  0.149   -1.408  1.00 75.38  ? 15  ARG A NH2 1 
ATOM   117  N N   . THR A 1 16 ? 17.231  3.337   -3.954  1.00 33.11  ? 16  THR A N   1 
ATOM   118  C CA  . THR A 1 16 ? 17.432  4.390   -4.933  1.00 33.34  ? 16  THR A CA  1 
ATOM   119  C C   . THR A 1 16 ? 16.175  5.251   -5.079  1.00 35.35  ? 16  THR A C   1 
ATOM   120  O O   . THR A 1 16 ? 16.259  6.472   -5.087  1.00 33.76  ? 16  THR A O   1 
ATOM   121  C CB  . THR A 1 16 ? 17.861  3.798   -6.291  1.00 34.95  ? 16  THR A CB  1 
ATOM   122  O OG1 . THR A 1 16 ? 19.182  3.253   -6.176  1.00 39.76  ? 16  THR A OG1 1 
ATOM   123  C CG2 . THR A 1 16 ? 17.885  4.854   -7.358  1.00 34.12  ? 16  THR A CG2 1 
ATOM   124  N N   . VAL A 1 17 ? 15.013  4.614   -5.172  1.00 35.31  ? 17  VAL A N   1 
ATOM   125  C CA  . VAL A 1 17 ? 13.748  5.337   -5.257  1.00 29.12  ? 17  VAL A CA  1 
ATOM   126  C C   . VAL A 1 17 ? 13.415  6.059   -3.945  1.00 33.83  ? 17  VAL A C   1 
ATOM   127  O O   . VAL A 1 17 ? 12.853  7.157   -3.962  1.00 36.02  ? 17  VAL A O   1 
ATOM   128  C CB  . VAL A 1 17 ? 12.578  4.411   -5.649  1.00 27.57  ? 17  VAL A CB  1 
ATOM   129  C CG1 . VAL A 1 17 ? 11.235  5.116   -5.438  1.00 23.18  ? 17  VAL A CG1 1 
ATOM   130  C CG2 . VAL A 1 17 ? 12.745  3.902   -7.091  1.00 24.02  ? 17  VAL A CG2 1 
ATOM   131  N N   . PHE A 1 18 ? 13.759  5.459   -2.811  1.00 32.85  ? 18  PHE A N   1 
ATOM   132  C CA  . PHE A 1 18 ? 13.507  6.103   -1.522  1.00 33.33  ? 18  PHE A CA  1 
ATOM   133  C C   . PHE A 1 18 ? 14.402  7.322   -1.367  1.00 35.98  ? 18  PHE A C   1 
ATOM   134  O O   . PHE A 1 18 ? 13.985  8.350   -0.839  1.00 36.52  ? 18  PHE A O   1 
ATOM   135  C CB  . PHE A 1 18 ? 13.761  5.135   -0.378  1.00 28.53  ? 18  PHE A CB  1 
ATOM   136  C CG  . PHE A 1 18 ? 13.483  5.704   0.995   1.00 32.76  ? 18  PHE A CG  1 
ATOM   137  C CD1 . PHE A 1 18 ? 12.215  5.628   1.554   1.00 34.87  ? 18  PHE A CD1 1 
ATOM   138  C CD2 . PHE A 1 18 ? 14.500  6.271   1.752   1.00 38.45  ? 18  PHE A CD2 1 
ATOM   139  C CE1 . PHE A 1 18 ? 11.958  6.121   2.839   1.00 32.45  ? 18  PHE A CE1 1 
ATOM   140  C CE2 . PHE A 1 18 ? 14.250  6.772   3.033   1.00 31.08  ? 18  PHE A CE2 1 
ATOM   141  C CZ  . PHE A 1 18 ? 12.978  6.697   3.569   1.00 31.97  ? 18  PHE A CZ  1 
ATOM   142  N N   . GLY A 1 19 ? 15.639  7.196   -1.829  1.00 37.32  ? 19  GLY A N   1 
ATOM   143  C CA  . GLY A 1 19 ? 16.577  8.297   -1.785  1.00 32.81  ? 19  GLY A CA  1 
ATOM   144  C C   . GLY A 1 19 ? 16.124  9.386   -2.726  1.00 32.78  ? 19  GLY A C   1 
ATOM   145  O O   . GLY A 1 19 ? 16.308  10.559  -2.452  1.00 33.68  ? 19  GLY A O   1 
ATOM   146  N N   . HIS A 1 20 ? 15.525  8.987   -3.842  1.00 28.92  ? 20  HIS A N   1 
ATOM   147  C CA  . HIS A 1 20 ? 15.041  9.935   -4.828  1.00 30.08  ? 20  HIS A CA  1 
ATOM   148  C C   . HIS A 1 20 ? 14.078  10.972  -4.228  1.00 30.82  ? 20  HIS A C   1 
ATOM   149  O O   . HIS A 1 20 ? 14.191  12.158  -4.522  1.00 30.63  ? 20  HIS A O   1 
ATOM   150  C CB  . HIS A 1 20 ? 14.372  9.197   -5.984  1.00 23.93  ? 20  HIS A CB  1 
ATOM   151  C CG  . HIS A 1 20 ? 13.685  10.096  -6.962  1.00 22.79  ? 20  HIS A CG  1 
ATOM   152  N ND1 . HIS A 1 20 ? 12.315  10.221  -7.019  1.00 26.75  ? 20  HIS A ND1 1 
ATOM   153  C CD2 . HIS A 1 20 ? 14.176  10.911  -7.920  1.00 23.64  ? 20  HIS A CD2 1 
ATOM   154  C CE1 . HIS A 1 20 ? 11.987  11.068  -7.976  1.00 25.89  ? 20  HIS A CE1 1 
ATOM   155  N NE2 . HIS A 1 20 ? 13.101  11.509  -8.532  1.00 30.74  ? 20  HIS A NE2 1 
ATOM   156  N N   . PHE A 1 21 ? 13.139  10.523  -3.400  1.00 26.91  ? 21  PHE A N   1 
ATOM   157  C CA  . PHE A 1 21 ? 12.168  11.409  -2.767  1.00 29.03  ? 21  PHE A CA  1 
ATOM   158  C C   . PHE A 1 21 ? 12.706  11.933  -1.456  1.00 34.46  ? 21  PHE A C   1 
ATOM   159  O O   . PHE A 1 21 ? 12.014  12.639  -0.724  1.00 35.28  ? 21  PHE A O   1 
ATOM   160  C CB  . PHE A 1 21 ? 10.880  10.664  -2.440  1.00 32.42  ? 21  PHE A CB  1 
ATOM   161  C CG  . PHE A 1 21 ? 10.135  10.154  -3.641  1.00 34.89  ? 21  PHE A CG  1 
ATOM   162  C CD1 . PHE A 1 21 ? 10.280  8.842   -4.048  1.00 26.21  ? 21  PHE A CD1 1 
ATOM   163  C CD2 . PHE A 1 21 ? 9.255   10.978  -4.333  1.00 27.79  ? 21  PHE A CD2 1 
ATOM   164  C CE1 . PHE A 1 21 ? 9.581   8.374   -5.129  1.00 29.08  ? 21  PHE A CE1 1 
ATOM   165  C CE2 . PHE A 1 21 ? 8.561   10.511  -5.395  1.00 26.59  ? 21  PHE A CE2 1 
ATOM   166  C CZ  . PHE A 1 21 ? 8.722   9.204   -5.802  1.00 28.24  ? 21  PHE A CZ  1 
ATOM   167  N N   . GLY A 1 22 ? 13.935  11.556  -1.138  1.00 37.62  ? 22  GLY A N   1 
ATOM   168  C CA  . GLY A 1 22 ? 14.536  11.958  0.111   1.00 33.84  ? 22  GLY A CA  1 
ATOM   169  C C   . GLY A 1 22 ? 13.665  11.596  1.290   1.00 38.07  ? 22  GLY A C   1 
ATOM   170  O O   . GLY A 1 22 ? 13.681  12.291  2.299   1.00 43.37  ? 22  GLY A O   1 
ATOM   171  N N   . GLY A 1 23 ? 12.895  10.520  1.156   1.00 40.27  ? 23  GLY A N   1 
ATOM   172  C CA  . GLY A 1 23 ? 12.055  10.034  2.240   1.00 38.01  ? 23  GLY A CA  1 
ATOM   173  C C   . GLY A 1 23 ? 10.712  10.730  2.369   1.00 44.79  ? 23  GLY A C   1 
ATOM   174  O O   . GLY A 1 23 ? 9.875   10.338  3.189   1.00 45.40  ? 23  GLY A O   1 
ATOM   175  N N   . ASN A 1 24 ? 10.510  11.776  1.570   1.00 42.33  ? 24  ASN A N   1 
ATOM   176  C CA  . ASN A 1 24 ? 9.224   12.449  1.486   1.00 37.90  ? 24  ASN A CA  1 
ATOM   177  C C   . ASN A 1 24 ? 8.509   11.918  0.267   1.00 39.73  ? 24  ASN A C   1 
ATOM   178  O O   . ASN A 1 24 ? 8.706   12.415  -0.836  1.00 41.98  ? 24  ASN A O   1 
ATOM   179  C CB  . ASN A 1 24 ? 9.426   13.956  1.346   1.00 47.11  ? 24  ASN A CB  1 
ATOM   180  C CG  . ASN A 1 24 ? 8.109   14.740  1.329   1.00 56.96  ? 24  ASN A CG  1 
ATOM   181  O OD1 . ASN A 1 24 ? 8.100   15.958  1.541   1.00 60.30  ? 24  ASN A OD1 1 
ATOM   182  N ND2 . ASN A 1 24 ? 6.998   14.049  1.077   1.00 51.36  ? 24  ASN A ND2 1 
ATOM   183  N N   . ILE A 1 25 ? 7.687   10.897  0.470   1.00 35.20  ? 25  ILE A N   1 
ATOM   184  C CA  . ILE A 1 25 ? 6.988   10.232  -0.621  1.00 35.85  ? 25  ILE A CA  1 
ATOM   185  C C   . ILE A 1 25 ? 5.581   10.787  -0.778  1.00 34.15  ? 25  ILE A C   1 
ATOM   186  O O   . ILE A 1 25 ? 4.803   10.819  0.163   1.00 36.76  ? 25  ILE A O   1 
ATOM   187  C CB  . ILE A 1 25 ? 6.933   8.713   -0.412  1.00 35.50  ? 25  ILE A CB  1 
ATOM   188  C CG1 . ILE A 1 25 ? 8.218   8.067   -0.920  1.00 30.81  ? 25  ILE A CG1 1 
ATOM   189  C CG2 . ILE A 1 25 ? 5.744   8.129   -1.132  1.00 38.51  ? 25  ILE A CG2 1 
ATOM   190  C CD1 . ILE A 1 25 ? 9.348   8.148   0.032   1.00 38.17  ? 25  ILE A CD1 1 
ATOM   191  N N   . PRO A 1 26 ? 5.251   11.240  -1.981  1.00 36.57  ? 26  PRO A N   1 
ATOM   192  C CA  . PRO A 1 26 ? 4.060   12.080  -2.104  1.00 33.92  ? 26  PRO A CA  1 
ATOM   193  C C   . PRO A 1 26 ? 2.774   11.264  -2.148  1.00 42.25  ? 26  PRO A C   1 
ATOM   194  O O   . PRO A 1 26 ? 1.798   11.622  -1.493  1.00 51.24  ? 26  PRO A O   1 
ATOM   195  C CB  . PRO A 1 26 ? 4.275   12.805  -3.441  1.00 34.11  ? 26  PRO A CB  1 
ATOM   196  C CG  . PRO A 1 26 ? 5.686   12.497  -3.866  1.00 34.46  ? 26  PRO A CG  1 
ATOM   197  C CD  . PRO A 1 26 ? 6.033   11.188  -3.225  1.00 37.71  ? 26  PRO A CD  1 
ATOM   198  N N   . SER A 1 27 ? 2.769   10.186  -2.921  1.00 34.40  ? 27  SER A N   1 
ATOM   199  C CA  . SER A 1 27 ? 1.572   9.374   -3.083  1.00 35.58  ? 27  SER A CA  1 
ATOM   200  C C   . SER A 1 27 ? 1.934   8.067   -3.793  1.00 38.23  ? 27  SER A C   1 
ATOM   201  O O   . SER A 1 27 ? 2.921   8.014   -4.539  1.00 37.22  ? 27  SER A O   1 
ATOM   202  C CB  . SER A 1 27 ? 0.515   10.135  -3.886  1.00 33.40  ? 27  SER A CB  1 
ATOM   203  O OG  . SER A 1 27 ? 0.835   10.141  -5.270  1.00 35.06  ? 27  SER A OG  1 
ATOM   204  N N   . ARG A 1 28 ? 1.149   7.017   -3.564  1.00 30.78  ? 28  ARG A N   1 
ATOM   205  C CA  . ARG A 1 28 ? 1.414   5.737   -4.208  1.00 27.73  ? 28  ARG A CA  1 
ATOM   206  C C   . ARG A 1 28 ? 1.512   5.879   -5.728  1.00 33.24  ? 28  ARG A C   1 
ATOM   207  O O   . ARG A 1 28 ? 2.445   5.353   -6.325  1.00 35.27  ? 28  ARG A O   1 
ATOM   208  C CB  . ARG A 1 28 ? 0.341   4.731   -3.845  1.00 29.26  ? 28  ARG A CB  1 
ATOM   209  C CG  . ARG A 1 28 ? 0.849   3.385   -3.391  1.00 26.95  ? 28  ARG A CG  1 
ATOM   210  C CD  . ARG A 1 28 ? -0.341  2.570   -2.921  1.00 29.33  ? 28  ARG A CD  1 
ATOM   211  N NE  . ARG A 1 28 ? -0.466  1.300   -3.634  1.00 32.88  ? 28  ARG A NE  1 
ATOM   212  C CZ  . ARG A 1 28 ? -1.622  0.716   -3.928  1.00 30.93  ? 28  ARG A CZ  1 
ATOM   213  N NH1 . ARG A 1 28 ? -2.775  1.280   -3.592  1.00 31.26  ? 28  ARG A NH1 1 
ATOM   214  N NH2 . ARG A 1 28 ? -1.622  -0.438  -4.565  1.00 36.71  ? 28  ARG A NH2 1 
ATOM   215  N N   . ARG A 1 29 ? 0.572   6.586   -6.360  1.00 29.03  ? 29  ARG A N   1 
ATOM   216  C CA  . ARG A 1 29 ? 0.654   6.764   -7.810  1.00 30.10  ? 29  ARG A CA  1 
ATOM   217  C C   . ARG A 1 29 ? 2.020   7.300   -8.195  1.00 33.05  ? 29  ARG A C   1 
ATOM   218  O O   . ARG A 1 29 ? 2.627   6.808   -9.141  1.00 33.87  ? 29  ARG A O   1 
ATOM   219  C CB  . ARG A 1 29 ? -0.465  7.679   -8.358  1.00 29.09  ? 29  ARG A CB  1 
ATOM   220  N N   . LYS A 1 30 ? 2.512   8.298   -7.458  1.00 36.94  ? 30  LYS A N   1 
ATOM   221  C CA  . LYS A 1 30 ? 3.811   8.891   -7.765  1.00 32.73  ? 30  LYS A CA  1 
ATOM   222  C C   . LYS A 1 30 ? 4.959   7.955   -7.453  1.00 35.71  ? 30  LYS A C   1 
ATOM   223  O O   . LYS A 1 30 ? 5.874   7.815   -8.251  1.00 41.65  ? 30  LYS A O   1 
ATOM   224  C CB  . LYS A 1 30 ? 4.021   10.206  -7.029  1.00 37.36  ? 30  LYS A CB  1 
ATOM   225  C CG  . LYS A 1 30 ? 5.227   10.991  -7.537  1.00 39.12  ? 30  LYS A CG  1 
ATOM   226  C CD  . LYS A 1 30 ? 4.980   11.553  -8.937  1.00 42.57  ? 30  LYS A CD  1 
ATOM   227  C CE  . LYS A 1 30 ? 6.286   11.861  -9.686  1.00 47.77  ? 30  LYS A CE  1 
ATOM   228  N NZ  . LYS A 1 30 ? 7.229   12.733  -8.909  1.00 42.69  ? 30  LYS A NZ  1 
ATOM   229  N N   . LEU A 1 31 ? 4.918   7.333   -6.281  1.00 34.65  ? 31  LEU A N   1 
ATOM   230  C CA  . LEU A 1 31 ? 5.871   6.292   -5.927  1.00 34.05  ? 31  LEU A CA  1 
ATOM   231  C C   . LEU A 1 31 ? 6.030   5.276   -7.062  1.00 36.75  ? 31  LEU A C   1 
ATOM   232  O O   . LEU A 1 31 ? 7.141   4.908   -7.439  1.00 37.51  ? 31  LEU A O   1 
ATOM   233  C CB  . LEU A 1 31 ? 5.382   5.563   -4.680  1.00 37.95  ? 31  LEU A CB  1 
ATOM   234  C CG  . LEU A 1 31 ? 6.446   5.072   -3.698  1.00 39.83  ? 31  LEU A CG  1 
ATOM   235  C CD1 . LEU A 1 31 ? 5.944   3.872   -2.944  1.00 32.85  ? 31  LEU A CD1 1 
ATOM   236  C CD2 . LEU A 1 31 ? 7.746   4.746   -4.409  1.00 40.04  ? 31  LEU A CD2 1 
ATOM   237  N N   . VAL A 1 32 ? 4.901   4.823   -7.595  1.00 33.70  ? 32  VAL A N   1 
ATOM   238  C CA  . VAL A 1 32 ? 4.863   3.814   -8.641  1.00 30.31  ? 32  VAL A CA  1 
ATOM   239  C C   . VAL A 1 32 ? 5.481   4.274   -9.967  1.00 31.34  ? 32  VAL A C   1 
ATOM   240  O O   . VAL A 1 32 ? 6.183   3.512   -10.629 1.00 33.63  ? 32  VAL A O   1 
ATOM   241  C CB  . VAL A 1 32 ? 3.413   3.356   -8.870  1.00 33.04  ? 32  VAL A CB  1 
ATOM   242  C CG1 . VAL A 1 32 ? 3.327   2.356   -10.005 1.00 31.31  ? 32  VAL A CG1 1 
ATOM   243  C CG2 . VAL A 1 32 ? 2.863   2.749   -7.603  1.00 31.85  ? 32  VAL A CG2 1 
ATOM   244  N N   . HIS A 1 33 ? 5.214   5.512   -10.360 1.00 30.34  ? 33  HIS A N   1 
ATOM   245  C CA  . HIS A 1 33 ? 5.829   6.082   -11.556 1.00 27.72  ? 33  HIS A CA  1 
ATOM   246  C C   . HIS A 1 33 ? 7.356   6.027   -11.495 1.00 33.39  ? 33  HIS A C   1 
ATOM   247  O O   . HIS A 1 33 ? 8.009   5.819   -12.526 1.00 33.01  ? 33  HIS A O   1 
ATOM   248  C CB  . HIS A 1 33 ? 5.350   7.505   -11.774 1.00 24.73  ? 33  HIS A CB  1 
ATOM   249  N N   . GLN A 1 34 ? 7.922   6.195   -10.290 1.00 34.41  ? 34  GLN A N   1 
ATOM   250  C CA  . GLN A 1 34 ? 9.380   6.111   -10.092 1.00 32.23  ? 34  GLN A CA  1 
ATOM   251  C C   . GLN A 1 34 ? 9.896   4.702   -9.936  1.00 32.86  ? 34  GLN A C   1 
ATOM   252  O O   . GLN A 1 34 ? 10.953  4.369   -10.462 1.00 36.65  ? 34  GLN A O   1 
ATOM   253  C CB  . GLN A 1 34 ? 9.847   6.932   -8.892  1.00 34.80  ? 34  GLN A CB  1 
ATOM   254  C CG  . GLN A 1 34 ? 10.237  8.359   -9.243  1.00 45.86  ? 34  GLN A CG  1 
ATOM   255  C CD  . GLN A 1 34 ? 11.410  8.438   -10.206 1.00 39.31  ? 34  GLN A CD  1 
ATOM   256  O OE1 . GLN A 1 34 ? 12.425  7.752   -10.031 1.00 38.09  ? 34  GLN A OE1 1 
ATOM   257  N NE2 . GLN A 1 34 ? 11.274  9.276   -11.229 1.00 35.94  ? 34  GLN A NE2 1 
ATOM   258  N N   . LEU A 1 35 ? 9.169   3.879   -9.186  1.00 29.83  ? 35  LEU A N   1 
ATOM   259  C CA  . LEU A 1 35 ? 9.518   2.470   -9.086  1.00 26.35  ? 35  LEU A CA  1 
ATOM   260  C C   . LEU A 1 35 ? 9.645   1.895   -10.500 1.00 28.12  ? 35  LEU A C   1 
ATOM   261  O O   . LEU A 1 35 ? 10.666  1.283   -10.833 1.00 30.72  ? 35  LEU A O   1 
ATOM   262  C CB  . LEU A 1 35 ? 8.512   1.699   -8.217  1.00 27.92  ? 35  LEU A CB  1 
ATOM   263  C CG  . LEU A 1 35 ? 8.598   1.873   -6.685  1.00 25.75  ? 35  LEU A CG  1 
ATOM   264  C CD1 . LEU A 1 35 ? 7.337   1.414   -5.987  1.00 22.52  ? 35  LEU A CD1 1 
ATOM   265  C CD2 . LEU A 1 35 ? 9.823   1.198   -6.070  1.00 21.04  ? 35  LEU A CD2 1 
ATOM   266  N N   . LYS A 1 36 ? 8.641   2.135   -11.344 1.00 36.25  ? 36  LYS A N   1 
ATOM   267  C CA  . LYS A 1 36 ? 8.688   1.711   -12.756 1.00 37.26  ? 36  LYS A CA  1 
ATOM   268  C C   . LYS A 1 36 ? 9.908   2.248   -13.517 1.00 38.69  ? 36  LYS A C   1 
ATOM   269  O O   . LYS A 1 36 ? 10.599  1.485   -14.196 1.00 40.90  ? 36  LYS A O   1 
ATOM   270  C CB  . LYS A 1 36 ? 7.386   2.078   -13.487 1.00 34.57  ? 36  LYS A CB  1 
ATOM   271  C CG  . LYS A 1 36 ? 6.195   1.232   -13.057 1.00 36.18  ? 36  LYS A CG  1 
ATOM   272  C CD  . LYS A 1 36 ? 4.841   1.780   -13.508 1.00 37.50  ? 36  LYS A CD  1 
ATOM   273  C CE  . LYS A 1 36 ? 4.619   1.672   -15.014 1.00 50.46  ? 36  LYS A CE  1 
ATOM   274  N NZ  . LYS A 1 36 ? 3.170   1.844   -15.373 1.00 54.61  ? 36  LYS A NZ  1 
ATOM   275  N N   . HIS A 1 37 ? 10.175  3.550   -13.396 1.00 33.47  ? 37  HIS A N   1 
ATOM   276  C CA  . HIS A 1 37 ? 11.342  4.167   -14.034 1.00 32.81  ? 37  HIS A CA  1 
ATOM   277  C C   . HIS A 1 37 ? 12.633  3.512   -13.553 1.00 34.95  ? 37  HIS A C   1 
ATOM   278  O O   . HIS A 1 37 ? 13.563  3.291   -14.324 1.00 39.44  ? 37  HIS A O   1 
ATOM   279  C CB  . HIS A 1 37 ? 11.372  5.686   -13.768 1.00 37.44  ? 37  HIS A CB  1 
ATOM   280  C CG  . HIS A 1 37 ? 12.638  6.360   -14.221 1.00 44.69  ? 37  HIS A CG  1 
ATOM   281  N ND1 . HIS A 1 37 ? 13.802  6.346   -13.479 1.00 47.08  ? 37  HIS A ND1 1 
ATOM   282  C CD2 . HIS A 1 37 ? 12.921  7.065   -15.344 1.00 40.82  ? 37  HIS A CD2 1 
ATOM   283  C CE1 . HIS A 1 37 ? 14.750  7.003   -14.127 1.00 38.65  ? 37  HIS A CE1 1 
ATOM   284  N NE2 . HIS A 1 37 ? 14.240  7.450   -15.261 1.00 39.84  ? 37  HIS A NE2 1 
ATOM   285  N N   . GLU A 1 38 ? 12.685  3.194   -12.269 1.00 30.42  ? 38  GLU A N   1 
ATOM   286  C CA  . GLU A 1 38 ? 13.887  2.632   -11.695 1.00 33.42  ? 38  GLU A CA  1 
ATOM   287  C C   . GLU A 1 38 ? 14.073  1.177   -12.123 1.00 38.02  ? 38  GLU A C   1 
ATOM   288  O O   . GLU A 1 38 ? 15.205  0.700   -12.255 1.00 39.86  ? 38  GLU A O   1 
ATOM   289  C CB  . GLU A 1 38 ? 13.858  2.773   -10.171 1.00 30.13  ? 38  GLU A CB  1 
ATOM   290  C CG  . GLU A 1 38 ? 14.882  1.924   -9.452  1.00 32.25  ? 38  GLU A CG  1 
ATOM   291  C CD  . GLU A 1 38 ? 16.316  2.326   -9.741  1.00 35.15  ? 38  GLU A CD  1 
ATOM   292  O OE1 . GLU A 1 38 ? 16.569  3.516   -10.010 1.00 38.05  ? 38  GLU A OE1 1 
ATOM   293  O OE2 . GLU A 1 38 ? 17.201  1.451   -9.678  1.00 34.98  ? 38  GLU A OE2 1 
ATOM   294  N N   . CYS A 1 39 ? 12.965  0.474   -12.349 1.00 43.87  ? 39  CYS A N   1 
ATOM   295  C CA  . CYS A 1 39 ? 13.015  -0.898  -12.878 1.00 41.86  ? 39  CYS A CA  1 
ATOM   296  C C   . CYS A 1 39 ? 13.707  -0.967  -14.228 1.00 41.15  ? 39  CYS A C   1 
ATOM   297  O O   . CYS A 1 39 ? 14.436  -1.917  -14.519 1.00 37.34  ? 39  CYS A O   1 
ATOM   298  C CB  . CYS A 1 39 ? 11.613  -1.473  -13.025 1.00 35.40  ? 39  CYS A CB  1 
ATOM   299  S SG  . CYS A 1 39 ? 10.901  -1.967  -11.479 1.00 33.99  ? 39  CYS A SG  1 
ATOM   300  N N   . LYS A 1 40 ? 13.476  0.058   -15.040 1.00 39.41  ? 40  LYS A N   1 
ATOM   301  C CA  . LYS A 1 40 ? 13.984  0.093   -16.403 1.00 39.97  ? 40  LYS A CA  1 
ATOM   302  C C   . LYS A 1 40 ? 15.455  0.487   -16.521 1.00 40.09  ? 40  LYS A C   1 
ATOM   303  O O   . LYS A 1 40 ? 15.984  0.514   -17.615 1.00 46.33  ? 40  LYS A O   1 
ATOM   304  C CB  . LYS A 1 40 ? 13.105  1.003   -17.264 1.00 37.97  ? 40  LYS A CB  1 
ATOM   305  C CG  . LYS A 1 40 ? 11.631  0.627   -17.194 1.00 38.60  ? 40  LYS A CG  1 
ATOM   306  C CD  . LYS A 1 40 ? 10.737  1.566   -17.973 1.00 40.12  ? 40  LYS A CD  1 
ATOM   307  C CE  . LYS A 1 40 ? 9.263   1.309   -17.635 1.00 43.30  ? 40  LYS A CE  1 
ATOM   308  N NZ  . LYS A 1 40 ? 8.336   2.263   -18.323 1.00 39.65  ? 40  LYS A NZ  1 
ATOM   309  N N   . ARG A 1 41 ? 16.117  0.779   -15.408 1.00 51.54  ? 41  ARG A N   1 
ATOM   310  C CA  . ARG A 1 41 ? 17.560  1.008   -15.427 1.00 49.51  ? 41  ARG A CA  1 
ATOM   311  C C   . ARG A 1 41 ? 18.338  -0.314  -15.421 1.00 56.06  ? 41  ARG A C   1 
ATOM   312  O O   . ARG A 1 41 ? 19.553  -0.319  -15.585 1.00 62.74  ? 41  ARG A O   1 
ATOM   313  C CB  . ARG A 1 41 ? 18.005  1.854   -14.223 1.00 54.65  ? 41  ARG A CB  1 
ATOM   314  C CG  . ARG A 1 41 ? 17.645  3.350   -14.280 1.00 59.62  ? 41  ARG A CG  1 
ATOM   315  C CD  . ARG A 1 41 ? 18.177  4.123   -13.032 1.00 64.48  ? 41  ARG A CD  1 
ATOM   316  N NE  . ARG A 1 41 ? 19.564  3.782   -12.687 1.00 69.87  ? 41  ARG A NE  1 
ATOM   317  C CZ  . ARG A 1 41 ? 19.934  3.030   -11.647 1.00 73.59  ? 41  ARG A CZ  1 
ATOM   318  N NH1 . ARG A 1 41 ? 19.027  2.544   -10.810 1.00 66.39  ? 41  ARG A NH1 1 
ATOM   319  N NH2 . ARG A 1 41 ? 21.220  2.767   -11.427 1.00 69.20  ? 41  ARG A NH2 1 
ATOM   320  N N   . HIS A 1 42 ? 17.646  -1.433  -15.215 1.00 52.31  ? 42  HIS A N   1 
ATOM   321  C CA  . HIS A 1 42 ? 18.312  -2.733  -15.090 1.00 54.19  ? 42  HIS A CA  1 
ATOM   322  C C   . HIS A 1 42 ? 17.847  -3.747  -16.140 1.00 54.58  ? 42  HIS A C   1 
ATOM   323  O O   . HIS A 1 42 ? 16.781  -4.352  -15.997 1.00 55.41  ? 42  HIS A O   1 
ATOM   324  C CB  . HIS A 1 42 ? 18.090  -3.318  -13.693 1.00 49.01  ? 42  HIS A CB  1 
ATOM   325  C CG  . HIS A 1 42 ? 18.384  -2.364  -12.580 1.00 55.30  ? 42  HIS A CG  1 
ATOM   326  N ND1 . HIS A 1 42 ? 17.430  -1.521  -12.048 1.00 58.69  ? 42  HIS A ND1 1 
ATOM   327  C CD2 . HIS A 1 42 ? 19.525  -2.121  -11.889 1.00 57.52  ? 42  HIS A CD2 1 
ATOM   328  C CE1 . HIS A 1 42 ? 17.970  -0.802  -11.079 1.00 53.34  ? 42  HIS A CE1 1 
ATOM   329  N NE2 . HIS A 1 42 ? 19.240  -1.145  -10.964 1.00 54.18  ? 42  HIS A NE2 1 
ATOM   330  N N   . PHE A 1 43 ? 18.662  -3.951  -17.172 1.00 58.03  ? 43  PHE A N   1 
ATOM   331  C CA  . PHE A 1 43 ? 18.276  -4.780  -18.319 1.00 58.53  ? 43  PHE A CA  1 
ATOM   332  C C   . PHE A 1 43 ? 17.632  -6.104  -17.919 1.00 56.46  ? 43  PHE A C   1 
ATOM   333  O O   . PHE A 1 43 ? 16.499  -6.394  -18.302 1.00 59.48  ? 43  PHE A O   1 
ATOM   334  C CB  . PHE A 1 43 ? 19.478  -5.027  -19.245 1.00 56.40  ? 43  PHE A CB  1 
ATOM   335  N N   . ASN A 1 44 ? 18.355  -6.898  -17.141 1.00 52.02  ? 44  ASN A N   1 
ATOM   336  C CA  . ASN A 1 44 ? 17.926  -8.251  -16.815 1.00 47.53  ? 44  ASN A CA  1 
ATOM   337  C C   . ASN A 1 44 ? 16.833  -8.317  -15.764 1.00 52.19  ? 44  ASN A C   1 
ATOM   338  O O   . ASN A 1 44 ? 16.268  -9.375  -15.501 1.00 57.35  ? 44  ASN A O   1 
ATOM   339  C CB  . ASN A 1 44 ? 19.125  -9.067  -16.338 1.00 58.17  ? 44  ASN A CB  1 
ATOM   340  C CG  . ASN A 1 44 ? 20.152  -9.281  -17.431 1.00 62.84  ? 44  ASN A CG  1 
ATOM   341  O OD1 . ASN A 1 44 ? 19.797  -9.448  -18.601 1.00 56.63  ? 44  ASN A OD1 1 
ATOM   342  N ND2 . ASN A 1 44 ? 21.434  -9.277  -17.058 1.00 56.69  ? 44  ASN A ND2 1 
ATOM   343  N N   . TYR A 1 45 ? 16.528  -7.185  -15.159 1.00 43.43  ? 45  TYR A N   1 
ATOM   344  C CA  . TYR A 1 45 ? 15.663  -7.187  -13.998 1.00 37.07  ? 45  TYR A CA  1 
ATOM   345  C C   . TYR A 1 45 ? 14.343  -6.510  -14.321 1.00 40.32  ? 45  TYR A C   1 
ATOM   346  O O   . TYR A 1 45 ? 13.374  -6.666  -13.586 1.00 40.23  ? 45  TYR A O   1 
ATOM   347  C CB  . TYR A 1 45 ? 16.381  -6.469  -12.860 1.00 37.90  ? 45  TYR A CB  1 
ATOM   348  C CG  . TYR A 1 45 ? 15.678  -6.469  -11.538 1.00 35.33  ? 45  TYR A CG  1 
ATOM   349  C CD1 . TYR A 1 45 ? 15.538  -5.296  -10.805 1.00 34.95  ? 45  TYR A CD1 1 
ATOM   350  C CD2 . TYR A 1 45 ? 15.164  -7.646  -11.003 1.00 33.68  ? 45  TYR A CD2 1 
ATOM   351  C CE1 . TYR A 1 45 ? 14.900  -5.303  -9.566  1.00 36.01  ? 45  TYR A CE1 1 
ATOM   352  C CE2 . TYR A 1 45 ? 14.524  -7.658  -9.782  1.00 28.04  ? 45  TYR A CE2 1 
ATOM   353  C CZ  . TYR A 1 45 ? 14.397  -6.489  -9.066  1.00 32.66  ? 45  TYR A CZ  1 
ATOM   354  O OH  . TYR A 1 45 ? 13.755  -6.509  -7.860  1.00 31.70  ? 45  TYR A OH  1 
ATOM   355  N N   . ARG A 1 46 ? 14.317  -5.756  -15.421 1.00 40.60  ? 46  ARG A N   1 
ATOM   356  C CA  . ARG A 1 46 ? 13.135  -4.999  -15.833 1.00 36.96  ? 46  ARG A CA  1 
ATOM   357  C C   . ARG A 1 46 ? 11.824  -5.763  -15.642 1.00 38.24  ? 46  ARG A C   1 
ATOM   358  O O   . ARG A 1 46 ? 10.911  -5.304  -14.965 1.00 40.73  ? 46  ARG A O   1 
ATOM   359  C CB  . ARG A 1 46 ? 13.268  -4.579  -17.297 1.00 40.10  ? 46  ARG A CB  1 
ATOM   360  C CG  . ARG A 1 46 ? 12.154  -3.667  -17.823 1.00 44.61  ? 46  ARG A CG  1 
ATOM   361  C CD  . ARG A 1 46 ? 12.224  -3.528  -19.352 1.00 45.93  ? 46  ARG A CD  1 
ATOM   362  N NE  . ARG A 1 46 ? 11.401  -2.437  -19.883 1.00 50.01  ? 46  ARG A NE  1 
ATOM   363  C CZ  . ARG A 1 46 ? 10.079  -2.496  -20.054 1.00 51.68  ? 46  ARG A CZ  1 
ATOM   364  N NH1 . ARG A 1 46 ? 9.410   -3.591  -19.720 1.00 51.80  ? 46  ARG A NH1 1 
ATOM   365  N NH2 . ARG A 1 46 ? 9.417   -1.454  -20.550 1.00 47.33  ? 46  ARG A NH2 1 
ATOM   366  N N   . ARG A 1 47 ? 11.727  -6.935  -16.245 1.00 48.35  ? 47  ARG A N   1 
ATOM   367  C CA  . ARG A 1 47 ? 10.455  -7.643  -16.275 1.00 50.33  ? 47  ARG A CA  1 
ATOM   368  C C   . ARG A 1 47 ? 9.978   -8.057  -14.894 1.00 45.04  ? 47  ARG A C   1 
ATOM   369  O O   . ARG A 1 47 ? 8.819   -7.853  -14.535 1.00 43.79  ? 47  ARG A O   1 
ATOM   370  C CB  . ARG A 1 47 ? 10.561  -8.863  -17.182 1.00 52.94  ? 47  ARG A CB  1 
ATOM   371  C CG  . ARG A 1 47 ? 9.715   -8.766  -18.429 1.00 58.68  ? 47  ARG A CG  1 
ATOM   372  C CD  . ARG A 1 47 ? 8.632   -9.828  -18.382 1.00 65.38  ? 47  ARG A CD  1 
ATOM   373  N NE  . ARG A 1 47 ? 9.198   -11.153 -18.139 1.00 55.59  ? 47  ARG A NE  1 
ATOM   374  C CZ  . ARG A 1 47 ? 8.492   -12.278 -18.153 1.00 57.19  ? 47  ARG A CZ  1 
ATOM   375  N NH1 . ARG A 1 47 ? 7.183   -12.254 -18.388 1.00 54.44  ? 47  ARG A NH1 1 
ATOM   376  N NH2 . ARG A 1 47 ? 9.102   -13.432 -17.930 1.00 60.76  ? 47  ARG A NH2 1 
ATOM   377  N N   . ARG A 1 48 ? 10.883  -8.654  -14.132 1.00 33.66  ? 48  ARG A N   1 
ATOM   378  C CA  . ARG A 1 48 ? 10.566  -9.113  -12.794 1.00 32.25  ? 48  ARG A CA  1 
ATOM   379  C C   . ARG A 1 48 ? 10.281  -7.946  -11.845 1.00 31.52  ? 48  ARG A C   1 
ATOM   380  O O   . ARG A 1 48 ? 9.330   -7.976  -11.054 1.00 29.66  ? 48  ARG A O   1 
ATOM   381  C CB  . ARG A 1 48 ? 11.717  -9.957  -12.244 1.00 36.03  ? 48  ARG A CB  1 
ATOM   382  C CG  . ARG A 1 48 ? 11.373  -10.634 -10.929 1.00 24.44  ? 48  ARG A CG  1 
ATOM   383  C CD  . ARG A 1 48 ? 12.582  -11.157 -10.229 1.00 21.57  ? 48  ARG A CD  1 
ATOM   384  N NE  . ARG A 1 48 ? 12.165  -11.881 -9.036  1.00 31.23  ? 48  ARG A NE  1 
ATOM   385  C CZ  . ARG A 1 48 ? 11.856  -13.175 -9.018  1.00 30.74  ? 48  ARG A CZ  1 
ATOM   386  N NH1 . ARG A 1 48 ? 11.933  -13.906 -10.127 1.00 28.93  ? 48  ARG A NH1 1 
ATOM   387  N NH2 . ARG A 1 48 ? 11.476  -13.740 -7.892  1.00 31.77  ? 48  ARG A NH2 1 
ATOM   388  N N   . CYS A 1 49 ? 11.126  -6.929  -11.926 1.00 30.25  ? 49  CYS A N   1 
ATOM   389  C CA  . CYS A 1 49 ? 10.999  -5.750  -11.102 1.00 27.59  ? 49  CYS A CA  1 
ATOM   390  C C   . CYS A 1 49 ? 9.603   -5.184  -11.276 1.00 30.35  ? 49  CYS A C   1 
ATOM   391  O O   . CYS A 1 49 ? 8.877   -4.956  -10.311 1.00 29.70  ? 49  CYS A O   1 
ATOM   392  C CB  . CYS A 1 49 ? 12.041  -4.735  -11.554 1.00 33.87  ? 49  CYS A CB  1 
ATOM   393  S SG  . CYS A 1 49 ? 12.208  -3.234  -10.553 1.00 29.97  ? 49  CYS A SG  1 
ATOM   394  N N   . LEU A 1 50 ? 9.227   -4.982  -12.530 1.00 34.05  ? 50  LEU A N   1 
ATOM   395  C CA  . LEU A 1 50 ? 7.977   -4.313  -12.875 1.00 32.00  ? 50  LEU A CA  1 
ATOM   396  C C   . LEU A 1 50 ? 6.748   -4.989  -12.284 1.00 31.84  ? 50  LEU A C   1 
ATOM   397  O O   . LEU A 1 50 ? 5.809   -4.315  -11.857 1.00 32.86  ? 50  LEU A O   1 
ATOM   398  C CB  . LEU A 1 50 ? 7.854   -4.192  -14.403 1.00 29.90  ? 50  LEU A CB  1 
ATOM   399  C CG  . LEU A 1 50 ? 8.714   -3.110  -15.071 1.00 29.23  ? 50  LEU A CG  1 
ATOM   400  C CD1 . LEU A 1 50 ? 8.761   -3.304  -16.563 1.00 32.36  ? 50  LEU A CD1 1 
ATOM   401  C CD2 . LEU A 1 50 ? 8.208   -1.700  -14.736 1.00 27.86  ? 50  LEU A CD2 1 
ATOM   402  N N   . LEU A 1 51 ? 6.759   -6.318  -12.268 1.00 36.47  ? 51  LEU A N   1 
ATOM   403  C CA  . LEU A 1 51 ? 5.663   -7.099  -11.701 1.00 33.92  ? 51  LEU A CA  1 
ATOM   404  C C   . LEU A 1 51 ? 5.703   -7.083  -10.193 1.00 33.34  ? 51  LEU A C   1 
ATOM   405  O O   . LEU A 1 51 ? 4.668   -7.193  -9.534  1.00 34.73  ? 51  LEU A O   1 
ATOM   406  C CB  . LEU A 1 51 ? 5.733   -8.547  -12.186 1.00 36.42  ? 51  LEU A CB  1 
ATOM   407  C CG  . LEU A 1 51 ? 5.325   -8.729  -13.644 1.00 40.86  ? 51  LEU A CG  1 
ATOM   408  C CD1 . LEU A 1 51 ? 6.082   -9.870  -14.275 1.00 38.80  ? 51  LEU A CD1 1 
ATOM   409  C CD2 . LEU A 1 51 ? 3.822   -8.929  -13.746 1.00 43.68  ? 51  LEU A CD2 1 
ATOM   410  N N   . LEU A 1 52 ? 6.912   -6.971  -9.654  1.00 27.22  ? 52  LEU A N   1 
ATOM   411  C CA  . LEU A 1 52 ? 7.110   -6.940  -8.216  1.00 26.85  ? 52  LEU A CA  1 
ATOM   412  C C   . LEU A 1 52 ? 6.508   -5.669  -7.655  1.00 30.51  ? 52  LEU A C   1 
ATOM   413  O O   . LEU A 1 52 ? 5.747   -5.711  -6.682  1.00 28.30  ? 52  LEU A O   1 
ATOM   414  C CB  . LEU A 1 52 ? 8.592   -6.960  -7.894  1.00 30.86  ? 52  LEU A CB  1 
ATOM   415  C CG  . LEU A 1 52 ? 9.089   -7.887  -6.792  1.00 30.32  ? 52  LEU A CG  1 
ATOM   416  C CD1 . LEU A 1 52 ? 10.358  -7.276  -6.226  1.00 29.04  ? 52  LEU A CD1 1 
ATOM   417  C CD2 . LEU A 1 52 ? 8.026   -8.085  -5.718  1.00 25.68  ? 52  LEU A CD2 1 
ATOM   418  N N   . MET A 1 53 ? 6.854   -4.537  -8.266  1.00 27.31  ? 53  MET A N   1 
ATOM   419  C CA  . MET A 1 53 ? 6.333   -3.253  -7.812  1.00 30.95  ? 53  MET A CA  1 
ATOM   420  C C   . MET A 1 53 ? 4.824   -3.197  -8.048  1.00 31.16  ? 53  MET A C   1 
ATOM   421  O O   . MET A 1 53 ? 4.091   -2.580  -7.273  1.00 31.12  ? 53  MET A O   1 
ATOM   422  C CB  . MET A 1 53 ? 7.036   -2.067  -8.504  1.00 31.12  ? 53  MET A CB  1 
ATOM   423  C CG  . MET A 1 53 ? 8.559   -2.141  -8.517  1.00 30.28  ? 53  MET A CG  1 
ATOM   424  S SD  . MET A 1 53 ? 9.241   -2.382  -6.882  1.00 37.98  ? 53  MET A SD  1 
ATOM   425  C CE  . MET A 1 53 ? 10.929  -2.886  -7.201  1.00 27.12  ? 53  MET A CE  1 
ATOM   426  N N   . LYS A 1 54 ? 4.353   -3.844  -9.110  1.00 30.24  ? 54  LYS A N   1 
ATOM   427  C CA  . LYS A 1 54 ? 2.935   -3.790  -9.429  1.00 30.04  ? 54  LYS A CA  1 
ATOM   428  C C   . LYS A 1 54 ? 2.136   -4.443  -8.324  1.00 34.37  ? 54  LYS A C   1 
ATOM   429  O O   . LYS A 1 54 ? 1.192   -3.862  -7.803  1.00 41.05  ? 54  LYS A O   1 
ATOM   430  C CB  . LYS A 1 54 ? 2.625   -4.477  -10.752 1.00 32.48  ? 54  LYS A CB  1 
ATOM   431  C CG  . LYS A 1 54 ? 1.153   -4.375  -11.121 1.00 37.22  ? 54  LYS A CG  1 
ATOM   432  C CD  . LYS A 1 54 ? 0.722   -5.378  -12.199 1.00 47.30  ? 54  LYS A CD  1 
ATOM   433  C CE  . LYS A 1 54 ? 0.518   -6.775  -11.637 1.00 42.89  ? 54  LYS A CE  1 
ATOM   434  N NZ  . LYS A 1 54 ? -0.397  -7.579  -12.496 1.00 51.75  ? 54  LYS A NZ  1 
ATOM   435  N N   . VAL A 1 55 ? 2.525   -5.659  -7.965  1.00 29.96  ? 55  VAL A N   1 
ATOM   436  C CA  . VAL A 1 55 ? 1.797   -6.425  -6.975  1.00 30.07  ? 55  VAL A CA  1 
ATOM   437  C C   . VAL A 1 55 ? 1.937   -5.807  -5.589  1.00 33.82  ? 55  VAL A C   1 
ATOM   438  O O   . VAL A 1 55 ? 0.966   -5.745  -4.834  1.00 35.05  ? 55  VAL A O   1 
ATOM   439  C CB  . VAL A 1 55 ? 2.307   -7.877  -6.920  1.00 33.27  ? 55  VAL A CB  1 
ATOM   440  C CG1 . VAL A 1 55 ? 1.529   -8.675  -5.889  1.00 31.07  ? 55  VAL A CG1 1 
ATOM   441  C CG2 . VAL A 1 55 ? 2.193   -8.521  -8.278  1.00 31.59  ? 55  VAL A CG2 1 
ATOM   442  N N   . ASN A 1 56 ? 3.140   -5.334  -5.267  1.00 32.57  ? 56  ASN A N   1 
ATOM   443  C CA  . ASN A 1 56 ? 3.471   -4.955  -3.894  1.00 30.53  ? 56  ASN A CA  1 
ATOM   444  C C   . ASN A 1 56 ? 3.640   -3.482  -3.605  1.00 29.86  ? 56  ASN A C   1 
ATOM   445  O O   . ASN A 1 56 ? 4.238   -3.140  -2.587  1.00 31.80  ? 56  ASN A O   1 
ATOM   446  C CB  . ASN A 1 56 ? 4.750   -5.662  -3.440  1.00 30.95  ? 56  ASN A CB  1 
ATOM   447  C CG  . ASN A 1 56 ? 4.595   -7.146  -3.397  1.00 32.18  ? 56  ASN A CG  1 
ATOM   448  O OD1 . ASN A 1 56 ? 3.952   -7.680  -2.493  1.00 34.72  ? 56  ASN A OD1 1 
ATOM   449  N ND2 . ASN A 1 56 ? 5.173   -7.835  -4.376  1.00 29.70  ? 56  ASN A ND2 1 
ATOM   450  N N   . SER A 1 57 ? 3.145   -2.608  -4.478  1.00 33.63  ? 57  SER A N   1 
ATOM   451  C CA  . SER A 1 57 ? 3.398   -1.172  -4.306  1.00 29.68  ? 57  SER A CA  1 
ATOM   452  C C   . SER A 1 57 ? 2.798   -0.638  -3.009  1.00 30.13  ? 57  SER A C   1 
ATOM   453  O O   . SER A 1 57 ? 3.311   0.316   -2.447  1.00 33.26  ? 57  SER A O   1 
ATOM   454  C CB  . SER A 1 57 ? 2.944   -0.342  -5.523  1.00 28.69  ? 57  SER A CB  1 
ATOM   455  O OG  . SER A 1 57 ? 1.531   -0.283  -5.681  1.00 29.66  ? 57  SER A OG  1 
ATOM   456  N N   . ASP A 1 58 ? 1.719   -1.260  -2.541  1.00 29.83  ? 58  ASP A N   1 
ATOM   457  C CA  . ASP A 1 58 ? 1.087   -0.857  -1.289  1.00 26.44  ? 58  ASP A CA  1 
ATOM   458  C C   . ASP A 1 58 ? 1.973   -1.178  -0.098  1.00 28.48  ? 58  ASP A C   1 
ATOM   459  O O   . ASP A 1 58 ? 2.127   -0.366  0.803   1.00 31.65  ? 58  ASP A O   1 
ATOM   460  C CB  . ASP A 1 58 ? -0.307  -1.482  -1.131  1.00 30.41  ? 58  ASP A CB  1 
ATOM   461  C CG  . ASP A 1 58 ? -0.305  -3.021  -1.242  1.00 35.02  ? 58  ASP A CG  1 
ATOM   462  O OD1 . ASP A 1 58 ? 0.751   -3.638  -1.504  1.00 31.08  ? 58  ASP A OD1 1 
ATOM   463  O OD2 . ASP A 1 58 ? -1.389  -3.618  -1.070  1.00 32.15  ? 58  ASP A OD2 1 
ATOM   464  N N   . LEU A 1 59 ? 2.575   -2.358  -0.102  1.00 29.29  ? 59  LEU A N   1 
ATOM   465  C CA  . LEU A 1 59 ? 3.494   -2.727  0.961   1.00 25.58  ? 59  LEU A CA  1 
ATOM   466  C C   . LEU A 1 59 ? 4.739   -1.845  0.916   1.00 29.89  ? 59  LEU A C   1 
ATOM   467  O O   . LEU A 1 59 ? 5.187   -1.354  1.946   1.00 33.53  ? 59  LEU A O   1 
ATOM   468  C CB  . LEU A 1 59 ? 3.885   -4.191  0.850   1.00 27.77  ? 59  LEU A CB  1 
ATOM   469  C CG  . LEU A 1 59 ? 4.995   -4.646  1.798   1.00 29.99  ? 59  LEU A CG  1 
ATOM   470  C CD1 . LEU A 1 59 ? 4.415   -5.144  3.122   1.00 26.82  ? 59  LEU A CD1 1 
ATOM   471  C CD2 . LEU A 1 59 ? 5.845   -5.725  1.125   1.00 26.58  ? 59  LEU A CD2 1 
ATOM   472  N N   . ILE A 1 60 ? 5.295   -1.627  -0.274  1.00 30.47  ? 60  ILE A N   1 
ATOM   473  C CA  . ILE A 1 60 ? 6.451   -0.738  -0.407  1.00 29.45  ? 60  ILE A CA  1 
ATOM   474  C C   . ILE A 1 60 ? 6.138   0.705   -0.007  1.00 29.73  ? 60  ILE A C   1 
ATOM   475  O O   . ILE A 1 60 ? 6.958   1.366   0.604   1.00 34.89  ? 60  ILE A O   1 
ATOM   476  C CB  . ILE A 1 60 ? 7.021   -0.765  -1.829  1.00 28.74  ? 60  ILE A CB  1 
ATOM   477  C CG1 . ILE A 1 60 ? 7.339   -2.199  -2.215  1.00 27.39  ? 60  ILE A CG1 1 
ATOM   478  C CG2 . ILE A 1 60 ? 8.267   0.095   -1.925  1.00 27.06  ? 60  ILE A CG2 1 
ATOM   479  C CD1 . ILE A 1 60 ? 7.489   -2.395  -3.710  1.00 36.48  ? 60  ILE A CD1 1 
ATOM   480  N N   . PHE A 1 61 ? 4.950   1.189   -0.345  1.00 27.20  ? 61  PHE A N   1 
ATOM   481  C CA  . PHE A 1 61 ? 4.553   2.542   -0.002  1.00 26.36  ? 61  PHE A CA  1 
ATOM   482  C C   . PHE A 1 61 ? 4.469   2.675   1.497   1.00 29.90  ? 61  PHE A C   1 
ATOM   483  O O   . PHE A 1 61 ? 5.067   3.575   2.078   1.00 33.98  ? 61  PHE A O   1 
ATOM   484  C CB  . PHE A 1 61 ? 3.209   2.881   -0.631  1.00 29.22  ? 61  PHE A CB  1 
ATOM   485  C CG  . PHE A 1 61 ? 2.685   4.249   -0.271  1.00 29.51  ? 61  PHE A CG  1 
ATOM   486  C CD1 . PHE A 1 61 ? 3.206   5.394   -0.874  1.00 32.04  ? 61  PHE A CD1 1 
ATOM   487  C CD2 . PHE A 1 61 ? 1.639   4.391   0.631   1.00 29.48  ? 61  PHE A CD2 1 
ATOM   488  C CE1 . PHE A 1 61 ? 2.704   6.670   -0.557  1.00 30.48  ? 61  PHE A CE1 1 
ATOM   489  C CE2 . PHE A 1 61 ? 1.124   5.656   0.947   1.00 32.05  ? 61  PHE A CE2 1 
ATOM   490  C CZ  . PHE A 1 61 ? 1.662   6.797   0.355   1.00 31.01  ? 61  PHE A CZ  1 
ATOM   491  N N   . ARG A 1 62 ? 3.736   1.765   2.126   1.00 33.28  ? 62  ARG A N   1 
ATOM   492  C CA  . ARG A 1 62 ? 3.579   1.779   3.578   1.00 29.84  ? 62  ARG A CA  1 
ATOM   493  C C   . ARG A 1 62 ? 4.913   1.756   4.304   1.00 31.86  ? 62  ARG A C   1 
ATOM   494  O O   . ARG A 1 62 ? 5.133   2.557   5.200   1.00 34.50  ? 62  ARG A O   1 
ATOM   495  C CB  . ARG A 1 62 ? 2.749   0.592   4.032   1.00 30.46  ? 62  ARG A CB  1 
ATOM   496  C CG  . ARG A 1 62 ? 2.504   0.545   5.515   1.00 29.72  ? 62  ARG A CG  1 
ATOM   497  C CD  . ARG A 1 62 ? 1.812   -0.748  5.874   1.00 33.05  ? 62  ARG A CD  1 
ATOM   498  N NE  . ARG A 1 62 ? 2.747   -1.871  5.867   1.00 33.03  ? 62  ARG A NE  1 
ATOM   499  C CZ  . ARG A 1 62 ? 2.396   -3.150  5.919   1.00 30.05  ? 62  ARG A CZ  1 
ATOM   500  N NH1 . ARG A 1 62 ? 1.120   -3.513  5.968   1.00 31.88  ? 62  ARG A NH1 1 
ATOM   501  N NH2 . ARG A 1 62 ? 3.330   -4.072  5.914   1.00 30.00  ? 62  ARG A NH2 1 
ATOM   502  N N   . GLU A 1 63 ? 5.802   0.849   3.916   1.00 30.78  ? 63  GLU A N   1 
ATOM   503  C CA  . GLU A 1 63 ? 7.076   0.692   4.616   1.00 36.16  ? 63  GLU A CA  1 
ATOM   504  C C   . GLU A 1 63 ? 7.998   1.886   4.423   1.00 36.00  ? 63  GLU A C   1 
ATOM   505  O O   . GLU A 1 63 ? 8.776   2.239   5.307   1.00 40.16  ? 63  GLU A O   1 
ATOM   506  C CB  . GLU A 1 63 ? 7.796   -0.576  4.161   1.00 33.82  ? 63  GLU A CB  1 
ATOM   507  C CG  . GLU A 1 63 ? 7.056   -1.841  4.476   1.00 32.73  ? 63  GLU A CG  1 
ATOM   508  C CD  . GLU A 1 63 ? 6.907   -2.065  5.955   1.00 37.20  ? 63  GLU A CD  1 
ATOM   509  O OE1 . GLU A 1 63 ? 7.931   -2.009  6.659   1.00 39.78  ? 63  GLU A OE1 1 
ATOM   510  O OE2 . GLU A 1 63 ? 5.769   -2.296  6.413   1.00 38.01  ? 63  GLU A OE2 1 
ATOM   511  N N   . MET A 1 64 ? 7.919   2.493   3.252   1.00 33.25  ? 64  MET A N   1 
ATOM   512  C CA  . MET A 1 64 ? 8.760   3.626   2.934   1.00 31.63  ? 64  MET A CA  1 
ATOM   513  C C   . MET A 1 64 ? 8.349   4.858   3.726   1.00 35.01  ? 64  MET A C   1 
ATOM   514  O O   . MET A 1 64 ? 9.206   5.611   4.177   1.00 41.23  ? 64  MET A O   1 
ATOM   515  C CB  . MET A 1 64 ? 8.694   3.923   1.441   1.00 30.08  ? 64  MET A CB  1 
ATOM   516  C CG  . MET A 1 64 ? 9.792   3.292   0.627   1.00 28.09  ? 64  MET A CG  1 
ATOM   517  S SD  . MET A 1 64 ? 9.779   3.877   -1.092  1.00 29.98  ? 64  MET A SD  1 
ATOM   518  C CE  . MET A 1 64 ? 10.845  2.643   -1.836  1.00 26.17  ? 64  MET A CE  1 
ATOM   519  N N   . THR A 1 65 ? 7.042   5.054   3.895   1.00 37.02  ? 65  THR A N   1 
ATOM   520  C CA  . THR A 1 65 ? 6.507   6.277   4.499   1.00 39.91  ? 65  THR A CA  1 
ATOM   521  C C   . THR A 1 65 ? 6.390   6.233   6.036   1.00 43.99  ? 65  THR A C   1 
ATOM   522  O O   . THR A 1 65 ? 6.064   7.244   6.680   1.00 44.27  ? 65  THR A O   1 
ATOM   523  C CB  . THR A 1 65 ? 5.135   6.647   3.889   1.00 34.03  ? 65  THR A CB  1 
ATOM   524  O OG1 . THR A 1 65 ? 4.211   5.577   4.090   1.00 35.92  ? 65  THR A OG1 1 
ATOM   525  C CG2 . THR A 1 65 ? 5.268   6.907   2.424   1.00 38.51  ? 65  THR A CG2 1 
ATOM   526  N N   . ASP A 1 66 ? 6.652   5.057   6.604   1.00 39.57  ? 66  ASP A N   1 
ATOM   527  C CA  . ASP A 1 66 ? 6.645   4.833   8.048   1.00 34.17  ? 66  ASP A CA  1 
ATOM   528  C C   . ASP A 1 66 ? 7.923   5.364   8.692   1.00 39.87  ? 66  ASP A C   1 
ATOM   529  O O   . ASP A 1 66 ? 7.957   5.611   9.885   1.00 49.56  ? 66  ASP A O   1 
ATOM   530  C CB  . ASP A 1 66 ? 6.515   3.334   8.351   1.00 37.82  ? 66  ASP A CB  1 
ATOM   531  C CG  . ASP A 1 66 ? 5.070   2.877   8.497   1.00 36.32  ? 66  ASP A CG  1 
ATOM   532  O OD1 . ASP A 1 66 ? 4.836   1.743   8.957   1.00 35.56  ? 66  ASP A OD1 1 
ATOM   533  O OD2 . ASP A 1 66 ? 4.159   3.651   8.169   1.00 39.85  ? 66  ASP A OD2 1 
ATOM   534  N N   . GLY A 1 67 ? 8.983   5.524   7.911   1.00 49.37  ? 67  GLY A N   1 
ATOM   535  C CA  . GLY A 1 67 ? 10.224  6.058   8.440   1.00 51.28  ? 67  GLY A CA  1 
ATOM   536  C C   . GLY A 1 67 ? 11.225  4.974   8.784   1.00 51.94  ? 67  GLY A C   1 
ATOM   537  O O   . GLY A 1 67 ? 12.437  5.204   8.831   1.00 54.36  ? 67  GLY A O   1 
ATOM   538  N N   . SER A 1 68 ? 10.717  3.779   9.037   1.00 61.29  ? 68  SER A N   1 
ATOM   539  C CA  . SER A 1 68 ? 11.590  2.629   9.218   1.00 72.81  ? 68  SER A CA  1 
ATOM   540  C C   . SER A 1 68 ? 12.689  2.650   8.166   1.00 66.65  ? 68  SER A C   1 
ATOM   541  O O   . SER A 1 68 ? 13.882  2.630   8.463   1.00 70.42  ? 68  SER A O   1 
ATOM   542  C CB  . SER A 1 68 ? 10.778  1.327   9.079   1.00 77.29  ? 68  SER A CB  1 
ATOM   543  O OG  . SER A 1 68 ? 9.920   1.356   7.937   1.00 63.32  ? 68  SER A OG  1 
ATOM   544  N N   . PHE A 1 69 ? 12.237  2.796   6.933   1.00 51.53  ? 69  PHE A N   1 
ATOM   545  C CA  . PHE A 1 69 ? 12.834  2.149   5.780   1.00 47.10  ? 69  PHE A CA  1 
ATOM   546  C C   . PHE A 1 69 ? 14.180  1.444   5.897   1.00 46.34  ? 69  PHE A C   1 
ATOM   547  O O   . PHE A 1 69 ? 15.234  2.068   6.009   1.00 45.08  ? 69  PHE A O   1 
ATOM   548  C CB  . PHE A 1 69 ? 12.766  3.004   4.529   1.00 39.18  ? 69  PHE A CB  1 
ATOM   549  C CG  . PHE A 1 69 ? 12.592  2.191   3.306   1.00 35.86  ? 69  PHE A CG  1 
ATOM   550  C CD1 . PHE A 1 69 ? 13.477  2.287   2.256   1.00 35.80  ? 69  PHE A CD1 1 
ATOM   551  C CD2 . PHE A 1 69 ? 11.564  1.261   3.240   1.00 36.54  ? 69  PHE A CD2 1 
ATOM   552  C CE1 . PHE A 1 69 ? 13.314  1.490   1.134   1.00 33.53  ? 69  PHE A CE1 1 
ATOM   553  C CE2 . PHE A 1 69 ? 11.397  0.466   2.123   1.00 31.69  ? 69  PHE A CE2 1 
ATOM   554  C CZ  . PHE A 1 69 ? 12.272  0.580   1.076   1.00 29.34  ? 69  PHE A CZ  1 
ATOM   555  N N   . LYS A 1 70 ? 14.095  0.118   5.857   1.00 41.90  ? 70  LYS A N   1 
ATOM   556  C CA  . LYS A 1 70 ? 15.233  -0.737  5.619   1.00 41.99  ? 70  LYS A CA  1 
ATOM   557  C C   . LYS A 1 70 ? 14.849  -1.620  4.436   1.00 38.75  ? 70  LYS A C   1 
ATOM   558  O O   . LYS A 1 70 ? 14.008  -2.508  4.570   1.00 37.89  ? 70  LYS A O   1 
ATOM   559  C CB  . LYS A 1 70 ? 15.518  -1.595  6.849   1.00 52.03  ? 70  LYS A CB  1 
ATOM   560  C CG  . LYS A 1 70 ? 15.615  -0.806  8.146   1.00 51.79  ? 70  LYS A CG  1 
ATOM   561  C CD  . LYS A 1 70 ? 15.491  -1.721  9.361   1.00 58.12  ? 70  LYS A CD  1 
ATOM   562  C CE  . LYS A 1 70 ? 15.039  -0.959  10.612  1.00 65.95  ? 70  LYS A CE  1 
ATOM   563  N NZ  . LYS A 1 70 ? 13.573  -0.630  10.597  1.00 64.80  ? 70  LYS A NZ  1 
ATOM   564  N N   . PRO A 1 71 ? 15.448  -1.361  3.262   1.00 33.77  ? 71  PRO A N   1 
ATOM   565  C CA  . PRO A 1 71 ? 15.165  -2.074  2.016   1.00 33.32  ? 71  PRO A CA  1 
ATOM   566  C C   . PRO A 1 71 ? 15.184  -3.599  2.181   1.00 43.69  ? 71  PRO A C   1 
ATOM   567  O O   . PRO A 1 71 ? 14.277  -4.279  1.715   1.00 42.37  ? 71  PRO A O   1 
ATOM   568  C CB  . PRO A 1 71 ? 16.312  -1.633  1.106   1.00 33.10  ? 71  PRO A CB  1 
ATOM   569  C CG  . PRO A 1 71 ? 16.673  -0.311  1.594   1.00 31.19  ? 71  PRO A CG  1 
ATOM   570  C CD  . PRO A 1 71 ? 16.514  -0.365  3.077   1.00 36.95  ? 71  PRO A CD  1 
ATOM   571  N N   . MET A 1 72 ? 16.210  -4.123  2.841   1.00 54.18  ? 72  MET A N   1 
ATOM   572  C CA  . MET A 1 72 ? 16.366  -5.558  2.981   1.00 49.52  ? 72  MET A CA  1 
ATOM   573  C C   . MET A 1 72 ? 15.208  -6.186  3.733   1.00 49.22  ? 72  MET A C   1 
ATOM   574  O O   . MET A 1 72 ? 15.004  -7.390  3.676   1.00 56.09  ? 72  MET A O   1 
ATOM   575  C CB  . MET A 1 72 ? 17.684  -5.883  3.681   1.00 54.14  ? 72  MET A CB  1 
ATOM   576  C CG  . MET A 1 72 ? 17.628  -7.113  4.555   1.00 60.53  ? 72  MET A CG  1 
ATOM   577  S SD  . MET A 1 72 ? 18.695  -8.450  4.004   1.00 69.69  ? 72  MET A SD  1 
ATOM   578  C CE  . MET A 1 72 ? 18.273  -8.511  2.278   1.00 63.77  ? 72  MET A CE  1 
ATOM   579  N N   . GLU A 1 73 ? 14.426  -5.380  4.424   1.00 37.59  ? 73  GLU A N   1 
ATOM   580  C CA  . GLU A 1 73 ? 13.378  -5.939  5.266   1.00 38.52  ? 73  GLU A CA  1 
ATOM   581  C C   . GLU A 1 73 ? 12.122  -6.127  4.445   1.00 39.81  ? 73  GLU A C   1 
ATOM   582  O O   . GLU A 1 73 ? 11.395  -7.109  4.604   1.00 35.18  ? 73  GLU A O   1 
ATOM   583  C CB  . GLU A 1 73 ? 13.080  -4.998  6.433   1.00 46.94  ? 73  GLU A CB  1 
ATOM   584  C CG  . GLU A 1 73 ? 12.639  -5.686  7.710   1.00 58.04  ? 73  GLU A CG  1 
ATOM   585  C CD  . GLU A 1 73 ? 13.748  -5.715  8.755   1.00 71.91  ? 73  GLU A CD  1 
ATOM   586  O OE1 . GLU A 1 73 ? 13.727  -4.852  9.670   1.00 76.04  ? 73  GLU A OE1 1 
ATOM   587  O OE2 . GLU A 1 73 ? 14.639  -6.596  8.655   1.00 68.75  ? 73  GLU A OE2 1 
ATOM   588  N N   . VAL A 1 74 ? 11.859  -5.165  3.571   1.00 42.85  ? 74  VAL A N   1 
ATOM   589  C CA  . VAL A 1 74 ? 10.660  -5.206  2.756   1.00 38.66  ? 74  VAL A CA  1 
ATOM   590  C C   . VAL A 1 74 ? 10.873  -6.253  1.662   1.00 37.47  ? 74  VAL A C   1 
ATOM   591  O O   . VAL A 1 74 ? 9.925   -6.874  1.201   1.00 39.99  ? 74  VAL A O   1 
ATOM   592  C CB  . VAL A 1 74 ? 10.306  -3.789  2.210   1.00 37.67  ? 74  VAL A CB  1 
ATOM   593  C CG1 . VAL A 1 74 ? 11.496  -3.179  1.549   1.00 39.67  ? 74  VAL A CG1 1 
ATOM   594  C CG2 . VAL A 1 74 ? 9.125   -3.823  1.248   1.00 32.32  ? 74  VAL A CG2 1 
ATOM   595  N N   . CYS A 1 75 ? 12.128  -6.482  1.290   1.00 36.21  ? 75  CYS A N   1 
ATOM   596  C CA  . CYS A 1 75 ? 12.472  -7.487  0.284   1.00 38.45  ? 75  CYS A CA  1 
ATOM   597  C C   . CYS A 1 75 ? 12.395  -8.916  0.835   1.00 43.22  ? 75  CYS A C   1 
ATOM   598  O O   . CYS A 1 75 ? 12.240  -9.879  0.088   1.00 42.36  ? 75  CYS A O   1 
ATOM   599  C CB  . CYS A 1 75 ? 13.868  -7.210  -0.281  1.00 40.76  ? 75  CYS A CB  1 
ATOM   600  S SG  . CYS A 1 75 ? 13.959  -5.721  -1.314  1.00 43.59  ? 75  CYS A SG  1 
ATOM   601  N N   . LEU A 1 76 ? 12.520  -9.037  2.151   1.00 43.72  ? 76  LEU A N   1 
ATOM   602  C CA  . LEU A 1 76 ? 12.343  -10.298 2.841   1.00 36.61  ? 76  LEU A CA  1 
ATOM   603  C C   . LEU A 1 76 ? 10.863  -10.652 2.900   1.00 35.68  ? 76  LEU A C   1 
ATOM   604  O O   . LEU A 1 76 ? 10.490  -11.818 2.781   1.00 38.66  ? 76  LEU A O   1 
ATOM   605  C CB  . LEU A 1 76 ? 12.915  -10.190 4.261   1.00 38.70  ? 76  LEU A CB  1 
ATOM   606  C CG  . LEU A 1 76 ? 14.441  -10.222 4.422   1.00 43.97  ? 76  LEU A CG  1 
ATOM   607  C CD1 . LEU A 1 76 ? 14.874  -9.857  5.825   1.00 40.36  ? 76  LEU A CD1 1 
ATOM   608  C CD2 . LEU A 1 76 ? 15.011  -11.576 4.029   1.00 46.60  ? 76  LEU A CD2 1 
ATOM   609  N N   . ILE A 1 77 ? 10.025  -9.638  3.104   1.00 39.01  ? 77  ILE A N   1 
ATOM   610  C CA  . ILE A 1 77 ? 8.573   -9.820  3.205   1.00 37.35  ? 77  ILE A CA  1 
ATOM   611  C C   . ILE A 1 77 ? 7.987   -10.227 1.865   1.00 38.02  ? 77  ILE A C   1 
ATOM   612  O O   . ILE A 1 77 ? 6.973   -10.930 1.795   1.00 44.58  ? 77  ILE A O   1 
ATOM   613  C CB  . ILE A 1 77 ? 7.876   -8.530  3.661   1.00 31.72  ? 77  ILE A CB  1 
ATOM   614  C CG1 . ILE A 1 77 ? 8.383   -8.094  5.034   1.00 32.44  ? 77  ILE A CG1 1 
ATOM   615  C CG2 . ILE A 1 77 ? 6.392   -8.718  3.722   1.00 27.47  ? 77  ILE A CG2 1 
ATOM   616  C CD1 . ILE A 1 77 ? 7.947   -6.674  5.412   1.00 31.91  ? 77  ILE A CD1 1 
ATOM   617  N N   . MET A 1 78 ? 8.636   -9.770  0.802   1.00 34.27  ? 78  MET A N   1 
ATOM   618  C CA  . MET A 1 78 ? 8.235   -10.078 -0.558  1.00 30.57  ? 78  MET A CA  1 
ATOM   619  C C   . MET A 1 78 ? 8.906   -11.360 -0.996  1.00 32.39  ? 78  MET A C   1 
ATOM   620  O O   . MET A 1 78 ? 8.636   -11.875 -2.075  1.00 33.73  ? 78  MET A O   1 
ATOM   621  C CB  . MET A 1 78 ? 8.641   -8.935  -1.476  1.00 28.64  ? 78  MET A CB  1 
ATOM   622  C CG  . MET A 1 78 ? 8.023   -7.613  -1.071  1.00 30.96  ? 78  MET A CG  1 
ATOM   623  S SD  . MET A 1 78 ? 8.047   -6.372  -2.355  1.00 29.64  ? 78  MET A SD  1 
ATOM   624  C CE  . MET A 1 78 ? 9.799   -6.036  -2.495  1.00 20.59  ? 78  MET A CE  1 
ATOM   625  N N   . ARG A 1 79 ? 9.783   -11.866 -0.138  1.00 35.22  ? 79  ARG A N   1 
ATOM   626  C CA  . ARG A 1 79 ? 10.494  -13.120 -0.370  1.00 38.85  ? 79  ARG A CA  1 
ATOM   627  C C   . ARG A 1 79 ? 11.437  -13.030 -1.575  1.00 38.04  ? 79  ARG A C   1 
ATOM   628  O O   . ARG A 1 79 ? 11.775  -14.043 -2.192  1.00 38.52  ? 79  ARG A O   1 
ATOM   629  C CB  . ARG A 1 79 ? 9.515   -14.328 -0.475  1.00 30.27  ? 79  ARG A CB  1 
ATOM   630  N N   . GLU A 1 80 ? 11.870  -11.807 -1.889  1.00 39.19  ? 80  GLU A N   1 
ATOM   631  C CA  . GLU A 1 80 ? 12.912  -11.577 -2.894  1.00 39.35  ? 80  GLU A CA  1 
ATOM   632  C C   . GLU A 1 80 ? 14.278  -11.628 -2.227  1.00 43.40  ? 80  GLU A C   1 
ATOM   633  O O   . GLU A 1 80 ? 15.317  -11.544 -2.885  1.00 43.06  ? 80  GLU A O   1 
ATOM   634  C CB  . GLU A 1 80 ? 12.720  -10.235 -3.589  1.00 37.45  ? 80  GLU A CB  1 
ATOM   635  C CG  . GLU A 1 80 ? 11.522  -10.195 -4.531  1.00 37.95  ? 80  GLU A CG  1 
ATOM   636  C CD  . GLU A 1 80 ? 11.689  -11.117 -5.734  1.00 42.43  ? 80  GLU A CD  1 
ATOM   637  O OE1 . GLU A 1 80 ? 12.525  -10.808 -6.613  1.00 41.81  ? 80  GLU A OE1 1 
ATOM   638  O OE2 . GLU A 1 80 ? 10.985  -12.149 -5.794  1.00 43.21  ? 80  GLU A OE2 1 
ATOM   639  N N   . CYS A 1 81 ? 14.250  -11.747 -0.905  1.00 40.83  ? 81  CYS A N   1 
ATOM   640  C CA  . CYS A 1 81 ? 15.428  -12.002 -0.094  1.00 38.65  ? 81  CYS A CA  1 
ATOM   641  C C   . CYS A 1 81 ? 15.031  -13.094 0.873   1.00 38.70  ? 81  CYS A C   1 
ATOM   642  O O   . CYS A 1 81 ? 13.889  -13.136 1.325   1.00 42.17  ? 81  CYS A O   1 
ATOM   643  C CB  . CYS A 1 81 ? 15.849  -10.746 0.677   1.00 39.57  ? 81  CYS A CB  1 
ATOM   644  S SG  . CYS A 1 81 ? 16.839  -9.571  -0.284  1.00 30.34  ? 81  CYS A SG  1 
ATOM   645  N N   . ASN A 1 82 ? 15.947  -14.007 1.164   1.00 48.87  ? 82  ASN A N   1 
ATOM   646  C CA  . ASN A 1 82 ? 15.693  -15.012 2.188   1.00 53.43  ? 82  ASN A CA  1 
ATOM   647  C C   . ASN A 1 82 ? 16.647  -14.717 3.338   1.00 59.19  ? 82  ASN A C   1 
ATOM   648  O O   . ASN A 1 82 ? 17.645  -14.010 3.144   1.00 58.86  ? 82  ASN A O   1 
ATOM   649  C CB  . ASN A 1 82 ? 15.898  -16.420 1.633   1.00 47.53  ? 82  ASN A CB  1 
ATOM   650  N N   . PRO A 1 83 ? 16.329  -15.223 4.546   1.00 63.90  ? 83  PRO A N   1 
ATOM   651  C CA  . PRO A 1 83 ? 17.135  -15.006 5.757   1.00 59.48  ? 83  PRO A CA  1 
ATOM   652  C C   . PRO A 1 83 ? 18.625  -15.307 5.553   1.00 63.53  ? 83  PRO A C   1 
ATOM   653  O O   . PRO A 1 83 ? 19.473  -14.692 6.202   1.00 64.68  ? 83  PRO A O   1 
ATOM   654  C CB  . PRO A 1 83 ? 16.512  -15.977 6.758   1.00 69.00  ? 83  PRO A CB  1 
ATOM   655  C CG  . PRO A 1 83 ? 15.077  -16.052 6.340   1.00 65.60  ? 83  PRO A CG  1 
ATOM   656  C CD  . PRO A 1 83 ? 15.103  -15.992 4.833   1.00 62.28  ? 83  PRO A CD  1 
ATOM   657  N N   . HIS A 1 84 ? 18.930  -16.237 4.652   1.00 80.35  ? 84  HIS A N   1 
ATOM   658  C CA  . HIS A 1 84 ? 20.302  -16.477 4.207   1.00 84.67  ? 84  HIS A CA  1 
ATOM   659  C C   . HIS A 1 84 ? 21.035  -15.184 3.795   1.00 82.22  ? 84  HIS A C   1 
ATOM   660  O O   . HIS A 1 84 ? 22.029  -14.799 4.415   1.00 83.05  ? 84  HIS A O   1 
ATOM   661  C CB  . HIS A 1 84 ? 20.309  -17.494 3.040   1.00 78.55  ? 84  HIS A CB  1 
ATOM   662  N N   . ASP A 1 85 ? 20.518  -14.516 2.760   1.00 71.50  ? 85  ASP A N   1 
ATOM   663  C CA  . ASP A 1 85 ? 21.206  -13.408 2.078   1.00 73.82  ? 85  ASP A CA  1 
ATOM   664  C C   . ASP A 1 85 ? 21.610  -12.232 2.978   1.00 75.46  ? 85  ASP A C   1 
ATOM   665  O O   . ASP A 1 85 ? 21.216  -12.169 4.143   1.00 81.59  ? 85  ASP A O   1 
ATOM   666  C CB  . ASP A 1 85 ? 20.355  -12.901 0.905   1.00 63.78  ? 85  ASP A CB  1 
ATOM   667  C CG  . ASP A 1 85 ? 20.029  -13.995 -0.098  1.00 64.67  ? 85  ASP A CG  1 
ATOM   668  O OD1 . ASP A 1 85 ? 20.970  -14.616 -0.638  1.00 64.24  ? 85  ASP A OD1 1 
ATOM   669  O OD2 . ASP A 1 85 ? 18.827  -14.245 -0.338  1.00 60.24  ? 85  ASP A OD2 1 
ATOM   670  N N   . SER A 1 86 ? 22.394  -11.307 2.418   1.00 63.60  ? 86  SER A N   1 
ATOM   671  C CA  . SER A 1 86 ? 22.897  -10.132 3.153   1.00 71.23  ? 86  SER A CA  1 
ATOM   672  C C   . SER A 1 86 ? 22.533  -8.760  2.529   1.00 67.68  ? 86  SER A C   1 
ATOM   673  O O   . SER A 1 86 ? 22.255  -8.669  1.329   1.00 59.29  ? 86  SER A O   1 
ATOM   674  C CB  . SER A 1 86 ? 24.417  -10.245 3.363   1.00 72.46  ? 86  SER A CB  1 
ATOM   675  O OG  . SER A 1 86 ? 25.023  -11.073 2.378   1.00 69.44  ? 86  SER A OG  1 
ATOM   676  N N   . PRO A 1 87 ? 22.520  -7.694  3.363   1.00 99.31  ? 87  PRO A N   1 
ATOM   677  C CA  . PRO A 1 87 ? 22.224  -6.294  3.000   1.00 99.67  ? 87  PRO A CA  1 
ATOM   678  C C   . PRO A 1 87 ? 23.167  -5.648  1.965   1.00 103.07 ? 87  PRO A C   1 
ATOM   679  O O   . PRO A 1 87 ? 23.408  -6.231  0.907   1.00 107.35 ? 87  PRO A O   1 
ATOM   680  C CB  . PRO A 1 87 ? 22.325  -5.560  4.345   1.00 96.26  ? 87  PRO A CB  1 
ATOM   681  C CG  . PRO A 1 87 ? 21.960  -6.594  5.352   1.00 91.70  ? 87  PRO A CG  1 
ATOM   682  C CD  . PRO A 1 87 ? 22.570  -7.869  4.827   1.00 100.82 ? 87  PRO A CD  1 
ATOM   683  N N   . LEU A 1 88 ? 23.665  -4.447  2.261   1.00 90.22  ? 88  LEU A N   1 
ATOM   684  C CA  . LEU A 1 88 ? 24.567  -3.734  1.348   1.00 97.99  ? 88  LEU A CA  1 
ATOM   685  C C   . LEU A 1 88 ? 25.370  -2.610  2.020   1.00 100.72 ? 88  LEU A C   1 
ATOM   686  O O   . LEU A 1 88 ? 25.011  -2.112  3.093   1.00 96.46  ? 88  LEU A O   1 
ATOM   687  C CB  . LEU A 1 88 ? 23.793  -3.195  0.144   1.00 98.64  ? 88  LEU A CB  1 
ATOM   688  N N   . LEU B 1 1  ? -11.560 -9.319  17.568  1.00 62.83  ? 1   LEU B N   1 
ATOM   689  C CA  . LEU B 1 1  ? -11.636 -9.462  16.116  1.00 57.22  ? 1   LEU B CA  1 
ATOM   690  C C   . LEU B 1 1  ? -10.392 -10.115 15.525  1.00 56.90  ? 1   LEU B C   1 
ATOM   691  O O   . LEU B 1 1  ? -9.274  -9.628  15.727  1.00 50.13  ? 1   LEU B O   1 
ATOM   692  C CB  . LEU B 1 1  ? -11.866 -8.109  15.445  1.00 50.30  ? 1   LEU B CB  1 
ATOM   693  C CG  . LEU B 1 1  ? -13.294 -7.555  15.458  1.00 51.61  ? 1   LEU B CG  1 
ATOM   694  C CD1 . LEU B 1 1  ? -13.441 -6.451  14.417  1.00 38.00  ? 1   LEU B CD1 1 
ATOM   695  C CD2 . LEU B 1 1  ? -14.317 -8.664  15.235  1.00 48.84  ? 1   LEU B CD2 1 
ATOM   696  N N   . THR B 1 2  ? -10.606 -11.216 14.797  1.00 52.72  ? 2   THR B N   1 
ATOM   697  C CA  . THR B 1 2  ? -9.536  -11.921 14.098  1.00 51.00  ? 2   THR B CA  1 
ATOM   698  C C   . THR B 1 2  ? -8.901  -11.002 13.083  1.00 53.36  ? 2   THR B C   1 
ATOM   699  O O   . THR B 1 2  ? -9.563  -10.121 12.543  1.00 57.93  ? 2   THR B O   1 
ATOM   700  C CB  . THR B 1 2  ? -10.062 -13.130 13.313  1.00 54.02  ? 2   THR B CB  1 
ATOM   701  O OG1 . THR B 1 2  ? -10.990 -12.685 12.316  1.00 55.02  ? 2   THR B OG1 1 
ATOM   702  C CG2 . THR B 1 2  ? -10.750 -14.116 14.238  1.00 60.22  ? 2   THR B CG2 1 
ATOM   703  N N   . PRO B 1 3  ? -7.612  -11.201 12.811  1.00 50.73  ? 3   PRO B N   1 
ATOM   704  C CA  . PRO B 1 3  ? -6.952  -10.424 11.760  1.00 55.98  ? 3   PRO B CA  1 
ATOM   705  C C   . PRO B 1 3  ? -7.779  -10.397 10.474  1.00 56.09  ? 3   PRO B C   1 
ATOM   706  O O   . PRO B 1 3  ? -7.825  -9.362  9.789   1.00 52.08  ? 3   PRO B O   1 
ATOM   707  C CB  . PRO B 1 3  ? -5.652  -11.192 11.546  1.00 54.49  ? 3   PRO B CB  1 
ATOM   708  C CG  . PRO B 1 3  ? -5.352  -11.737 12.907  1.00 50.44  ? 3   PRO B CG  1 
ATOM   709  C CD  . PRO B 1 3  ? -6.680  -12.102 13.501  1.00 46.96  ? 3   PRO B CD  1 
ATOM   710  N N   . LYS B 1 4  ? -8.441  -11.514 10.173  1.00 50.19  ? 4   LYS B N   1 
ATOM   711  C CA  . LYS B 1 4  ? -9.238  -11.620 8.963   1.00 47.62  ? 4   LYS B CA  1 
ATOM   712  C C   . LYS B 1 4  ? -10.453 -10.691 8.945   1.00 52.52  ? 4   LYS B C   1 
ATOM   713  O O   . LYS B 1 4  ? -10.796 -10.136 7.898   1.00 51.60  ? 4   LYS B O   1 
ATOM   714  C CB  . LYS B 1 4  ? -9.696  -13.057 8.713   1.00 51.11  ? 4   LYS B CB  1 
ATOM   715  C CG  . LYS B 1 4  ? -10.509 -13.190 7.415   1.00 56.58  ? 4   LYS B CG  1 
ATOM   716  C CD  . LYS B 1 4  ? -11.488 -14.351 7.434   1.00 50.19  ? 4   LYS B CD  1 
ATOM   717  C CE  . LYS B 1 4  ? -12.446 -14.286 6.254   1.00 53.63  ? 4   LYS B CE  1 
ATOM   718  N NZ  . LYS B 1 4  ? -13.360 -15.462 6.225   1.00 67.50  ? 4   LYS B NZ  1 
ATOM   719  N N   . GLU B 1 5  ? -11.119 -10.534 10.086  1.00 56.70  ? 5   GLU B N   1 
ATOM   720  C CA  . GLU B 1 5  ? -12.348 -9.741  10.119  1.00 52.60  ? 5   GLU B CA  1 
ATOM   721  C C   . GLU B 1 5  ? -12.089 -8.241  10.086  1.00 47.96  ? 5   GLU B C   1 
ATOM   722  O O   . GLU B 1 5  ? -12.955 -7.465  9.668   1.00 45.04  ? 5   GLU B O   1 
ATOM   723  C CB  . GLU B 1 5  ? -13.182 -10.074 11.349  1.00 52.63  ? 5   GLU B CB  1 
ATOM   724  C CG  . GLU B 1 5  ? -13.571 -11.528 11.495  1.00 56.05  ? 5   GLU B CG  1 
ATOM   725  C CD  . GLU B 1 5  ? -14.200 -11.801 12.848  1.00 63.66  ? 5   GLU B CD  1 
ATOM   726  O OE1 . GLU B 1 5  ? -15.449 -11.769 12.947  1.00 65.09  ? 5   GLU B OE1 1 
ATOM   727  O OE2 . GLU B 1 5  ? -13.439 -12.020 13.818  1.00 63.90  ? 5   GLU B OE2 1 
ATOM   728  N N   . THR B 1 6  ? -10.912 -7.820  10.545  1.00 41.39  ? 6   THR B N   1 
ATOM   729  C CA  . THR B 1 6  ? -10.603 -6.395  10.536  1.00 40.29  ? 6   THR B CA  1 
ATOM   730  C C   . THR B 1 6  ? -10.254 -6.013  9.109   1.00 37.77  ? 6   THR B C   1 
ATOM   731  O O   . THR B 1 6  ? -10.623 -4.936  8.629   1.00 38.59  ? 6   THR B O   1 
ATOM   732  C CB  . THR B 1 6  ? -9.492  -5.967  11.562  1.00 37.17  ? 6   THR B CB  1 
ATOM   733  O OG1 . THR B 1 6  ? -8.189  -6.244  11.041  1.00 41.38  ? 6   THR B OG1 1 
ATOM   734  C CG2 . THR B 1 6  ? -9.666  -6.686  12.875  1.00 40.29  ? 6   THR B CG2 1 
ATOM   735  N N   . CYS B 1 7  ? -9.580  -6.921  8.415   1.00 39.88  ? 7   CYS B N   1 
ATOM   736  C CA  . CYS B 1 7  ? -9.347  -6.739  6.988   1.00 39.01  ? 7   CYS B CA  1 
ATOM   737  C C   . CYS B 1 7  ? -10.640 -6.652  6.176   1.00 37.01  ? 7   CYS B C   1 
ATOM   738  O O   . CYS B 1 7  ? -10.790 -5.763  5.332   1.00 38.30  ? 7   CYS B O   1 
ATOM   739  C CB  . CYS B 1 7  ? -8.474  -7.854  6.437   1.00 39.13  ? 7   CYS B CB  1 
ATOM   740  S SG  . CYS B 1 7  ? -7.964  -7.491  4.779   1.00 42.21  ? 7   CYS B SG  1 
ATOM   741  N N   . ASP B 1 8  ? -11.570 -7.568  6.438   1.00 35.96  ? 8   ASP B N   1 
ATOM   742  C CA  . ASP B 1 8  ? -12.848 -7.601  5.725   1.00 39.29  ? 8   ASP B CA  1 
ATOM   743  C C   . ASP B 1 8  ? -13.656 -6.352  5.984   1.00 38.34  ? 8   ASP B C   1 
ATOM   744  O O   . ASP B 1 8  ? -14.275 -5.817  5.086   1.00 44.74  ? 8   ASP B O   1 
ATOM   745  C CB  . ASP B 1 8  ? -13.690 -8.811  6.141   1.00 45.58  ? 8   ASP B CB  1 
ATOM   746  C CG  . ASP B 1 8  ? -13.101 -10.132 5.681   1.00 43.65  ? 8   ASP B CG  1 
ATOM   747  O OD1 . ASP B 1 8  ? -13.209 -11.110 6.447   1.00 51.72  ? 8   ASP B OD1 1 
ATOM   748  O OD2 . ASP B 1 8  ? -12.540 -10.192 4.564   1.00 41.85  ? 8   ASP B OD2 1 
ATOM   749  N N   . LEU B 1 9  ? -13.670 -5.898  7.225   1.00 29.86  ? 9   LEU B N   1 
ATOM   750  C CA  . LEU B 1 9  ? -14.451 -4.736  7.579   1.00 29.26  ? 9   LEU B CA  1 
ATOM   751  C C   . LEU B 1 9  ? -13.801 -3.438  7.067   1.00 32.70  ? 9   LEU B C   1 
ATOM   752  O O   . LEU B 1 9  ? -14.487 -2.498  6.641   1.00 28.02  ? 9   LEU B O   1 
ATOM   753  C CB  . LEU B 1 9  ? -14.670 -4.711  9.091   1.00 33.13  ? 9   LEU B CB  1 
ATOM   754  C CG  . LEU B 1 9  ? -15.683 -5.707  9.658   1.00 29.73  ? 9   LEU B CG  1 
ATOM   755  C CD1 . LEU B 1 9  ? -15.351 -6.110  11.084  1.00 25.03  ? 9   LEU B CD1 1 
ATOM   756  C CD2 . LEU B 1 9  ? -17.074 -5.105  9.563   1.00 29.24  ? 9   LEU B CD2 1 
ATOM   757  N N   . CYS B 1 10 ? -12.476 -3.375  7.089   1.00 34.53  ? 10  CYS B N   1 
ATOM   758  C CA  . CYS B 1 10 ? -11.841 -2.225  6.477   1.00 36.66  ? 10  CYS B CA  1 
ATOM   759  C C   . CYS B 1 10 ? -12.254 -2.165  5.006   1.00 32.29  ? 10  CYS B C   1 
ATOM   760  O O   . CYS B 1 10 ? -12.658 -1.119  4.514   1.00 31.81  ? 10  CYS B O   1 
ATOM   761  C CB  . CYS B 1 10 ? -10.317 -2.270  6.630   1.00 36.93  ? 10  CYS B CB  1 
ATOM   762  S SG  . CYS B 1 10 ? -9.475  -0.846  5.845   1.00 34.90  ? 10  CYS B SG  1 
ATOM   763  N N   . GLN B 1 11 ? -12.171 -3.297  4.310   1.00 28.22  ? 11  GLN B N   1 
ATOM   764  C CA  . GLN B 1 11 ? -12.526 -3.317  2.894   1.00 28.53  ? 11  GLN B CA  1 
ATOM   765  C C   . GLN B 1 11 ? -14.002 -2.995  2.683   1.00 32.15  ? 11  GLN B C   1 
ATOM   766  O O   . GLN B 1 11 ? -14.346 -2.243  1.778   1.00 30.23  ? 11  GLN B O   1 
ATOM   767  C CB  . GLN B 1 11 ? -12.193 -4.654  2.249   1.00 30.07  ? 11  GLN B CB  1 
ATOM   768  C CG  . GLN B 1 11 ? -10.729 -5.039  2.288   1.00 32.11  ? 11  GLN B CG  1 
ATOM   769  C CD  . GLN B 1 11 ? -10.449 -6.325  1.538   1.00 32.91  ? 11  GLN B CD  1 
ATOM   770  O OE1 . GLN B 1 11 ? -10.558 -6.372  0.316   1.00 39.69  ? 11  GLN B OE1 1 
ATOM   771  N NE2 . GLN B 1 11 ? -10.092 -7.379  2.265   1.00 34.02  ? 11  GLN B NE2 1 
ATOM   772  N N   . ILE B 1 12 ? -14.872 -3.567  3.511   1.00 38.67  ? 12  ILE B N   1 
ATOM   773  C CA  . ILE B 1 12 ? -16.303 -3.314  3.402   1.00 34.24  ? 12  ILE B CA  1 
ATOM   774  C C   . ILE B 1 12 ? -16.589 -1.836  3.571   1.00 36.91  ? 12  ILE B C   1 
ATOM   775  O O   . ILE B 1 12 ? -17.392 -1.271  2.837   1.00 35.68  ? 12  ILE B O   1 
ATOM   776  C CB  . ILE B 1 12 ? -17.102 -4.086  4.458   1.00 35.66  ? 12  ILE B CB  1 
ATOM   777  C CG1 . ILE B 1 12 ? -17.056 -5.591  4.175   1.00 46.04  ? 12  ILE B CG1 1 
ATOM   778  C CG2 . ILE B 1 12 ? -18.542 -3.634  4.452   1.00 35.88  ? 12  ILE B CG2 1 
ATOM   779  C CD1 . ILE B 1 12 ? -17.223 -6.476  5.426   1.00 42.93  ? 12  ILE B CD1 1 
ATOM   780  N N   . ALA B 1 13 ? -15.928 -1.220  4.552   1.00 32.36  ? 13  ALA B N   1 
ATOM   781  C CA  . ALA B 1 13 ? -16.099 0.199   4.830   1.00 30.10  ? 13  ALA B CA  1 
ATOM   782  C C   . ALA B 1 13 ? -15.631 0.997   3.643   1.00 27.65  ? 13  ALA B C   1 
ATOM   783  O O   . ALA B 1 13 ? -16.388 1.788   3.099   1.00 29.98  ? 13  ALA B O   1 
ATOM   784  C CB  . ALA B 1 13 ? -15.331 0.617   6.082   1.00 27.44  ? 13  ALA B CB  1 
ATOM   785  N N   . LEU B 1 14 ? -14.382 0.788   3.237   1.00 24.53  ? 14  LEU B N   1 
ATOM   786  C CA  . LEU B 1 14 ? -13.843 1.523   2.089   1.00 30.88  ? 14  LEU B CA  1 
ATOM   787  C C   . LEU B 1 14 ? -14.654 1.335   0.797   1.00 27.98  ? 14  LEU B C   1 
ATOM   788  O O   . LEU B 1 14 ? -15.014 2.308   0.146   1.00 30.06  ? 14  LEU B O   1 
ATOM   789  C CB  . LEU B 1 14 ? -12.368 1.184   1.853   1.00 29.95  ? 14  LEU B CB  1 
ATOM   790  C CG  . LEU B 1 14 ? -11.403 1.696   2.920   1.00 25.68  ? 14  LEU B CG  1 
ATOM   791  C CD1 . LEU B 1 14 ? -9.977  1.568   2.448   1.00 21.93  ? 14  LEU B CD1 1 
ATOM   792  C CD2 . LEU B 1 14 ? -11.717 3.139   3.259   1.00 24.79  ? 14  LEU B CD2 1 
ATOM   793  N N   . ARG B 1 15 ? -14.945 0.089   0.435   1.00 35.09  ? 15  ARG B N   1 
ATOM   794  C CA  . ARG B 1 15 ? -15.683 -0.204  -0.789  1.00 31.06  ? 15  ARG B CA  1 
ATOM   795  C C   . ARG B 1 15 ? -17.093 0.355   -0.748  1.00 37.18  ? 15  ARG B C   1 
ATOM   796  O O   . ARG B 1 15 ? -17.656 0.653   -1.793  1.00 48.03  ? 15  ARG B O   1 
ATOM   797  C CB  . ARG B 1 15 ? -15.714 -1.699  -1.062  1.00 32.41  ? 15  ARG B CB  1 
ATOM   798  N N   . THR B 1 16 ? -17.661 0.511   0.446   1.00 32.78  ? 16  THR B N   1 
ATOM   799  C CA  . THR B 1 16 ? -19.044 0.981   0.585   1.00 32.87  ? 16  THR B CA  1 
ATOM   800  C C   . THR B 1 16 ? -19.155 2.496   0.402   1.00 34.64  ? 16  THR B C   1 
ATOM   801  O O   . THR B 1 16 ? -20.097 2.995   -0.207  1.00 37.11  ? 16  THR B O   1 
ATOM   802  C CB  . THR B 1 16 ? -19.645 0.587   1.959   1.00 37.76  ? 16  THR B CB  1 
ATOM   803  O OG1 . THR B 1 16 ? -19.708 -0.845  2.078   1.00 34.46  ? 16  THR B OG1 1 
ATOM   804  C CG2 . THR B 1 16 ? -21.044 1.179   2.137   1.00 32.89  ? 16  THR B CG2 1 
ATOM   805  N N   . VAL B 1 17 ? -18.198 3.231   0.949   1.00 31.78  ? 17  VAL B N   1 
ATOM   806  C CA  . VAL B 1 17 ? -18.164 4.673   0.757   1.00 32.02  ? 17  VAL B CA  1 
ATOM   807  C C   . VAL B 1 17 ? -17.871 4.994   -0.704  1.00 33.75  ? 17  VAL B C   1 
ATOM   808  O O   . VAL B 1 17 ? -18.566 5.796   -1.313  1.00 35.78  ? 17  VAL B O   1 
ATOM   809  C CB  . VAL B 1 17 ? -17.121 5.343   1.671   1.00 28.28  ? 17  VAL B CB  1 
ATOM   810  C CG1 . VAL B 1 17 ? -16.967 6.823   1.322   1.00 30.48  ? 17  VAL B CG1 1 
ATOM   811  C CG2 . VAL B 1 17 ? -17.522 5.165   3.127   1.00 27.03  ? 17  VAL B CG2 1 
ATOM   812  N N   . PHE B 1 18 ? -16.849 4.358   -1.272  1.00 37.32  ? 18  PHE B N   1 
ATOM   813  C CA  . PHE B 1 18 ? -16.533 4.542   -2.685  1.00 37.23  ? 18  PHE B CA  1 
ATOM   814  C C   . PHE B 1 18 ? -17.775 4.303   -3.528  1.00 40.85  ? 18  PHE B C   1 
ATOM   815  O O   . PHE B 1 18 ? -18.089 5.076   -4.433  1.00 42.52  ? 18  PHE B O   1 
ATOM   816  C CB  . PHE B 1 18 ? -15.432 3.578   -3.113  1.00 36.99  ? 18  PHE B CB  1 
ATOM   817  C CG  . PHE B 1 18 ? -14.806 3.908   -4.443  1.00 33.91  ? 18  PHE B CG  1 
ATOM   818  C CD1 . PHE B 1 18 ? -14.012 5.027   -4.590  1.00 32.13  ? 18  PHE B CD1 1 
ATOM   819  C CD2 . PHE B 1 18 ? -14.979 3.075   -5.537  1.00 37.37  ? 18  PHE B CD2 1 
ATOM   820  C CE1 . PHE B 1 18 ? -13.415 5.318   -5.810  1.00 37.27  ? 18  PHE B CE1 1 
ATOM   821  C CE2 . PHE B 1 18 ? -14.381 3.359   -6.767  1.00 32.06  ? 18  PHE B CE2 1 
ATOM   822  C CZ  . PHE B 1 18 ? -13.604 4.478   -6.903  1.00 33.60  ? 18  PHE B CZ  1 
ATOM   823  N N   . GLY B 1 19 ? -18.487 3.226   -3.218  1.00 43.87  ? 19  GLY B N   1 
ATOM   824  C CA  . GLY B 1 19 ? -19.699 2.885   -3.934  1.00 42.19  ? 19  GLY B CA  1 
ATOM   825  C C   . GLY B 1 19 ? -20.785 3.920   -3.751  1.00 45.81  ? 19  GLY B C   1 
ATOM   826  O O   . GLY B 1 19 ? -21.545 4.209   -4.675  1.00 50.09  ? 19  GLY B O   1 
ATOM   827  N N   . HIS B 1 20 ? -20.851 4.479   -2.548  1.00 43.10  ? 20  HIS B N   1 
ATOM   828  C CA  . HIS B 1 20 ? -21.846 5.482   -2.207  1.00 37.00  ? 20  HIS B CA  1 
ATOM   829  C C   . HIS B 1 20 ? -21.737 6.716   -3.104  1.00 39.73  ? 20  HIS B C   1 
ATOM   830  O O   . HIS B 1 20 ? -22.738 7.373   -3.358  1.00 42.89  ? 20  HIS B O   1 
ATOM   831  C CB  . HIS B 1 20 ? -21.710 5.862   -0.732  1.00 38.38  ? 20  HIS B CB  1 
ATOM   832  C CG  . HIS B 1 20 ? -22.609 6.975   -0.299  1.00 42.30  ? 20  HIS B CG  1 
ATOM   833  N ND1 . HIS B 1 20 ? -22.166 8.272   -0.141  1.00 45.15  ? 20  HIS B ND1 1 
ATOM   834  C CD2 . HIS B 1 20 ? -23.925 6.986   0.021   1.00 44.47  ? 20  HIS B CD2 1 
ATOM   835  C CE1 . HIS B 1 20 ? -23.173 9.037   0.243   1.00 45.94  ? 20  HIS B CE1 1 
ATOM   836  N NE2 . HIS B 1 20 ? -24.252 8.281   0.349   1.00 48.33  ? 20  HIS B NE2 1 
ATOM   837  N N   . PHE B 1 21 ? -20.536 7.022   -3.592  1.00 34.11  ? 21  PHE B N   1 
ATOM   838  C CA  . PHE B 1 21 ? -20.320 8.249   -4.376  1.00 37.20  ? 21  PHE B CA  1 
ATOM   839  C C   . PHE B 1 21 ? -20.216 7.965   -5.866  1.00 39.12  ? 21  PHE B C   1 
ATOM   840  O O   . PHE B 1 21 ? -19.825 8.835   -6.640  1.00 31.62  ? 21  PHE B O   1 
ATOM   841  C CB  . PHE B 1 21 ? -19.027 8.951   -3.957  1.00 34.87  ? 21  PHE B CB  1 
ATOM   842  C CG  . PHE B 1 21 ? -19.081 9.582   -2.604  1.00 36.94  ? 21  PHE B CG  1 
ATOM   843  C CD1 . PHE B 1 21 ? -18.359 9.049   -1.553  1.00 32.51  ? 21  PHE B CD1 1 
ATOM   844  C CD2 . PHE B 1 21 ? -19.846 10.714  -2.380  1.00 36.00  ? 21  PHE B CD2 1 
ATOM   845  C CE1 . PHE B 1 21 ? -18.397 9.628   -0.314  1.00 34.68  ? 21  PHE B CE1 1 
ATOM   846  C CE2 . PHE B 1 21 ? -19.886 11.299  -1.135  1.00 32.99  ? 21  PHE B CE2 1 
ATOM   847  C CZ  . PHE B 1 21 ? -19.160 10.756  -0.104  1.00 32.83  ? 21  PHE B CZ  1 
ATOM   848  N N   . GLY B 1 22 ? -20.530 6.737   -6.255  1.00 36.91  ? 22  GLY B N   1 
ATOM   849  C CA  . GLY B 1 22 ? -20.372 6.333   -7.630  1.00 39.13  ? 22  GLY B CA  1 
ATOM   850  C C   . GLY B 1 22 ? -18.955 6.545   -8.119  1.00 44.94  ? 22  GLY B C   1 
ATOM   851  O O   . GLY B 1 22 ? -18.735 6.862   -9.289  1.00 51.03  ? 22  GLY B O   1 
ATOM   852  N N   . GLY B 1 23 ? -17.986 6.380   -7.227  1.00 40.62  ? 23  GLY B N   1 
ATOM   853  C CA  . GLY B 1 23 ? -16.588 6.449   -7.615  1.00 35.50  ? 23  GLY B CA  1 
ATOM   854  C C   . GLY B 1 23 ? -16.087 7.853   -7.877  1.00 36.02  ? 23  GLY B C   1 
ATOM   855  O O   . GLY B 1 23 ? -14.944 8.030   -8.277  1.00 40.30  ? 23  GLY B O   1 
ATOM   856  N N   . ASN B 1 24 ? -16.938 8.849   -7.649  1.00 36.08  ? 24  ASN B N   1 
ATOM   857  C CA  . ASN B 1 24 ? -16.564 10.252  -7.844  1.00 41.59  ? 24  ASN B CA  1 
ATOM   858  C C   . ASN B 1 24 ? -16.635 11.033  -6.547  1.00 41.14  ? 24  ASN B C   1 
ATOM   859  O O   . ASN B 1 24 ? -17.679 11.574  -6.191  1.00 43.77  ? 24  ASN B O   1 
ATOM   860  C CB  . ASN B 1 24 ? -17.442 10.938  -8.909  1.00 39.86  ? 24  ASN B CB  1 
ATOM   861  C CG  . ASN B 1 24 ? -17.132 10.454  -10.305 1.00 49.61  ? 24  ASN B CG  1 
ATOM   862  O OD1 . ASN B 1 24 ? -15.987 10.527  -10.756 1.00 52.99  ? 24  ASN B OD1 1 
ATOM   863  N ND2 . ASN B 1 24 ? -18.137 9.916   -10.987 1.00 48.45  ? 24  ASN B ND2 1 
ATOM   864  N N   . ILE B 1 25 ? -15.523 11.094  -5.833  1.00 37.60  ? 25  ILE B N   1 
ATOM   865  C CA  . ILE B 1 25 ? -15.559 11.729  -4.532  1.00 36.37  ? 25  ILE B CA  1 
ATOM   866  C C   . ILE B 1 25 ? -15.750 13.230  -4.747  1.00 42.55  ? 25  ILE B C   1 
ATOM   867  O O   . ILE B 1 25 ? -14.926 13.889  -5.392  1.00 44.71  ? 25  ILE B O   1 
ATOM   868  C CB  . ILE B 1 25 ? -14.298 11.416  -3.690  1.00 29.14  ? 25  ILE B CB  1 
ATOM   869  C CG1 . ILE B 1 25 ? -13.957 9.934   -3.772  1.00 27.79  ? 25  ILE B CG1 1 
ATOM   870  C CG2 . ILE B 1 25 ? -14.493 11.836  -2.250  1.00 33.58  ? 25  ILE B CG2 1 
ATOM   871  C CD1 . ILE B 1 25 ? -15.128 9.029   -3.548  1.00 30.74  ? 25  ILE B CD1 1 
ATOM   872  N N   . PRO B 1 26 ? -16.864 13.767  -4.237  1.00 43.80  ? 26  PRO B N   1 
ATOM   873  C CA  . PRO B 1 26 ? -17.109 15.200  -4.333  1.00 41.14  ? 26  PRO B CA  1 
ATOM   874  C C   . PRO B 1 26 ? -15.928 15.965  -3.777  1.00 42.79  ? 26  PRO B C   1 
ATOM   875  O O   . PRO B 1 26 ? -15.337 16.723  -4.534  1.00 45.38  ? 26  PRO B O   1 
ATOM   876  C CB  . PRO B 1 26 ? -18.329 15.400  -3.439  1.00 48.52  ? 26  PRO B CB  1 
ATOM   877  C CG  . PRO B 1 26 ? -19.020 14.101  -3.469  1.00 47.90  ? 26  PRO B CG  1 
ATOM   878  C CD  . PRO B 1 26 ? -17.943 13.074  -3.521  1.00 44.12  ? 26  PRO B CD  1 
ATOM   879  N N   . SER B 1 27 ? -15.581 15.746  -2.503  1.00 41.51  ? 27  SER B N   1 
ATOM   880  C CA  . SER B 1 27 ? -14.597 16.576  -1.795  1.00 38.07  ? 27  SER B CA  1 
ATOM   881  C C   . SER B 1 27 ? -13.981 15.867  -0.598  1.00 41.59  ? 27  SER B C   1 
ATOM   882  O O   . SER B 1 27 ? -14.550 14.912  -0.071  1.00 46.86  ? 27  SER B O   1 
ATOM   883  C CB  . SER B 1 27 ? -15.280 17.830  -1.274  1.00 39.73  ? 27  SER B CB  1 
ATOM   884  O OG  . SER B 1 27 ? -16.265 17.487  -0.312  1.00 39.13  ? 27  SER B OG  1 
ATOM   885  N N   . ARG B 1 28 ? -12.828 16.353  -0.149  1.00 31.09  ? 28  ARG B N   1 
ATOM   886  C CA  . ARG B 1 28 ? -12.221 15.846  1.075   1.00 33.12  ? 28  ARG B CA  1 
ATOM   887  C C   . ARG B 1 28 ? -13.235 15.707  2.214   1.00 36.82  ? 28  ARG B C   1 
ATOM   888  O O   . ARG B 1 28 ? -13.363 14.636  2.827   1.00 39.37  ? 28  ARG B O   1 
ATOM   889  C CB  . ARG B 1 28 ? -11.052 16.737  1.516   1.00 29.09  ? 28  ARG B CB  1 
ATOM   890  C CG  . ARG B 1 28 ? -9.940  16.801  0.497   1.00 31.86  ? 28  ARG B CG  1 
ATOM   891  C CD  . ARG B 1 28 ? -8.731  17.522  1.020   1.00 32.07  ? 28  ARG B CD  1 
ATOM   892  N NE  . ARG B 1 28 ? -7.692  17.651  0.000   1.00 35.73  ? 28  ARG B NE  1 
ATOM   893  C CZ  . ARG B 1 28 ? -6.684  16.795  -0.164  1.00 41.53  ? 28  ARG B CZ  1 
ATOM   894  N NH1 . ARG B 1 28 ? -6.557  15.737  0.634   1.00 40.43  ? 28  ARG B NH1 1 
ATOM   895  N NH2 . ARG B 1 28 ? -5.792  17.002  -1.126  1.00 40.17  ? 28  ARG B NH2 1 
ATOM   896  N N   . ARG B 1 29 ? -13.954 16.789  2.491   1.00 34.29  ? 29  ARG B N   1 
ATOM   897  C CA  . ARG B 1 29 ? -14.827 16.851  3.660   1.00 31.92  ? 29  ARG B CA  1 
ATOM   898  C C   . ARG B 1 29 ? -16.043 15.945  3.508   1.00 32.57  ? 29  ARG B C   1 
ATOM   899  O O   . ARG B 1 29 ? -16.448 15.281  4.449   1.00 33.83  ? 29  ARG B O   1 
ATOM   900  C CB  . ARG B 1 29 ? -15.244 18.307  3.963   1.00 27.95  ? 29  ARG B CB  1 
ATOM   901  N N   . LYS B 1 30 ? -16.633 15.897  2.323   1.00 39.66  ? 30  LYS B N   1 
ATOM   902  C CA  . LYS B 1 30 ? -17.770 15.011  2.142   1.00 37.72  ? 30  LYS B CA  1 
ATOM   903  C C   . LYS B 1 30 ? -17.313 13.559  2.358   1.00 40.45  ? 30  LYS B C   1 
ATOM   904  O O   . LYS B 1 30 ? -18.071 12.724  2.854   1.00 40.87  ? 30  LYS B O   1 
ATOM   905  C CB  . LYS B 1 30 ? -18.409 15.222  0.782   1.00 36.42  ? 30  LYS B CB  1 
ATOM   906  N N   . LEU B 1 31 ? -16.046 13.289  2.033   1.00 40.75  ? 31  LEU B N   1 
ATOM   907  C CA  . LEU B 1 31 ? -15.442 11.964  2.191   1.00 36.73  ? 31  LEU B CA  1 
ATOM   908  C C   . LEU B 1 31 ? -15.268 11.600  3.654   1.00 38.56  ? 31  LEU B C   1 
ATOM   909  O O   . LEU B 1 31 ? -15.662 10.523  4.102   1.00 42.21  ? 31  LEU B O   1 
ATOM   910  C CB  . LEU B 1 31 ? -14.061 11.929  1.528   1.00 37.08  ? 31  LEU B CB  1 
ATOM   911  C CG  . LEU B 1 31 ? -13.624 10.601  0.897   1.00 33.49  ? 31  LEU B CG  1 
ATOM   912  C CD1 . LEU B 1 31 ? -12.124 10.465  0.888   1.00 29.90  ? 31  LEU B CD1 1 
ATOM   913  C CD2 . LEU B 1 31 ? -14.270 9.410   1.568   1.00 33.38  ? 31  LEU B CD2 1 
ATOM   914  N N   . VAL B 1 32 ? -14.640 12.490  4.402   1.00 34.72  ? 32  VAL B N   1 
ATOM   915  C CA  . VAL B 1 32 ? -14.431 12.242  5.809   1.00 33.16  ? 32  VAL B CA  1 
ATOM   916  C C   . VAL B 1 32 ? -15.769 12.076  6.517   1.00 34.21  ? 32  VAL B C   1 
ATOM   917  O O   . VAL B 1 32 ? -15.884 11.296  7.457   1.00 42.30  ? 32  VAL B O   1 
ATOM   918  C CB  . VAL B 1 32 ? -13.667 13.385  6.446   1.00 37.28  ? 32  VAL B CB  1 
ATOM   919  C CG1 . VAL B 1 32 ? -13.405 13.070  7.896   1.00 35.10  ? 32  VAL B CG1 1 
ATOM   920  C CG2 . VAL B 1 32 ? -12.367 13.630  5.677   1.00 33.20  ? 32  VAL B CG2 1 
ATOM   921  N N   . HIS B 1 33 ? -16.781 12.803  6.054   1.00 30.39  ? 33  HIS B N   1 
ATOM   922  C CA  . HIS B 1 33 ? -18.127 12.682  6.599   1.00 31.42  ? 33  HIS B CA  1 
ATOM   923  C C   . HIS B 1 33 ? -18.692 11.299  6.360   1.00 32.03  ? 33  HIS B C   1 
ATOM   924  O O   . HIS B 1 33 ? -19.123 10.647  7.302   1.00 35.16  ? 33  HIS B O   1 
ATOM   925  C CB  . HIS B 1 33 ? -19.051 13.727  6.010   1.00 37.04  ? 33  HIS B CB  1 
ATOM   926  N N   . GLN B 1 34 ? -18.693 10.851  5.106   1.00 34.19  ? 34  GLN B N   1 
ATOM   927  C CA  . GLN B 1 34 ? -19.194 9.510   4.783   1.00 32.85  ? 34  GLN B CA  1 
ATOM   928  C C   . GLN B 1 34 ? -18.456 8.429   5.537   1.00 29.26  ? 34  GLN B C   1 
ATOM   929  O O   . GLN B 1 34 ? -19.078 7.507   6.035   1.00 31.46  ? 34  GLN B O   1 
ATOM   930  C CB  . GLN B 1 34 ? -19.141 9.216   3.279   1.00 35.23  ? 34  GLN B CB  1 
ATOM   931  C CG  . GLN B 1 34 ? -20.478 9.317   2.577   1.00 33.99  ? 34  GLN B CG  1 
ATOM   932  C CD  . GLN B 1 34 ? -21.552 8.457   3.216   1.00 41.06  ? 34  GLN B CD  1 
ATOM   933  O OE1 . GLN B 1 34 ? -22.542 8.978   3.729   1.00 42.58  ? 34  GLN B OE1 1 
ATOM   934  N NE2 . GLN B 1 34 ? -21.375 7.133   3.168   1.00 42.10  ? 34  GLN B NE2 1 
ATOM   935  N N   . LEU B 1 35 ? -17.131 8.534   5.614   1.00 32.89  ? 35  LEU B N   1 
ATOM   936  C CA  . LEU B 1 35 ? -16.329 7.556   6.355   1.00 33.51  ? 35  LEU B CA  1 
ATOM   937  C C   . LEU B 1 35 ? -16.666 7.535   7.854   1.00 37.80  ? 35  LEU B C   1 
ATOM   938  O O   . LEU B 1 35 ? -16.677 6.474   8.479   1.00 36.28  ? 35  LEU B O   1 
ATOM   939  C CB  . LEU B 1 35 ? -14.834 7.807   6.164   1.00 31.00  ? 35  LEU B CB  1 
ATOM   940  C CG  . LEU B 1 35 ? -14.248 7.613   4.768   1.00 31.44  ? 35  LEU B CG  1 
ATOM   941  C CD1 . LEU B 1 35 ? -12.858 8.210   4.712   1.00 30.36  ? 35  LEU B CD1 1 
ATOM   942  C CD2 . LEU B 1 35 ? -14.197 6.153   4.429   1.00 31.06  ? 35  LEU B CD2 1 
ATOM   943  N N   . LYS B 1 36 ? -16.926 8.698   8.447   1.00 40.50  ? 36  LYS B N   1 
ATOM   944  C CA  . LYS B 1 36 ? -17.331 8.703   9.847   1.00 44.86  ? 36  LYS B CA  1 
ATOM   945  C C   . LYS B 1 36 ? -18.648 7.952   9.937   1.00 45.33  ? 36  LYS B C   1 
ATOM   946  O O   . LYS B 1 36 ? -18.793 7.002   10.699  1.00 47.34  ? 36  LYS B O   1 
ATOM   947  C CB  . LYS B 1 36 ? -17.478 10.129  10.397  1.00 49.23  ? 36  LYS B CB  1 
ATOM   948  C CG  . LYS B 1 36 ? -16.173 10.790  10.863  1.00 51.09  ? 36  LYS B CG  1 
ATOM   949  C CD  . LYS B 1 36 ? -16.419 12.200  11.404  1.00 53.71  ? 36  LYS B CD  1 
ATOM   950  C CE  . LYS B 1 36 ? -15.191 12.735  12.146  1.00 67.46  ? 36  LYS B CE  1 
ATOM   951  N NZ  . LYS B 1 36 ? -15.519 13.365  13.475  1.00 64.63  ? 36  LYS B NZ  1 
ATOM   952  N N   . HIS B 1 37 ? -19.601 8.373   9.122   1.00 42.91  ? 37  HIS B N   1 
ATOM   953  C CA  . HIS B 1 37 ? -20.907 7.743   9.078   1.00 42.45  ? 37  HIS B CA  1 
ATOM   954  C C   . HIS B 1 37 ? -20.823 6.225   8.909   1.00 40.28  ? 37  HIS B C   1 
ATOM   955  O O   . HIS B 1 37 ? -21.382 5.476   9.703   1.00 45.61  ? 37  HIS B O   1 
ATOM   956  C CB  . HIS B 1 37 ? -21.726 8.364   7.957   1.00 45.27  ? 37  HIS B CB  1 
ATOM   957  C CG  . HIS B 1 37 ? -23.096 7.787   7.820   1.00 54.76  ? 37  HIS B CG  1 
ATOM   958  N ND1 . HIS B 1 37 ? -24.206 8.361   8.399   1.00 61.69  ? 37  HIS B ND1 1 
ATOM   959  C CD2 . HIS B 1 37 ? -23.535 6.681   7.174   1.00 56.56  ? 37  HIS B CD2 1 
ATOM   960  C CE1 . HIS B 1 37 ? -25.272 7.634   8.115   1.00 64.07  ? 37  HIS B CE1 1 
ATOM   961  N NE2 . HIS B 1 37 ? -24.893 6.608   7.373   1.00 61.13  ? 37  HIS B NE2 1 
ATOM   962  N N   . GLU B 1 38 ? -20.117 5.767   7.886   1.00 39.10  ? 38  GLU B N   1 
ATOM   963  C CA  . GLU B 1 38 ? -20.053 4.328   7.589   1.00 40.92  ? 38  GLU B CA  1 
ATOM   964  C C   . GLU B 1 38 ? -19.414 3.488   8.694   1.00 39.57  ? 38  GLU B C   1 
ATOM   965  O O   . GLU B 1 38 ? -19.808 2.345   8.914   1.00 38.15  ? 38  GLU B O   1 
ATOM   966  C CB  . GLU B 1 38 ? -19.351 4.068   6.252   1.00 35.71  ? 38  GLU B CB  1 
ATOM   967  C CG  . GLU B 1 38 ? -18.868 2.634   6.056   1.00 36.32  ? 38  GLU B CG  1 
ATOM   968  C CD  . GLU B 1 38 ? -19.962 1.688   5.601   1.00 37.76  ? 38  GLU B CD  1 
ATOM   969  O OE1 . GLU B 1 38 ? -21.124 2.131   5.474   1.00 37.14  ? 38  GLU B OE1 1 
ATOM   970  O OE2 . GLU B 1 38 ? -19.647 0.501   5.364   1.00 35.30  ? 38  GLU B OE2 1 
ATOM   971  N N   . CYS B 1 39 ? -18.418 4.043   9.374   1.00 44.49  ? 39  CYS B N   1 
ATOM   972  C CA  . CYS B 1 39 ? -17.784 3.342   10.486  1.00 40.54  ? 39  CYS B CA  1 
ATOM   973  C C   . CYS B 1 39 ? -18.827 3.030   11.536  1.00 37.59  ? 39  CYS B C   1 
ATOM   974  O O   . CYS B 1 39 ? -18.796 1.981   12.155  1.00 39.15  ? 39  CYS B O   1 
ATOM   975  C CB  . CYS B 1 39 ? -16.692 4.207   11.109  1.00 42.30  ? 39  CYS B CB  1 
ATOM   976  S SG  . CYS B 1 39 ? -15.203 4.368   10.110  1.00 41.69  ? 39  CYS B SG  1 
ATOM   977  N N   . LYS B 1 40 ? -19.761 3.955   11.710  1.00 41.47  ? 40  LYS B N   1 
ATOM   978  C CA  . LYS B 1 40 ? -20.781 3.863   12.745  1.00 41.31  ? 40  LYS B CA  1 
ATOM   979  C C   . LYS B 1 40 ? -21.803 2.750   12.545  1.00 46.33  ? 40  LYS B C   1 
ATOM   980  O O   . LYS B 1 40 ? -22.697 2.589   13.372  1.00 51.05  ? 40  LYS B O   1 
ATOM   981  C CB  . LYS B 1 40 ? -21.543 5.179   12.849  1.00 47.16  ? 40  LYS B CB  1 
ATOM   982  C CG  . LYS B 1 40 ? -20.737 6.354   13.350  1.00 43.07  ? 40  LYS B CG  1 
ATOM   983  C CD  . LYS B 1 40 ? -21.642 7.560   13.532  1.00 43.75  ? 40  LYS B CD  1 
ATOM   984  C CE  . LYS B 1 40 ? -20.891 8.651   14.243  1.00 46.96  ? 40  LYS B CE  1 
ATOM   985  N NZ  . LYS B 1 40 ? -19.457 8.286   14.143  1.00 50.77  ? 40  LYS B NZ  1 
ATOM   986  N N   . ARG B 1 41 ? -21.702 1.994   11.460  1.00 48.06  ? 41  ARG B N   1 
ATOM   987  C CA  . ARG B 1 41 ? -22.682 0.941   11.224  1.00 45.64  ? 41  ARG B CA  1 
ATOM   988  C C   . ARG B 1 41 ? -22.093 -0.429  11.502  1.00 46.82  ? 41  ARG B C   1 
ATOM   989  O O   . ARG B 1 41 ? -22.814 -1.421  11.562  1.00 49.07  ? 41  ARG B O   1 
ATOM   990  C CB  . ARG B 1 41 ? -23.265 1.022   9.811   1.00 48.10  ? 41  ARG B CB  1 
ATOM   991  C CG  . ARG B 1 41 ? -22.290 0.680   8.703   1.00 51.60  ? 41  ARG B CG  1 
ATOM   992  C CD  . ARG B 1 41 ? -22.915 0.888   7.321   1.00 55.62  ? 41  ARG B CD  1 
ATOM   993  N NE  . ARG B 1 41 ? -23.633 -0.295  6.845   1.00 58.20  ? 41  ARG B NE  1 
ATOM   994  C CZ  . ARG B 1 41 ? -23.137 -1.187  5.990   1.00 58.37  ? 41  ARG B CZ  1 
ATOM   995  N NH1 . ARG B 1 41 ? -21.912 -1.041  5.502   1.00 53.31  ? 41  ARG B NH1 1 
ATOM   996  N NH2 . ARG B 1 41 ? -23.873 -2.227  5.618   1.00 67.56  ? 41  ARG B NH2 1 
ATOM   997  N N   . HIS B 1 42 ? -20.778 -0.474  11.682  1.00 43.37  ? 42  HIS B N   1 
ATOM   998  C CA  . HIS B 1 42 ? -20.090 -1.708  12.042  1.00 43.97  ? 42  HIS B CA  1 
ATOM   999  C C   . HIS B 1 42 ? -19.713 -1.645  13.528  1.00 48.41  ? 42  HIS B C   1 
ATOM   1000 O O   . HIS B 1 42 ? -18.576 -1.335  13.887  1.00 45.94  ? 42  HIS B O   1 
ATOM   1001 C CB  . HIS B 1 42 ? -18.845 -1.890  11.171  1.00 39.64  ? 42  HIS B CB  1 
ATOM   1002 C CG  . HIS B 1 42 ? -19.103 -1.725  9.704   1.00 45.05  ? 42  HIS B CG  1 
ATOM   1003 N ND1 . HIS B 1 42 ? -19.757 -2.679  8.950   1.00 45.82  ? 42  HIS B ND1 1 
ATOM   1004 C CD2 . HIS B 1 42 ? -18.795 -0.719  8.850   1.00 43.20  ? 42  HIS B CD2 1 
ATOM   1005 C CE1 . HIS B 1 42 ? -19.848 -2.264  7.699   1.00 40.73  ? 42  HIS B CE1 1 
ATOM   1006 N NE2 . HIS B 1 42 ? -19.272 -1.078  7.611   1.00 44.52  ? 42  HIS B NE2 1 
ATOM   1007 N N   . PHE B 1 43 ? -20.678 -1.930  14.394  1.00 43.72  ? 43  PHE B N   1 
ATOM   1008 C CA  . PHE B 1 43 ? -20.533 -1.611  15.808  1.00 38.64  ? 43  PHE B CA  1 
ATOM   1009 C C   . PHE B 1 43 ? -19.276 -2.218  16.392  1.00 41.89  ? 43  PHE B C   1 
ATOM   1010 O O   . PHE B 1 43 ? -18.629 -1.616  17.252  1.00 44.90  ? 43  PHE B O   1 
ATOM   1011 C CB  . PHE B 1 43 ? -21.758 -2.077  16.596  1.00 42.31  ? 43  PHE B CB  1 
ATOM   1012 C CG  . PHE B 1 43 ? -23.055 -1.594  16.027  1.00 39.84  ? 43  PHE B CG  1 
ATOM   1013 C CD1 . PHE B 1 43 ? -24.011 -2.496  15.580  1.00 41.85  ? 43  PHE B CD1 1 
ATOM   1014 C CD2 . PHE B 1 43 ? -23.309 -0.239  15.909  1.00 41.60  ? 43  PHE B CD2 1 
ATOM   1015 C CE1 . PHE B 1 43 ? -25.211 -2.053  15.041  1.00 38.72  ? 43  PHE B CE1 1 
ATOM   1016 C CE2 . PHE B 1 43 ? -24.503 0.213   15.367  1.00 47.35  ? 43  PHE B CE2 1 
ATOM   1017 C CZ  . PHE B 1 43 ? -25.458 -0.701  14.929  1.00 40.84  ? 43  PHE B CZ  1 
ATOM   1018 N N   . ASN B 1 44 ? -18.929 -3.412  15.921  1.00 47.84  ? 44  ASN B N   1 
ATOM   1019 C CA  . ASN B 1 44 ? -17.760 -4.116  16.436  1.00 44.73  ? 44  ASN B CA  1 
ATOM   1020 C C   . ASN B 1 44 ? -16.444 -3.671  15.784  1.00 43.56  ? 44  ASN B C   1 
ATOM   1021 O O   . ASN B 1 44 ? -15.405 -4.297  15.968  1.00 47.88  ? 44  ASN B O   1 
ATOM   1022 C CB  . ASN B 1 44 ? -17.952 -5.638  16.350  1.00 40.02  ? 44  ASN B CB  1 
ATOM   1023 C CG  . ASN B 1 44 ? -17.898 -6.164  14.925  1.00 51.71  ? 44  ASN B CG  1 
ATOM   1024 O OD1 . ASN B 1 44 ? -18.496 -5.591  14.010  1.00 52.11  ? 44  ASN B OD1 1 
ATOM   1025 N ND2 . ASN B 1 44 ? -17.179 -7.268  14.730  1.00 49.85  ? 44  ASN B ND2 1 
ATOM   1026 N N   . TYR B 1 45 ? -16.497 -2.573  15.036  1.00 38.94  ? 45  TYR B N   1 
ATOM   1027 C CA  . TYR B 1 45 ? -15.325 -2.021  14.361  1.00 32.45  ? 45  TYR B CA  1 
ATOM   1028 C C   . TYR B 1 45 ? -15.322 -0.498  14.552  1.00 32.39  ? 45  TYR B C   1 
ATOM   1029 O O   . TYR B 1 45 ? -14.276 0.139   14.525  1.00 33.14  ? 45  TYR B O   1 
ATOM   1030 C CB  . TYR B 1 45 ? -15.348 -2.412  12.873  1.00 35.10  ? 45  TYR B CB  1 
ATOM   1031 C CG  . TYR B 1 45 ? -14.053 -2.171  12.102  1.00 33.59  ? 45  TYR B CG  1 
ATOM   1032 C CD1 . TYR B 1 45 ? -14.050 -1.437  10.913  1.00 31.13  ? 45  TYR B CD1 1 
ATOM   1033 C CD2 . TYR B 1 45 ? -12.848 -2.689  12.547  1.00 25.99  ? 45  TYR B CD2 1 
ATOM   1034 C CE1 . TYR B 1 45 ? -12.885 -1.216  10.213  1.00 28.24  ? 45  TYR B CE1 1 
ATOM   1035 C CE2 . TYR B 1 45 ? -11.683 -2.479  11.848  1.00 27.51  ? 45  TYR B CE2 1 
ATOM   1036 C CZ  . TYR B 1 45 ? -11.703 -1.738  10.685  1.00 28.39  ? 45  TYR B CZ  1 
ATOM   1037 O OH  . TYR B 1 45 ? -10.531 -1.517  9.997   1.00 28.13  ? 45  TYR B OH  1 
ATOM   1038 N N   . ARG B 1 46 ? -16.508 0.059   14.784  1.00 30.61  ? 46  ARG B N   1 
ATOM   1039 C CA  . ARG B 1 46 ? -16.722 1.501   14.915  1.00 26.63  ? 46  ARG B CA  1 
ATOM   1040 C C   . ARG B 1 46 ? -15.512 2.286   15.401  1.00 31.01  ? 46  ARG B C   1 
ATOM   1041 O O   . ARG B 1 46 ? -15.041 3.181   14.721  1.00 30.21  ? 46  ARG B O   1 
ATOM   1042 C CB  . ARG B 1 46 ? -17.898 1.771   15.843  1.00 26.69  ? 46  ARG B CB  1 
ATOM   1043 C CG  . ARG B 1 46 ? -18.206 3.230   16.021  1.00 32.37  ? 46  ARG B CG  1 
ATOM   1044 C CD  . ARG B 1 46 ? -19.308 3.459   17.056  1.00 36.47  ? 46  ARG B CD  1 
ATOM   1045 N NE  . ARG B 1 46 ? -19.230 4.808   17.632  1.00 43.06  ? 46  ARG B NE  1 
ATOM   1046 C CZ  . ARG B 1 46 ? -20.171 5.743   17.488  1.00 46.27  ? 46  ARG B CZ  1 
ATOM   1047 N NH1 . ARG B 1 46 ? -21.276 5.480   16.797  1.00 42.22  ? 46  ARG B NH1 1 
ATOM   1048 N NH2 . ARG B 1 46 ? -20.017 6.941   18.036  1.00 48.90  ? 46  ARG B NH2 1 
ATOM   1049 N N   . ARG B 1 47 ? -15.007 1.948   16.578  1.00 34.99  ? 47  ARG B N   1 
ATOM   1050 C CA  . ARG B 1 47 ? -13.937 2.721   17.186  1.00 30.45  ? 47  ARG B CA  1 
ATOM   1051 C C   . ARG B 1 47 ? -12.607 2.668   16.464  1.00 32.28  ? 47  ARG B C   1 
ATOM   1052 O O   . ARG B 1 47 ? -11.929 3.677   16.357  1.00 36.21  ? 47  ARG B O   1 
ATOM   1053 C CB  . ARG B 1 47 ? -13.718 2.293   18.626  1.00 32.73  ? 47  ARG B CB  1 
ATOM   1054 C CG  . ARG B 1 47 ? -14.801 2.728   19.557  1.00 34.34  ? 47  ARG B CG  1 
ATOM   1055 C CD  . ARG B 1 47 ? -14.607 2.048   20.901  1.00 43.57  ? 47  ARG B CD  1 
ATOM   1056 N NE  . ARG B 1 47 ? -15.405 2.678   21.942  1.00 46.17  ? 47  ARG B NE  1 
ATOM   1057 C CZ  . ARG B 1 47 ? -14.912 3.088   23.099  1.00 35.29  ? 47  ARG B CZ  1 
ATOM   1058 N NH1 . ARG B 1 47 ? -13.629 2.908   23.359  1.00 34.28  ? 47  ARG B NH1 1 
ATOM   1059 N NH2 . ARG B 1 47 ? -15.706 3.664   23.985  1.00 34.03  ? 47  ARG B NH2 1 
ATOM   1060 N N   . ARG B 1 48 ? -12.193 1.492   16.013  1.00 34.91  ? 48  ARG B N   1 
ATOM   1061 C CA  . ARG B 1 48 ? -10.899 1.401   15.367  1.00 32.95  ? 48  ARG B CA  1 
ATOM   1062 C C   . ARG B 1 48 ? -11.029 2.067   14.011  1.00 35.57  ? 48  ARG B C   1 
ATOM   1063 O O   . ARG B 1 48 ? -10.087 2.636   13.463  1.00 38.62  ? 48  ARG B O   1 
ATOM   1064 C CB  . ARG B 1 48 ? -10.473 -0.049  15.207  1.00 34.95  ? 48  ARG B CB  1 
ATOM   1065 C CG  . ARG B 1 48 ? -9.028  -0.186  14.765  1.00 39.96  ? 48  ARG B CG  1 
ATOM   1066 C CD  . ARG B 1 48 ? -8.132  -0.156  15.974  1.00 38.27  ? 48  ARG B CD  1 
ATOM   1067 N NE  . ARG B 1 48 ? -6.822  0.452   15.743  1.00 46.51  ? 48  ARG B NE  1 
ATOM   1068 C CZ  . ARG B 1 48 ? -5.844  -0.096  15.032  1.00 39.77  ? 48  ARG B CZ  1 
ATOM   1069 N NH1 . ARG B 1 48 ? -6.036  -1.258  14.433  1.00 46.28  ? 48  ARG B NH1 1 
ATOM   1070 N NH2 . ARG B 1 48 ? -4.675  0.521   14.911  1.00 36.24  ? 48  ARG B NH2 1 
ATOM   1071 N N   . CYS B 1 49 ? -12.236 2.001   13.484  1.00 32.04  ? 49  CYS B N   1 
ATOM   1072 C CA  . CYS B 1 49 ? -12.545 2.530   12.178  1.00 30.33  ? 49  CYS B CA  1 
ATOM   1073 C C   . CYS B 1 49 ? -12.438 4.068   12.144  1.00 36.50  ? 49  CYS B C   1 
ATOM   1074 O O   . CYS B 1 49 ? -11.805 4.647   11.259  1.00 32.71  ? 49  CYS B O   1 
ATOM   1075 C CB  . CYS B 1 49 ? -13.947 2.063   11.819  1.00 29.80  ? 49  CYS B CB  1 
ATOM   1076 S SG  . CYS B 1 49 ? -14.469 2.482   10.170  1.00 32.65  ? 49  CYS B SG  1 
ATOM   1077 N N   . LEU B 1 50 ? -13.049 4.727   13.125  1.00 38.62  ? 50  LEU B N   1 
ATOM   1078 C CA  . LEU B 1 50 ? -13.030 6.174   13.184  1.00 35.45  ? 50  LEU B CA  1 
ATOM   1079 C C   . LEU B 1 50 ? -11.606 6.695   13.338  1.00 39.12  ? 50  LEU B C   1 
ATOM   1080 O O   . LEU B 1 50 ? -11.224 7.655   12.676  1.00 43.13  ? 50  LEU B O   1 
ATOM   1081 C CB  . LEU B 1 50 ? -13.930 6.672   14.309  1.00 41.50  ? 50  LEU B CB  1 
ATOM   1082 C CG  . LEU B 1 50 ? -15.429 6.392   14.145  1.00 43.58  ? 50  LEU B CG  1 
ATOM   1083 C CD1 . LEU B 1 50 ? -16.147 6.479   15.478  1.00 38.75  ? 50  LEU B CD1 1 
ATOM   1084 C CD2 . LEU B 1 50 ? -16.061 7.333   13.140  1.00 41.36  ? 50  LEU B CD2 1 
ATOM   1085 N N   . LEU B 1 51 ? -10.822 6.063   14.205  1.00 25.62  ? 51  LEU B N   1 
ATOM   1086 C CA  . LEU B 1 51 ? -9.398  6.386   14.309  1.00 25.54  ? 51  LEU B CA  1 
ATOM   1087 C C   . LEU B 1 51 ? -8.655  6.273   12.957  1.00 28.80  ? 51  LEU B C   1 
ATOM   1088 O O   . LEU B 1 51 ? -8.066  7.244   12.479  1.00 26.22  ? 51  LEU B O   1 
ATOM   1089 C CB  . LEU B 1 51 ? -8.705  5.512   15.361  1.00 23.79  ? 51  LEU B CB  1 
ATOM   1090 C CG  . LEU B 1 51 ? -7.185  5.715   15.428  1.00 25.40  ? 51  LEU B CG  1 
ATOM   1091 C CD1 . LEU B 1 51 ? -6.870  7.046   16.034  1.00 25.88  ? 51  LEU B CD1 1 
ATOM   1092 C CD2 . LEU B 1 51 ? -6.457  4.622   16.183  1.00 24.64  ? 51  LEU B CD2 1 
ATOM   1093 N N   . LEU B 1 52 ? -8.680  5.087   12.355  1.00 30.15  ? 52  LEU B N   1 
ATOM   1094 C CA  . LEU B 1 52 ? -7.982  4.843   11.097  1.00 27.63  ? 52  LEU B CA  1 
ATOM   1095 C C   . LEU B 1 52 ? -8.465  5.734   9.944   1.00 28.25  ? 52  LEU B C   1 
ATOM   1096 O O   . LEU B 1 52 ? -7.672  6.242   9.152   1.00 24.64  ? 52  LEU B O   1 
ATOM   1097 C CB  . LEU B 1 52 ? -8.096  3.366   10.715  1.00 30.98  ? 52  LEU B CB  1 
ATOM   1098 C CG  . LEU B 1 52 ? -6.971  2.466   11.225  1.00 29.82  ? 52  LEU B CG  1 
ATOM   1099 C CD1 . LEU B 1 52 ? -5.826  3.316   11.748  1.00 32.26  ? 52  LEU B CD1 1 
ATOM   1100 C CD2 . LEU B 1 52 ? -7.479  1.593   12.317  1.00 37.87  ? 52  LEU B CD2 1 
ATOM   1101 N N   . MET B 1 53 ? -9.769  5.937   9.851   1.00 31.11  ? 53  MET B N   1 
ATOM   1102 C CA  . MET B 1 53 ? -10.293 6.773   8.781   1.00 30.05  ? 53  MET B CA  1 
ATOM   1103 C C   . MET B 1 53 ? -9.925  8.255   8.917   1.00 35.08  ? 53  MET B C   1 
ATOM   1104 O O   . MET B 1 53 ? -9.573  8.887   7.923   1.00 37.37  ? 53  MET B O   1 
ATOM   1105 C CB  . MET B 1 53 ? -11.809 6.602   8.629   1.00 35.05  ? 53  MET B CB  1 
ATOM   1106 C CG  . MET B 1 53 ? -12.255 5.177   8.312   1.00 34.15  ? 53  MET B CG  1 
ATOM   1107 S SD  . MET B 1 53 ? -11.347 4.399   6.967   1.00 37.52  ? 53  MET B SD  1 
ATOM   1108 C CE  . MET B 1 53 ? -11.937 2.722   7.088   1.00 29.75  ? 53  MET B CE  1 
ATOM   1109 N N   . LYS B 1 54 ? -10.015 8.823   10.124  1.00 36.46  ? 54  LYS B N   1 
ATOM   1110 C CA  . LYS B 1 54 ? -9.645  10.228  10.323  1.00 30.88  ? 54  LYS B CA  1 
ATOM   1111 C C   . LYS B 1 54 ? -8.143  10.387  10.156  1.00 33.31  ? 54  LYS B C   1 
ATOM   1112 O O   . LYS B 1 54 ? -7.672  11.234  9.409   1.00 37.22  ? 54  LYS B O   1 
ATOM   1113 C CB  . LYS B 1 54 ? -10.075 10.736  11.698  1.00 36.41  ? 54  LYS B CB  1 
ATOM   1114 C CG  . LYS B 1 54 ? -11.567 10.567  11.996  1.00 50.19  ? 54  LYS B CG  1 
ATOM   1115 C CD  . LYS B 1 54 ? -11.924 10.904  13.455  1.00 53.15  ? 54  LYS B CD  1 
ATOM   1116 C CE  . LYS B 1 54 ? -12.106 12.405  13.660  1.00 56.26  ? 54  LYS B CE  1 
ATOM   1117 N NZ  . LYS B 1 54 ? -13.036 12.679  14.786  1.00 57.79  ? 54  LYS B NZ  1 
ATOM   1118 N N   . VAL B 1 55 ? -7.391  9.550   10.847  1.00 28.69  ? 55  VAL B N   1 
ATOM   1119 C CA  . VAL B 1 55 ? -5.936  9.575   10.760  1.00 29.26  ? 55  VAL B CA  1 
ATOM   1120 C C   . VAL B 1 55 ? -5.378  9.471   9.339   1.00 28.63  ? 55  VAL B C   1 
ATOM   1121 O O   . VAL B 1 55 ? -4.468  10.220  8.990   1.00 26.93  ? 55  VAL B O   1 
ATOM   1122 C CB  . VAL B 1 55 ? -5.307  8.499   11.680  1.00 31.30  ? 55  VAL B CB  1 
ATOM   1123 C CG1 . VAL B 1 55 ? -3.915  8.132   11.221  1.00 30.31  ? 55  VAL B CG1 1 
ATOM   1124 C CG2 . VAL B 1 55 ? -5.278  9.006   13.104  1.00 34.73  ? 55  VAL B CG2 1 
ATOM   1125 N N   . ASN B 1 56 ? -5.897  8.547   8.530   1.00 33.85  ? 56  ASN B N   1 
ATOM   1126 C CA  . ASN B 1 56 ? -5.434  8.411   7.139   1.00 34.18  ? 56  ASN B CA  1 
ATOM   1127 C C   . ASN B 1 56 ? -6.364  9.062   6.112   1.00 32.64  ? 56  ASN B C   1 
ATOM   1128 O O   . ASN B 1 56 ? -6.426  8.618   4.973   1.00 34.32  ? 56  ASN B O   1 
ATOM   1129 C CB  . ASN B 1 56 ? -5.289  6.939   6.735   1.00 32.18  ? 56  ASN B CB  1 
ATOM   1130 C CG  . ASN B 1 56 ? -4.361  6.154   7.634   1.00 34.36  ? 56  ASN B CG  1 
ATOM   1131 O OD1 . ASN B 1 56 ? -3.172  5.995   7.348   1.00 35.68  ? 56  ASN B OD1 1 
ATOM   1132 N ND2 . ASN B 1 56 ? -4.915  5.612   8.701   1.00 33.83  ? 56  ASN B ND2 1 
ATOM   1133 N N   . SER B 1 57 ? -7.100  10.094  6.500   1.00 31.15  ? 57  SER B N   1 
ATOM   1134 C CA  . SER B 1 57 ? -8.181  10.580  5.655   1.00 32.60  ? 57  SER B CA  1 
ATOM   1135 C C   . SER B 1 57 ? -7.634  11.099  4.336   1.00 34.43  ? 57  SER B C   1 
ATOM   1136 O O   . SER B 1 57 ? -8.309  11.068  3.310   1.00 36.03  ? 57  SER B O   1 
ATOM   1137 C CB  . SER B 1 57 ? -8.972  11.668  6.369   1.00 33.92  ? 57  SER B CB  1 
ATOM   1138 O OG  . SER B 1 57 ? -8.233  12.869  6.388   1.00 32.57  ? 57  SER B OG  1 
ATOM   1139 N N   . ASP B 1 58 ? -6.397  11.569  4.380   1.00 34.66  ? 58  ASP B N   1 
ATOM   1140 C CA  . ASP B 1 58 ? -5.717  12.088  3.213   1.00 30.08  ? 58  ASP B CA  1 
ATOM   1141 C C   . ASP B 1 58 ? -5.353  10.967  2.264   1.00 31.13  ? 58  ASP B C   1 
ATOM   1142 O O   . ASP B 1 58 ? -5.680  10.995  1.089   1.00 38.00  ? 58  ASP B O   1 
ATOM   1143 C CB  . ASP B 1 58 ? -4.443  12.774  3.668   1.00 40.85  ? 58  ASP B CB  1 
ATOM   1144 C CG  . ASP B 1 58 ? -4.039  13.911  2.762   1.00 58.22  ? 58  ASP B CG  1 
ATOM   1145 O OD1 . ASP B 1 58 ? -3.794  15.012  3.315   1.00 66.66  ? 58  ASP B OD1 1 
ATOM   1146 O OD2 . ASP B 1 58 ? -3.967  13.703  1.517   1.00 51.67  ? 58  ASP B OD2 1 
ATOM   1147 N N   . LEU B 1 59 ? -4.643  9.986   2.793   1.00 27.53  ? 59  LEU B N   1 
ATOM   1148 C CA  . LEU B 1 59 ? -4.300  8.782   2.065   1.00 27.45  ? 59  LEU B CA  1 
ATOM   1149 C C   . LEU B 1 59 ? -5.497  8.175   1.333   1.00 28.83  ? 59  LEU B C   1 
ATOM   1150 O O   . LEU B 1 59 ? -5.367  7.719   0.195   1.00 26.63  ? 59  LEU B O   1 
ATOM   1151 C CB  . LEU B 1 59 ? -3.724  7.760   3.040   1.00 24.92  ? 59  LEU B CB  1 
ATOM   1152 C CG  . LEU B 1 59 ? -3.643  6.361   2.460   1.00 23.15  ? 59  LEU B CG  1 
ATOM   1153 C CD1 . LEU B 1 59 ? -2.562  6.328   1.411   1.00 21.61  ? 59  LEU B CD1 1 
ATOM   1154 C CD2 . LEU B 1 59 ? -3.356  5.366   3.552   1.00 24.08  ? 59  LEU B CD2 1 
ATOM   1155 N N   . ILE B 1 60 ? -6.656  8.159   1.990   1.00 32.35  ? 60  ILE B N   1 
ATOM   1156 C CA  . ILE B 1 60 ? -7.848  7.521   1.435   1.00 31.94  ? 60  ILE B CA  1 
ATOM   1157 C C   . ILE B 1 60 ? -8.394  8.334   0.276   1.00 34.35  ? 60  ILE B C   1 
ATOM   1158 O O   . ILE B 1 60 ? -8.636  7.814   -0.804  1.00 39.08  ? 60  ILE B O   1 
ATOM   1159 C CB  . ILE B 1 60 ? -8.935  7.334   2.506   1.00 32.96  ? 60  ILE B CB  1 
ATOM   1160 C CG1 . ILE B 1 60 ? -8.451  6.339   3.566   1.00 32.96  ? 60  ILE B CG1 1 
ATOM   1161 C CG2 . ILE B 1 60 ? -10.218 6.861   1.877   1.00 26.97  ? 60  ILE B CG2 1 
ATOM   1162 C CD1 . ILE B 1 60 ? -9.204  6.398   4.866   1.00 31.46  ? 60  ILE B CD1 1 
ATOM   1163 N N   . PHE B 1 61 ? -8.576  9.622   0.503   1.00 28.98  ? 61  PHE B N   1 
ATOM   1164 C CA  . PHE B 1 61 ? -8.942  10.538  -0.564  1.00 30.45  ? 61  PHE B CA  1 
ATOM   1165 C C   . PHE B 1 61 ? -8.059  10.360  -1.811  1.00 31.73  ? 61  PHE B C   1 
ATOM   1166 O O   . PHE B 1 61 ? -8.561  10.272  -2.933  1.00 30.15  ? 61  PHE B O   1 
ATOM   1167 C CB  . PHE B 1 61 ? -8.851  11.973  -0.051  1.00 25.20  ? 61  PHE B CB  1 
ATOM   1168 C CG  . PHE B 1 61 ? -9.223  13.007  -1.068  1.00 31.18  ? 61  PHE B CG  1 
ATOM   1169 C CD1 . PHE B 1 61 ? -10.548 13.197  -1.432  1.00 29.70  ? 61  PHE B CD1 1 
ATOM   1170 C CD2 . PHE B 1 61 ? -8.248  13.821  -1.646  1.00 34.71  ? 61  PHE B CD2 1 
ATOM   1171 C CE1 . PHE B 1 61 ? -10.898 14.173  -2.362  1.00 28.22  ? 61  PHE B CE1 1 
ATOM   1172 C CE2 . PHE B 1 61 ? -8.590  14.794  -2.568  1.00 28.02  ? 61  PHE B CE2 1 
ATOM   1173 C CZ  . PHE B 1 61 ? -9.922  14.963  -2.930  1.00 28.29  ? 61  PHE B CZ  1 
ATOM   1174 N N   . ARG B 1 62 ? -6.747  10.319  -1.619  1.00 34.81  ? 62  ARG B N   1 
ATOM   1175 C CA  . ARG B 1 62 ? -5.848  10.179  -2.749  1.00 33.93  ? 62  ARG B CA  1 
ATOM   1176 C C   . ARG B 1 62 ? -5.953  8.819   -3.429  1.00 38.44  ? 62  ARG B C   1 
ATOM   1177 O O   . ARG B 1 62 ? -5.963  8.741   -4.654  1.00 43.27  ? 62  ARG B O   1 
ATOM   1178 C CB  . ARG B 1 62 ? -4.418  10.502  -2.353  1.00 33.38  ? 62  ARG B CB  1 
ATOM   1179 C CG  . ARG B 1 62 ? -4.113  11.943  -2.595  1.00 44.12  ? 62  ARG B CG  1 
ATOM   1180 C CD  . ARG B 1 62 ? -2.631  12.227  -2.487  1.00 61.68  ? 62  ARG B CD  1 
ATOM   1181 N NE  . ARG B 1 62 ? -2.212  12.500  -1.114  1.00 52.56  ? 62  ARG B NE  1 
ATOM   1182 C CZ  . ARG B 1 62 ? -1.551  11.646  -0.342  1.00 56.32  ? 62  ARG B CZ  1 
ATOM   1183 N NH1 . ARG B 1 62 ? -1.230  10.434  -0.799  1.00 54.44  ? 62  ARG B NH1 1 
ATOM   1184 N NH2 . ARG B 1 62 ? -1.216  12.002  0.898   1.00 59.88  ? 62  ARG B NH2 1 
ATOM   1185 N N   . GLU B 1 63 ? -6.050  7.746   -2.653  1.00 28.73  ? 63  GLU B N   1 
ATOM   1186 C CA  . GLU B 1 63 ? -6.265  6.434   -3.256  1.00 29.43  ? 63  GLU B CA  1 
ATOM   1187 C C   . GLU B 1 63 ? -7.619  6.359   -3.973  1.00 34.25  ? 63  GLU B C   1 
ATOM   1188 O O   . GLU B 1 63 ? -7.717  5.797   -5.062  1.00 36.57  ? 63  GLU B O   1 
ATOM   1189 C CB  . GLU B 1 63 ? -6.144  5.323   -2.216  1.00 23.30  ? 63  GLU B CB  1 
ATOM   1190 C CG  . GLU B 1 63 ? -4.762  5.223   -1.601  1.00 27.20  ? 63  GLU B CG  1 
ATOM   1191 C CD  . GLU B 1 63 ? -3.760  4.467   -2.463  1.00 30.95  ? 63  GLU B CD  1 
ATOM   1192 O OE1 . GLU B 1 63 ? -4.181  3.669   -3.331  1.00 33.45  ? 63  GLU B OE1 1 
ATOM   1193 O OE2 . GLU B 1 63 ? -2.542  4.670   -2.271  1.00 30.26  ? 63  GLU B OE2 1 
ATOM   1194 N N   . MET B 1 64 ? -8.664  6.927   -3.376  1.00 30.20  ? 64  MET B N   1 
ATOM   1195 C CA  . MET B 1 64 ? -9.987  6.877   -3.996  1.00 32.28  ? 64  MET B CA  1 
ATOM   1196 C C   . MET B 1 64 ? -10.103 7.703   -5.284  1.00 32.26  ? 64  MET B C   1 
ATOM   1197 O O   . MET B 1 64 ? -10.829 7.315   -6.197  1.00 31.45  ? 64  MET B O   1 
ATOM   1198 C CB  . MET B 1 64 ? -11.091 7.271   -3.007  1.00 24.67  ? 64  MET B CB  1 
ATOM   1199 C CG  . MET B 1 64 ? -11.432 6.194   -1.997  1.00 26.25  ? 64  MET B CG  1 
ATOM   1200 S SD  . MET B 1 64 ? -12.969 6.574   -1.146  1.00 25.12  ? 64  MET B SD  1 
ATOM   1201 C CE  . MET B 1 64 ? -13.051 5.247   0.030   1.00 27.18  ? 64  MET B CE  1 
ATOM   1202 N N   . THR B 1 65 ? -9.383  8.822   -5.364  1.00 30.21  ? 65  THR B N   1 
ATOM   1203 C CA  . THR B 1 65 ? -9.482  9.720   -6.515  1.00 28.67  ? 65  THR B CA  1 
ATOM   1204 C C   . THR B 1 65 ? -8.381  9.583   -7.572  1.00 33.19  ? 65  THR B C   1 
ATOM   1205 O O   . THR B 1 65 ? -8.436  10.257  -8.586  1.00 33.01  ? 65  THR B O   1 
ATOM   1206 C CB  . THR B 1 65 ? -9.473  11.180  -6.077  1.00 28.83  ? 65  THR B CB  1 
ATOM   1207 O OG1 . THR B 1 65 ? -8.209  11.479  -5.475  1.00 29.25  ? 65  THR B OG1 1 
ATOM   1208 C CG2 . THR B 1 65 ? -10.599 11.445  -5.099  1.00 27.14  ? 65  THR B CG2 1 
ATOM   1209 N N   . ASP B 1 66 ? -7.391  8.721   -7.347  1.00 39.94  ? 66  ASP B N   1 
ATOM   1210 C CA  . ASP B 1 66 ? -6.276  8.554   -8.291  1.00 34.06  ? 66  ASP B CA  1 
ATOM   1211 C C   . ASP B 1 66 ? -6.436  7.420   -9.318  1.00 38.82  ? 66  ASP B C   1 
ATOM   1212 O O   . ASP B 1 66 ? -5.447  6.988   -9.917  1.00 41.73  ? 66  ASP B O   1 
ATOM   1213 C CB  . ASP B 1 66 ? -4.963  8.347   -7.521  1.00 35.06  ? 66  ASP B CB  1 
ATOM   1214 C CG  . ASP B 1 66 ? -4.310  9.659   -7.099  1.00 35.94  ? 66  ASP B CG  1 
ATOM   1215 O OD1 . ASP B 1 66 ? -3.135  9.624   -6.702  1.00 38.22  ? 66  ASP B OD1 1 
ATOM   1216 O OD2 . ASP B 1 66 ? -4.957  10.721  -7.168  1.00 36.44  ? 66  ASP B OD2 1 
ATOM   1217 N N   . GLY B 1 67 ? -7.659  6.925   -9.515  1.00 42.16  ? 67  GLY B N   1 
ATOM   1218 C CA  . GLY B 1 67 ? -7.882  5.819   -10.437 1.00 43.18  ? 67  GLY B CA  1 
ATOM   1219 C C   . GLY B 1 67 ? -7.816  4.424   -9.819  1.00 55.51  ? 67  GLY B C   1 
ATOM   1220 O O   . GLY B 1 67 ? -8.845  3.836   -9.463  1.00 54.48  ? 67  GLY B O   1 
ATOM   1221 N N   . SER B 1 68 ? -6.606  3.893   -9.683  1.00 50.14  ? 68  SER B N   1 
ATOM   1222 C CA  . SER B 1 68 ? -6.417  2.528   -9.197  1.00 48.38  ? 68  SER B CA  1 
ATOM   1223 C C   . SER B 1 68 ? -6.908  2.288   -7.769  1.00 45.42  ? 68  SER B C   1 
ATOM   1224 O O   . SER B 1 68 ? -6.167  1.768   -6.938  1.00 51.56  ? 68  SER B O   1 
ATOM   1225 C CB  . SER B 1 68 ? -4.936  2.119   -9.319  1.00 59.38  ? 68  SER B CB  1 
ATOM   1226 O OG  . SER B 1 68 ? -4.615  0.951   -8.550  1.00 66.83  ? 68  SER B OG  1 
ATOM   1227 N N   . PHE B 1 69 ? -8.152  2.637   -7.469  1.00 37.99  ? 69  PHE B N   1 
ATOM   1228 C CA  . PHE B 1 69 ? -8.663  2.367   -6.122  1.00 37.49  ? 69  PHE B CA  1 
ATOM   1229 C C   . PHE B 1 69 ? -8.879  0.882   -5.849  1.00 40.48  ? 69  PHE B C   1 
ATOM   1230 O O   . PHE B 1 69 ? -9.679  0.218   -6.516  1.00 39.93  ? 69  PHE B O   1 
ATOM   1231 C CB  . PHE B 1 69 ? -9.958  3.119   -5.842  1.00 34.29  ? 69  PHE B CB  1 
ATOM   1232 C CG  . PHE B 1 69 ? -10.528 2.844   -4.479  1.00 32.63  ? 69  PHE B CG  1 
ATOM   1233 C CD1 . PHE B 1 69 ? -9.817  3.183   -3.335  1.00 33.24  ? 69  PHE B CD1 1 
ATOM   1234 C CD2 . PHE B 1 69 ? -11.775 2.262   -4.338  1.00 33.88  ? 69  PHE B CD2 1 
ATOM   1235 C CE1 . PHE B 1 69 ? -10.330 2.935   -2.075  1.00 29.76  ? 69  PHE B CE1 1 
ATOM   1236 C CE2 . PHE B 1 69 ? -12.299 2.009   -3.078  1.00 36.60  ? 69  PHE B CE2 1 
ATOM   1237 C CZ  . PHE B 1 69 ? -11.571 2.347   -1.944  1.00 32.70  ? 69  PHE B CZ  1 
ATOM   1238 N N   . LYS B 1 70 ? -8.166  0.360   -4.863  1.00 39.74  ? 70  LYS B N   1 
ATOM   1239 C CA  . LYS B 1 70 ? -8.339  -1.027  -4.479  1.00 35.93  ? 70  LYS B CA  1 
ATOM   1240 C C   . LYS B 1 70 ? -8.373  -1.123  -2.968  1.00 40.68  ? 70  LYS B C   1 
ATOM   1241 O O   . LYS B 1 70 ? -7.333  -1.025  -2.316  1.00 43.11  ? 70  LYS B O   1 
ATOM   1242 C CB  . LYS B 1 70 ? -7.202  -1.881  -5.034  1.00 41.26  ? 70  LYS B CB  1 
ATOM   1243 C CG  . LYS B 1 70 ? -7.186  -2.002  -6.540  1.00 42.11  ? 70  LYS B CG  1 
ATOM   1244 C CD  . LYS B 1 70 ? -6.194  -3.068  -6.991  1.00 54.32  ? 70  LYS B CD  1 
ATOM   1245 C CE  . LYS B 1 70 ? -6.264  -3.309  -8.503  1.00 63.25  ? 70  LYS B CE  1 
ATOM   1246 N NZ  . LYS B 1 70 ? -7.613  -3.795  -8.924  1.00 61.46  ? 70  LYS B NZ  1 
ATOM   1247 N N   . PRO B 1 71 ? -9.574  -1.323  -2.403  1.00 38.76  ? 71  PRO B N   1 
ATOM   1248 C CA  . PRO B 1 71 ? -9.822  -1.246  -0.958  1.00 26.97  ? 71  PRO B CA  1 
ATOM   1249 C C   . PRO B 1 71 ? -8.860  -2.093  -0.146  1.00 32.47  ? 71  PRO B C   1 
ATOM   1250 O O   . PRO B 1 71 ? -8.481  -1.692  0.937   1.00 38.31  ? 71  PRO B O   1 
ATOM   1251 C CB  . PRO B 1 71 ? -11.241 -1.786  -0.819  1.00 33.37  ? 71  PRO B CB  1 
ATOM   1252 C CG  . PRO B 1 71 ? -11.879 -1.524  -2.148  1.00 34.63  ? 71  PRO B CG  1 
ATOM   1253 C CD  . PRO B 1 71 ? -10.791 -1.667  -3.162  1.00 34.83  ? 71  PRO B CD  1 
ATOM   1254 N N   . MET B 1 72 ? -8.462  -3.250  -0.648  1.00 37.00  ? 72  MET B N   1 
ATOM   1255 C CA  . MET B 1 72 ? -7.577  -4.107  0.121   1.00 37.33  ? 72  MET B CA  1 
ATOM   1256 C C   . MET B 1 72 ? -6.202  -3.489  0.253   1.00 38.09  ? 72  MET B C   1 
ATOM   1257 O O   . MET B 1 72 ? -5.551  -3.600  1.290   1.00 39.46  ? 72  MET B O   1 
ATOM   1258 C CB  . MET B 1 72 ? -7.440  -5.472  -0.541  1.00 42.03  ? 72  MET B CB  1 
ATOM   1259 C CG  . MET B 1 72 ? -6.079  -6.100  -0.309  1.00 43.92  ? 72  MET B CG  1 
ATOM   1260 S SD  . MET B 1 72 ? -6.151  -7.746  0.389   1.00 50.51  ? 72  MET B SD  1 
ATOM   1261 C CE  . MET B 1 72 ? -4.409  -7.972  0.751   1.00 49.44  ? 72  MET B CE  1 
ATOM   1262 N N   . GLU B 1 73 ? -5.755  -2.854  -0.821  1.00 33.69  ? 73  GLU B N   1 
ATOM   1263 C CA  . GLU B 1 73 ? -4.424  -2.268  -0.863  1.00 36.25  ? 73  GLU B CA  1 
ATOM   1264 C C   . GLU B 1 73 ? -4.320  -1.059  0.080   1.00 35.21  ? 73  GLU B C   1 
ATOM   1265 O O   . GLU B 1 73 ? -3.322  -0.894  0.788   1.00 32.46  ? 73  GLU B O   1 
ATOM   1266 C CB  . GLU B 1 73 ? -4.047  -1.926  -2.312  1.00 35.40  ? 73  GLU B CB  1 
ATOM   1267 C CG  . GLU B 1 73 ? -4.023  -3.168  -3.221  1.00 34.86  ? 73  GLU B CG  1 
ATOM   1268 C CD  . GLU B 1 73 ? -3.506  -2.915  -4.642  1.00 39.80  ? 73  GLU B CD  1 
ATOM   1269 O OE1 . GLU B 1 73 ? -3.659  -1.800  -5.192  1.00 37.90  ? 73  GLU B OE1 1 
ATOM   1270 O OE2 . GLU B 1 73 ? -2.945  -3.863  -5.215  1.00 44.90  ? 73  GLU B OE2 1 
ATOM   1271 N N   . VAL B 1 74 ? -5.369  -0.240  0.104   1.00 35.42  ? 74  VAL B N   1 
ATOM   1272 C CA  . VAL B 1 74 ? -5.450  0.872   1.035   1.00 29.69  ? 74  VAL B CA  1 
ATOM   1273 C C   . VAL B 1 74 ? -5.474  0.336   2.463   1.00 31.62  ? 74  VAL B C   1 
ATOM   1274 O O   . VAL B 1 74 ? -4.709  0.792   3.318   1.00 37.57  ? 74  VAL B O   1 
ATOM   1275 C CB  . VAL B 1 74 ? -6.699  1.756   0.798   1.00 29.98  ? 74  VAL B CB  1 
ATOM   1276 C CG1 . VAL B 1 74 ? -6.657  2.952   1.697   1.00 26.40  ? 74  VAL B CG1 1 
ATOM   1277 C CG2 . VAL B 1 74 ? -6.799  2.202   -0.648  1.00 27.39  ? 74  VAL B CG2 1 
ATOM   1278 N N   . CYS B 1 75 ? -6.347  -0.631  2.726   1.00 30.70  ? 75  CYS B N   1 
ATOM   1279 C CA  . CYS B 1 75 ? -6.452  -1.212  4.070   1.00 28.96  ? 75  CYS B CA  1 
ATOM   1280 C C   . CYS B 1 75 ? -5.136  -1.805  4.507   1.00 28.77  ? 75  CYS B C   1 
ATOM   1281 O O   . CYS B 1 75 ? -4.766  -1.716  5.666   1.00 30.37  ? 75  CYS B O   1 
ATOM   1282 C CB  . CYS B 1 75 ? -7.540  -2.271  4.130   1.00 26.67  ? 75  CYS B CB  1 
ATOM   1283 S SG  . CYS B 1 75 ? -9.207  -1.606  3.982   1.00 33.45  ? 75  CYS B SG  1 
ATOM   1284 N N   . LEU B 1 76 ? -4.420  -2.414  3.578   1.00 30.93  ? 76  LEU B N   1 
ATOM   1285 C CA  . LEU B 1 76 ? -3.103  -2.937  3.902   1.00 32.05  ? 76  LEU B CA  1 
ATOM   1286 C C   . LEU B 1 76 ? -2.184  -1.782  4.266   1.00 33.75  ? 76  LEU B C   1 
ATOM   1287 O O   . LEU B 1 76 ? -1.447  -1.851  5.241   1.00 35.85  ? 76  LEU B O   1 
ATOM   1288 C CB  . LEU B 1 76 ? -2.523  -3.744  2.737   1.00 30.89  ? 76  LEU B CB  1 
ATOM   1289 C CG  . LEU B 1 76 ? -1.094  -4.251  2.915   1.00 30.34  ? 76  LEU B CG  1 
ATOM   1290 C CD1 . LEU B 1 76 ? -0.913  -5.611  2.253   1.00 31.64  ? 76  LEU B CD1 1 
ATOM   1291 C CD2 . LEU B 1 76 ? -0.091  -3.248  2.383   1.00 28.42  ? 76  LEU B CD2 1 
ATOM   1292 N N   . ILE B 1 77 ? -2.230  -0.707  3.485   1.00 40.01  ? 77  ILE B N   1 
ATOM   1293 C CA  . ILE B 1 77 ? -1.367  0.433   3.762   1.00 34.17  ? 77  ILE B CA  1 
ATOM   1294 C C   . ILE B 1 77 ? -1.559  0.849   5.205   1.00 34.35  ? 77  ILE B C   1 
ATOM   1295 O O   . ILE B 1 77 ? -0.591  1.089   5.908   1.00 37.33  ? 77  ILE B O   1 
ATOM   1296 C CB  . ILE B 1 77 ? -1.596  1.588   2.779   1.00 32.27  ? 77  ILE B CB  1 
ATOM   1297 C CG1 . ILE B 1 77 ? -0.957  1.230   1.443   1.00 32.94  ? 77  ILE B CG1 1 
ATOM   1298 C CG2 . ILE B 1 77 ? -0.957  2.860   3.282   1.00 31.51  ? 77  ILE B CG2 1 
ATOM   1299 C CD1 . ILE B 1 77 ? -1.240  2.201   0.342   1.00 28.68  ? 77  ILE B CD1 1 
ATOM   1300 N N   . MET B 1 78 ? -2.809  0.878   5.657   1.00 32.78  ? 78  MET B N   1 
ATOM   1301 C CA  . MET B 1 78 ? -3.123  1.298   7.021   1.00 29.70  ? 78  MET B CA  1 
ATOM   1302 C C   . MET B 1 78 ? -2.847  0.213   8.052   1.00 31.06  ? 78  MET B C   1 
ATOM   1303 O O   . MET B 1 78 ? -2.953  0.475   9.247   1.00 32.46  ? 78  MET B O   1 
ATOM   1304 C CB  . MET B 1 78 ? -4.585  1.724   7.133   1.00 29.97  ? 78  MET B CB  1 
ATOM   1305 C CG  . MET B 1 78 ? -4.996  2.834   6.200   1.00 25.06  ? 78  MET B CG  1 
ATOM   1306 S SD  . MET B 1 78 ? -6.720  3.307   6.440   1.00 35.39  ? 78  MET B SD  1 
ATOM   1307 C CE  . MET B 1 78 ? -7.587  1.998   5.618   1.00 28.04  ? 78  MET B CE  1 
ATOM   1308 N N   . ARG B 1 79 ? -2.521  -0.995  7.577   1.00 33.68  ? 79  ARG B N   1 
ATOM   1309 C CA  . ARG B 1 79 ? -2.196  -2.181  8.406   1.00 30.33  ? 79  ARG B CA  1 
ATOM   1310 C C   . ARG B 1 79 ? -3.411  -2.982  8.925   1.00 34.18  ? 79  ARG B C   1 
ATOM   1311 O O   . ARG B 1 79 ? -3.270  -3.867  9.774   1.00 34.85  ? 79  ARG B O   1 
ATOM   1312 C CB  . ARG B 1 79 ? -1.237  -1.853  9.566   1.00 30.30  ? 79  ARG B CB  1 
ATOM   1313 C CG  . ARG B 1 79 ? 0.061   -1.152  9.159   1.00 40.61  ? 79  ARG B CG  1 
ATOM   1314 C CD  . ARG B 1 79 ? 1.150   -1.214  10.253  1.00 32.31  ? 79  ARG B CD  1 
ATOM   1315 N NE  . ARG B 1 79 ? 2.252   -2.059  9.802   1.00 42.88  ? 79  ARG B NE  1 
ATOM   1316 C CZ  . ARG B 1 79 ? 3.332   -1.614  9.173   1.00 39.89  ? 79  ARG B CZ  1 
ATOM   1317 N NH1 . ARG B 1 79 ? 3.483   -0.324  8.947   1.00 41.95  ? 79  ARG B NH1 1 
ATOM   1318 N NH2 . ARG B 1 79 ? 4.272   -2.462  8.789   1.00 42.24  ? 79  ARG B NH2 1 
ATOM   1319 N N   . GLU B 1 80 ? -4.600  -2.684  8.417   1.00 31.99  ? 80  GLU B N   1 
ATOM   1320 C CA  . GLU B 1 80 ? -5.767  -3.486  8.754   1.00 27.71  ? 80  GLU B CA  1 
ATOM   1321 C C   . GLU B 1 80 ? -5.773  -4.775  7.936   1.00 36.54  ? 80  GLU B C   1 
ATOM   1322 O O   . GLU B 1 80 ? -6.516  -5.708  8.240   1.00 40.28  ? 80  GLU B O   1 
ATOM   1323 C CB  . GLU B 1 80 ? -7.045  -2.693  8.530   1.00 29.45  ? 80  GLU B CB  1 
ATOM   1324 C CG  . GLU B 1 80 ? -7.187  -1.506  9.471   1.00 31.83  ? 80  GLU B CG  1 
ATOM   1325 C CD  . GLU B 1 80 ? -7.291  -1.939  10.912  1.00 32.44  ? 80  GLU B CD  1 
ATOM   1326 O OE1 . GLU B 1 80 ? -8.418  -2.240  11.348  1.00 32.14  ? 80  GLU B OE1 1 
ATOM   1327 O OE2 . GLU B 1 80 ? -6.253  -1.995  11.610  1.00 32.24  ? 80  GLU B OE2 1 
ATOM   1328 N N   . CYS B 1 81 ? -4.932  -4.822  6.903   1.00 39.05  ? 81  CYS B N   1 
ATOM   1329 C CA  . CYS B 1 81 ? -4.748  -6.022  6.087   1.00 36.04  ? 81  CYS B CA  1 
ATOM   1330 C C   . CYS B 1 81 ? -3.290  -6.403  6.000   1.00 37.23  ? 81  CYS B C   1 
ATOM   1331 O O   . CYS B 1 81 ? -2.413  -5.558  6.085   1.00 42.95  ? 81  CYS B O   1 
ATOM   1332 C CB  . CYS B 1 81 ? -5.271  -5.804  4.681   1.00 34.92  ? 81  CYS B CB  1 
ATOM   1333 S SG  . CYS B 1 81 ? -7.035  -5.701  4.620   1.00 39.88  ? 81  CYS B SG  1 
ATOM   1334 N N   . ASN B 1 82 ? -3.035  -7.688  5.830   1.00 33.68  ? 82  ASN B N   1 
ATOM   1335 C CA  . ASN B 1 82 ? -1.679  -8.169  5.674   1.00 37.75  ? 82  ASN B CA  1 
ATOM   1336 C C   . ASN B 1 82 ? -1.483  -8.666  4.239   1.00 42.10  ? 82  ASN B C   1 
ATOM   1337 O O   . ASN B 1 82 ? -2.451  -8.896  3.506   1.00 38.56  ? 82  ASN B O   1 
ATOM   1338 C CB  . ASN B 1 82 ? -1.410  -9.288  6.677   1.00 51.65  ? 82  ASN B CB  1 
ATOM   1339 N N   . PRO B 1 83 ? -0.225  -8.833  3.821   1.00 46.70  ? 83  PRO B N   1 
ATOM   1340 C CA  . PRO B 1 83 ? -0.018  -9.302  2.449   1.00 41.00  ? 83  PRO B CA  1 
ATOM   1341 C C   . PRO B 1 83 ? -0.686  -10.651 2.212   1.00 45.30  ? 83  PRO B C   1 
ATOM   1342 O O   . PRO B 1 83 ? -1.013  -10.969 1.067   1.00 48.41  ? 83  PRO B O   1 
ATOM   1343 C CB  . PRO B 1 83 ? 1.499   -9.431  2.354   1.00 42.02  ? 83  PRO B CB  1 
ATOM   1344 C CG  . PRO B 1 83 ? 2.017   -8.459  3.378   1.00 41.06  ? 83  PRO B CG  1 
ATOM   1345 C CD  . PRO B 1 83 ? 1.040   -8.520  4.506   1.00 43.67  ? 83  PRO B CD  1 
ATOM   1346 N N   . HIS B 1 84 ? -0.907  -11.416 3.278   1.00 41.35  ? 84  HIS B N   1 
ATOM   1347 C CA  . HIS B 1 84 ? -1.476  -12.756 3.164   1.00 37.38  ? 84  HIS B CA  1 
ATOM   1348 C C   . HIS B 1 84 ? -2.994  -12.802 3.226   1.00 41.73  ? 84  HIS B C   1 
ATOM   1349 O O   . HIS B 1 84 ? -3.583  -13.880 3.262   1.00 44.43  ? 84  HIS B O   1 
ATOM   1350 C CB  . HIS B 1 84 ? -0.912  -13.660 4.246   1.00 41.34  ? 84  HIS B CB  1 
ATOM   1351 C CG  . HIS B 1 84 ? 0.482   -14.125 3.972   1.00 44.09  ? 84  HIS B CG  1 
ATOM   1352 N ND1 . HIS B 1 84 ? 1.060   -15.182 4.641   1.00 43.15  ? 84  HIS B ND1 1 
ATOM   1353 C CD2 . HIS B 1 84 ? 1.415   -13.675 3.101   1.00 48.71  ? 84  HIS B CD2 1 
ATOM   1354 C CE1 . HIS B 1 84 ? 2.288   -15.367 4.191   1.00 48.72  ? 84  HIS B CE1 1 
ATOM   1355 N NE2 . HIS B 1 84 ? 2.528   -14.468 3.255   1.00 55.90  ? 84  HIS B NE2 1 
ATOM   1356 N N   . ASP B 1 85 ? -3.629  -11.638 3.226   1.00 45.07  ? 85  ASP B N   1 
ATOM   1357 C CA  . ASP B 1 85 ? -5.079  -11.559 3.356   1.00 45.58  ? 85  ASP B CA  1 
ATOM   1358 C C   . ASP B 1 85 ? -5.885  -11.694 2.046   1.00 48.09  ? 85  ASP B C   1 
ATOM   1359 O O   . ASP B 1 85 ? -5.351  -11.503 0.952   1.00 50.43  ? 85  ASP B O   1 
ATOM   1360 C CB  . ASP B 1 85 ? -5.450  -10.275 4.090   1.00 46.34  ? 85  ASP B CB  1 
ATOM   1361 C CG  . ASP B 1 85 ? -5.380  -10.433 5.587   1.00 48.00  ? 85  ASP B CG  1 
ATOM   1362 O OD1 . ASP B 1 85 ? -5.884  -11.467 6.075   1.00 50.68  ? 85  ASP B OD1 1 
ATOM   1363 O OD2 . ASP B 1 85 ? -4.824  -9.540  6.272   1.00 46.84  ? 85  ASP B OD2 1 
ATOM   1364 N N   . SER B 1 86 ? -7.173  -12.019 2.186   1.00 54.86  ? 86  SER B N   1 
ATOM   1365 C CA  . SER B 1 86 ? -8.100  -12.171 1.057   1.00 56.53  ? 86  SER B CA  1 
ATOM   1366 C C   . SER B 1 86 ? -8.914  -10.903 0.731   1.00 61.13  ? 86  SER B C   1 
ATOM   1367 O O   . SER B 1 86 ? -9.608  -10.352 1.590   1.00 61.58  ? 86  SER B O   1 
ATOM   1368 C CB  . SER B 1 86 ? -9.060  -13.352 1.301   1.00 57.81  ? 86  SER B CB  1 
ATOM   1369 O OG  . SER B 1 86 ? -9.883  -13.151 2.445   1.00 56.62  ? 86  SER B OG  1 
ATOM   1370 N N   . PRO B 1 87 ? -8.839  -10.446 -0.525  1.00 50.51  ? 87  PRO B N   1 
ATOM   1371 C CA  . PRO B 1 87 ? -9.658  -9.319  -0.976  1.00 51.96  ? 87  PRO B CA  1 
ATOM   1372 C C   . PRO B 1 87 ? -11.099 -9.759  -1.185  1.00 52.69  ? 87  PRO B C   1 
ATOM   1373 O O   . PRO B 1 87 ? -11.344 -10.916 -1.514  1.00 55.00  ? 87  PRO B O   1 
ATOM   1374 C CB  . PRO B 1 87 ? -9.040  -8.955  -2.336  1.00 54.26  ? 87  PRO B CB  1 
ATOM   1375 C CG  . PRO B 1 87 ? -7.737  -9.716  -2.413  1.00 50.91  ? 87  PRO B CG  1 
ATOM   1376 C CD  . PRO B 1 87 ? -7.950  -10.938 -1.585  1.00 48.04  ? 87  PRO B CD  1 
ATOM   1377 N N   . LEU B 1 88 ? -12.042 -8.845  -1.008  1.00 55.99  ? 88  LEU B N   1 
ATOM   1378 C CA  . LEU B 1 88 ? -13.437 -9.143  -1.303  1.00 60.25  ? 88  LEU B CA  1 
ATOM   1379 C C   . LEU B 1 88 ? -13.679 -9.013  -2.804  1.00 64.77  ? 88  LEU B C   1 
ATOM   1380 O O   . LEU B 1 88 ? -13.006 -8.237  -3.481  1.00 66.42  ? 88  LEU B O   1 
ATOM   1381 C CB  . LEU B 1 88 ? -14.351 -8.194  -0.539  1.00 53.93  ? 88  LEU B CB  1 
ATOM   1382 C CG  . LEU B 1 88 ? -14.004 -8.072  0.943   1.00 54.07  ? 88  LEU B CG  1 
ATOM   1383 C CD1 . LEU B 1 88 ? -14.864 -6.984  1.570   1.00 52.77  ? 88  LEU B CD1 1 
ATOM   1384 C CD2 . LEU B 1 88 ? -14.153 -9.406  1.686   1.00 49.56  ? 88  LEU B CD2 1 
ATOM   1385 N N   . GLU B 1 89 ? -14.644 -9.762  -3.321  1.00 60.16  ? 89  GLU B N   1 
ATOM   1386 C CA  . GLU B 1 89 ? -14.882 -9.778  -4.758  1.00 65.28  ? 89  GLU B CA  1 
ATOM   1387 C C   . GLU B 1 89 ? -15.750 -8.614  -5.257  1.00 68.33  ? 89  GLU B C   1 
ATOM   1388 O O   . GLU B 1 89 ? -16.937 -8.531  -4.931  1.00 63.54  ? 89  GLU B O   1 
ATOM   1389 C CB  . GLU B 1 89 ? -15.457 -11.126 -5.185  1.00 56.73  ? 89  GLU B CB  1 
ATOM   1390 C CG  . GLU B 1 89 ? -14.444 -12.244 -5.151  1.00 58.86  ? 89  GLU B CG  1 
ATOM   1391 C CD  . GLU B 1 89 ? -13.300 -12.023 -6.127  1.00 65.18  ? 89  GLU B CD  1 
ATOM   1392 O OE1 . GLU B 1 89 ? -13.373 -11.071 -6.929  1.00 66.03  ? 89  GLU B OE1 1 
ATOM   1393 O OE2 . GLU B 1 89 ? -12.326 -12.804 -6.093  1.00 76.29  ? 89  GLU B OE2 1 
ATOM   1394 N N   . PRO B 1 90 ? -15.152 -7.714  -6.061  1.00 83.33  ? 90  PRO B N   1 
ATOM   1395 C CA  . PRO B 1 90 ? -15.877 -6.522  -6.516  1.00 87.88  ? 90  PRO B CA  1 
ATOM   1396 C C   . PRO B 1 90 ? -16.933 -6.867  -7.566  1.00 89.70  ? 90  PRO B C   1 
ATOM   1397 O O   . PRO B 1 90 ? -17.227 -8.048  -7.762  1.00 78.84  ? 90  PRO B O   1 
ATOM   1398 C CB  . PRO B 1 90 ? -14.770 -5.650  -7.121  1.00 84.62  ? 90  PRO B CB  1 
ATOM   1399 C CG  . PRO B 1 90 ? -13.743 -6.626  -7.586  1.00 84.32  ? 90  PRO B CG  1 
ATOM   1400 C CD  . PRO B 1 90 ? -13.784 -7.776  -6.611  1.00 80.62  ? 90  PRO B CD  1 
HETATM 1401 O O   . HOH C 2 .  ? 4.409   -10.210 -1.101  1.00 35.60  ? 118 HOH A O   1 
HETATM 1402 O O   . HOH C 2 .  ? 2.185   -14.432 -0.976  1.00 34.46  ? 119 HOH A O   1 
HETATM 1403 O O   . HOH C 2 .  ? 10.679  -1.857  6.183   1.00 34.05  ? 120 HOH A O   1 
HETATM 1404 O O   . HOH C 2 .  ? 18.681  -2.828  4.679   1.00 42.36  ? 121 HOH A O   1 
HETATM 1405 O O   . HOH C 2 .  ? 17.062  3.007   8.173   1.00 37.21  ? 122 HOH A O   1 
HETATM 1406 O O   . HOH C 2 .  ? 15.053  5.882   7.219   1.00 33.94  ? 123 HOH A O   1 
HETATM 1407 O O   . HOH C 2 .  ? 15.210  -15.615 -5.696  1.00 47.02  ? 124 HOH A O   1 
HETATM 1408 O O   . HOH C 2 .  ? 6.474   10.509  3.716   1.00 46.84  ? 125 HOH A O   1 
HETATM 1409 O O   . HOH C 2 .  ? 13.223  -13.827 -13.305 1.00 34.84  ? 126 HOH A O   1 
HETATM 1410 O O   . HOH C 2 .  ? 20.688  -6.215  -14.211 1.00 43.20  ? 127 HOH A O   1 
HETATM 1411 O O   . HOH C 2 .  ? 10.261  -5.918  -20.275 1.00 42.89  ? 128 HOH A O   1 
HETATM 1412 O O   . HOH C 2 .  ? 13.446  -9.978  -15.303 1.00 45.76  ? 129 HOH A O   1 
HETATM 1413 O O   . HOH C 2 .  ? 12.425  -0.001  -21.057 1.00 43.22  ? 131 HOH A O   1 
HETATM 1414 O O   . HOH C 2 .  ? 12.848  4.088   11.007  1.00 43.75  ? 132 HOH A O   1 
HETATM 1415 O O   . HOH C 2 .  ? 6.409   9.673   10.490  1.00 45.34  ? 133 HOH A O   1 
HETATM 1416 O O   . HOH C 2 .  ? 8.980   10.088  9.269   1.00 38.37  ? 134 HOH A O   1 
HETATM 1417 O O   . HOH C 2 .  ? 4.081   -12.109 0.291   1.00 40.83  ? 135 HOH A O   1 
HETATM 1418 O O   . HOH C 2 .  ? 9.909   -18.240 -1.574  1.00 35.97  ? 136 HOH A O   1 
HETATM 1419 O O   . HOH D 2 .  ? -7.993  15.012  2.919   1.00 39.71  ? 118 HOH B O   1 
HETATM 1420 O O   . HOH D 2 .  ? -19.042 6.229   21.993  1.00 43.12  ? 119 HOH B O   1 
HETATM 1421 O O   . HOH D 2 .  ? 6.796   -3.971  9.247   1.00 44.10  ? 120 HOH B O   1 
HETATM 1422 O O   . HOH D 2 .  ? -16.113 -0.637  18.030  1.00 31.16  ? 121 HOH B O   1 
HETATM 1423 O O   . HOH D 2 .  ? -21.017 -4.924  9.795   1.00 39.26  ? 122 HOH B O   1 
HETATM 1424 O O   . HOH D 2 .  ? -8.922  -4.738  -3.244  1.00 31.41  ? 123 HOH B O   1 
HETATM 1425 O O   . HOH D 2 .  ? -9.917  -10.165 4.339   1.00 40.06  ? 124 HOH B O   1 
HETATM 1426 O O   . HOH D 2 .  ? -22.513 3.370   15.927  1.00 40.11  ? 125 HOH B O   1 
HETATM 1427 O O   . HOH D 2 .  ? -1.566  2.964   -7.482  1.00 35.67  ? 126 HOH B O   1 
HETATM 1428 O O   . HOH D 2 .  ? 0.820   6.722   4.645   1.00 37.72  ? 127 HOH B O   1 
HETATM 1429 O O   . HOH D 2 .  ? -1.600  8.548   6.352   1.00 26.04  ? 128 HOH B O   1 
HETATM 1430 O O   . HOH D 2 .  ? -3.130  10.460  5.266   1.00 31.03  ? 129 HOH B O   1 
HETATM 1431 O O   . HOH D 2 .  ? -4.865  12.576  6.833   1.00 31.01  ? 130 HOH B O   1 
HETATM 1432 O O   . HOH D 2 .  ? 0.057   9.495   2.428   1.00 37.92  ? 131 HOH B O   1 
HETATM 1433 O O   . HOH D 2 .  ? 5.719   -15.955 3.450   1.00 44.67  ? 132 HOH B O   1 
HETATM 1434 O O   . HOH D 2 .  ? -2.120  0.091   14.312  1.00 44.00  ? 134 HOH B O   1 
HETATM 1435 O O   . HOH D 2 .  ? -9.164  1.039   19.077  1.00 46.73  ? 135 HOH B O   1 
HETATM 1436 O O   . HOH D 2 .  ? -5.689  -6.451  12.003  1.00 35.72  ? 136 HOH B O   1 
HETATM 1437 O O   . HOH D 2 .  ? -3.747  -6.017  13.129  1.00 46.25  ? 137 HOH B O   1 
HETATM 1438 O O   . HOH D 2 .  ? -5.773  5.341   -6.893  1.00 43.54  ? 138 HOH B O   1 
HETATM 1439 O O   . HOH D 2 .  ? -3.289  4.656   -6.022  1.00 36.20  ? 139 HOH B O   1 
# 
